data_4M98
# 
_entry.id   4M98 
# 
_audit_conform.dict_name       mmcif_pdbx.dic 
_audit_conform.dict_version    5.379 
_audit_conform.dict_location   http://mmcif.pdb.org/dictionaries/ascii/mmcif_pdbx.dic 
# 
loop_
_database_2.database_id 
_database_2.database_code 
_database_2.pdbx_database_accession 
_database_2.pdbx_DOI 
PDB   4M98         pdb_00004m98 10.2210/pdb4m98/pdb 
RCSB  RCSB081625   ?            ?                   
WWPDB D_1000081625 ?            ?                   
# 
loop_
_pdbx_database_related.db_name 
_pdbx_database_related.db_id 
_pdbx_database_related.details 
_pdbx_database_related.content_type 
PDB 4M99 . unspecified 
PDB 4M9C . unspecified 
# 
_pdbx_database_status.entry_id                        4M98 
_pdbx_database_status.status_code                     REL 
_pdbx_database_status.deposit_site                    RCSB 
_pdbx_database_status.process_site                    RCSB 
_pdbx_database_status.recvd_initial_deposition_date   2013-08-14 
_pdbx_database_status.status_code_sf                  REL 
_pdbx_database_status.status_code_mr                  ? 
_pdbx_database_status.SG_entry                        ? 
_pdbx_database_status.status_code_cs                  ? 
_pdbx_database_status.methods_development_category    ? 
_pdbx_database_status.pdb_format_compatible           Y 
_pdbx_database_status.status_code_nmr_data            ? 
# 
loop_
_audit_author.name 
_audit_author.pdbx_ordinal 
'Morrison, M.J.' 1 
'Imperiali, B.'  2 
# 
_citation.id                        primary 
_citation.title                     
;Biochemical analysis and structure determination of bacterial acetyltransferases responsible for the biosynthesis of UDP-N,N'-diacetylbacillosamine.
;
_citation.journal_abbrev            J.Biol.Chem. 
_citation.journal_volume            288 
_citation.page_first                32248 
_citation.page_last                 32260 
_citation.year                      2013 
_citation.journal_id_ASTM           JBCHA3 
_citation.country                   US 
_citation.journal_id_ISSN           0021-9258 
_citation.journal_id_CSD            0071 
_citation.book_publisher            ? 
_citation.pdbx_database_id_PubMed   24064219 
_citation.pdbx_database_id_DOI      10.1074/jbc.M113.510560 
# 
loop_
_citation_author.citation_id 
_citation_author.name 
_citation_author.ordinal 
_citation_author.identifier_ORCID 
primary 'Morrison, M.J.' 1 ? 
primary 'Imperiali, B.'  2 ? 
# 
_cell.length_a           86.219 
_cell.length_b           86.219 
_cell.length_c           86.219 
_cell.angle_alpha        90.000 
_cell.angle_beta         90.000 
_cell.angle_gamma        90.000 
_cell.entry_id           4M98 
_cell.pdbx_unique_axis   ? 
_cell.Z_PDB              12 
_cell.length_a_esd       ? 
_cell.length_b_esd       ? 
_cell.length_c_esd       ? 
_cell.angle_alpha_esd    ? 
_cell.angle_beta_esd     ? 
_cell.angle_gamma_esd    ? 
# 
_symmetry.space_group_name_H-M             'P 21 3' 
_symmetry.entry_id                         4M98 
_symmetry.Int_Tables_number                198 
_symmetry.pdbx_full_space_group_name_H-M   ? 
_symmetry.cell_setting                     ? 
_symmetry.space_group_name_Hall            ? 
# 
loop_
_entity.id 
_entity.type 
_entity.src_method 
_entity.pdbx_description 
_entity.formula_weight 
_entity.pdbx_number_of_molecules 
_entity.pdbx_ec 
_entity.pdbx_mutation 
_entity.pdbx_fragment 
_entity.details 
1 polymer man 'Pilin glycosylation protein' 21032.938 1   ? ? 'unp residues 197-403' ? 
2 water   nat water                         18.015    109 ? ? ?                      ? 
# 
_entity_poly.entity_id                      1 
_entity_poly.type                           'polypeptide(L)' 
_entity_poly.nstd_linkage                   no 
_entity_poly.nstd_monomer                   no 
_entity_poly.pdbx_seq_one_letter_code       
;MAGNRKLAVIGAGGHGKVVAELAAALGTYGEIVFLDDRTQGSVNGFPVIGTTLLLENSLSPEQFDITVAVGNNRIRRQIT
ENAAALGFKLPVLIHPDATVSPSAIIGQGSVVMAKAVVQAGSVLKDGVIVNTAATVDHDCLLDAFVHISPGAHLSGNTRI
GEESRIGTGACSRQQTTVGSGVTAGAGAVIVCDIPDGMTVAGNPAKPL
;
_entity_poly.pdbx_seq_one_letter_code_can   
;MAGNRKLAVIGAGGHGKVVAELAAALGTYGEIVFLDDRTQGSVNGFPVIGTTLLLENSLSPEQFDITVAVGNNRIRRQIT
ENAAALGFKLPVLIHPDATVSPSAIIGQGSVVMAKAVVQAGSVLKDGVIVNTAATVDHDCLLDAFVHISPGAHLSGNTRI
GEESRIGTGACSRQQTTVGSGVTAGAGAVIVCDIPDGMTVAGNPAKPL
;
_entity_poly.pdbx_strand_id                 A 
_entity_poly.pdbx_target_identifier         ? 
# 
loop_
_entity_poly_seq.entity_id 
_entity_poly_seq.num 
_entity_poly_seq.mon_id 
_entity_poly_seq.hetero 
1 1   MET n 
1 2   ALA n 
1 3   GLY n 
1 4   ASN n 
1 5   ARG n 
1 6   LYS n 
1 7   LEU n 
1 8   ALA n 
1 9   VAL n 
1 10  ILE n 
1 11  GLY n 
1 12  ALA n 
1 13  GLY n 
1 14  GLY n 
1 15  HIS n 
1 16  GLY n 
1 17  LYS n 
1 18  VAL n 
1 19  VAL n 
1 20  ALA n 
1 21  GLU n 
1 22  LEU n 
1 23  ALA n 
1 24  ALA n 
1 25  ALA n 
1 26  LEU n 
1 27  GLY n 
1 28  THR n 
1 29  TYR n 
1 30  GLY n 
1 31  GLU n 
1 32  ILE n 
1 33  VAL n 
1 34  PHE n 
1 35  LEU n 
1 36  ASP n 
1 37  ASP n 
1 38  ARG n 
1 39  THR n 
1 40  GLN n 
1 41  GLY n 
1 42  SER n 
1 43  VAL n 
1 44  ASN n 
1 45  GLY n 
1 46  PHE n 
1 47  PRO n 
1 48  VAL n 
1 49  ILE n 
1 50  GLY n 
1 51  THR n 
1 52  THR n 
1 53  LEU n 
1 54  LEU n 
1 55  LEU n 
1 56  GLU n 
1 57  ASN n 
1 58  SER n 
1 59  LEU n 
1 60  SER n 
1 61  PRO n 
1 62  GLU n 
1 63  GLN n 
1 64  PHE n 
1 65  ASP n 
1 66  ILE n 
1 67  THR n 
1 68  VAL n 
1 69  ALA n 
1 70  VAL n 
1 71  GLY n 
1 72  ASN n 
1 73  ASN n 
1 74  ARG n 
1 75  ILE n 
1 76  ARG n 
1 77  ARG n 
1 78  GLN n 
1 79  ILE n 
1 80  THR n 
1 81  GLU n 
1 82  ASN n 
1 83  ALA n 
1 84  ALA n 
1 85  ALA n 
1 86  LEU n 
1 87  GLY n 
1 88  PHE n 
1 89  LYS n 
1 90  LEU n 
1 91  PRO n 
1 92  VAL n 
1 93  LEU n 
1 94  ILE n 
1 95  HIS n 
1 96  PRO n 
1 97  ASP n 
1 98  ALA n 
1 99  THR n 
1 100 VAL n 
1 101 SER n 
1 102 PRO n 
1 103 SER n 
1 104 ALA n 
1 105 ILE n 
1 106 ILE n 
1 107 GLY n 
1 108 GLN n 
1 109 GLY n 
1 110 SER n 
1 111 VAL n 
1 112 VAL n 
1 113 MET n 
1 114 ALA n 
1 115 LYS n 
1 116 ALA n 
1 117 VAL n 
1 118 VAL n 
1 119 GLN n 
1 120 ALA n 
1 121 GLY n 
1 122 SER n 
1 123 VAL n 
1 124 LEU n 
1 125 LYS n 
1 126 ASP n 
1 127 GLY n 
1 128 VAL n 
1 129 ILE n 
1 130 VAL n 
1 131 ASN n 
1 132 THR n 
1 133 ALA n 
1 134 ALA n 
1 135 THR n 
1 136 VAL n 
1 137 ASP n 
1 138 HIS n 
1 139 ASP n 
1 140 CYS n 
1 141 LEU n 
1 142 LEU n 
1 143 ASP n 
1 144 ALA n 
1 145 PHE n 
1 146 VAL n 
1 147 HIS n 
1 148 ILE n 
1 149 SER n 
1 150 PRO n 
1 151 GLY n 
1 152 ALA n 
1 153 HIS n 
1 154 LEU n 
1 155 SER n 
1 156 GLY n 
1 157 ASN n 
1 158 THR n 
1 159 ARG n 
1 160 ILE n 
1 161 GLY n 
1 162 GLU n 
1 163 GLU n 
1 164 SER n 
1 165 ARG n 
1 166 ILE n 
1 167 GLY n 
1 168 THR n 
1 169 GLY n 
1 170 ALA n 
1 171 CYS n 
1 172 SER n 
1 173 ARG n 
1 174 GLN n 
1 175 GLN n 
1 176 THR n 
1 177 THR n 
1 178 VAL n 
1 179 GLY n 
1 180 SER n 
1 181 GLY n 
1 182 VAL n 
1 183 THR n 
1 184 ALA n 
1 185 GLY n 
1 186 ALA n 
1 187 GLY n 
1 188 ALA n 
1 189 VAL n 
1 190 ILE n 
1 191 VAL n 
1 192 CYS n 
1 193 ASP n 
1 194 ILE n 
1 195 PRO n 
1 196 ASP n 
1 197 GLY n 
1 198 MET n 
1 199 THR n 
1 200 VAL n 
1 201 ALA n 
1 202 GLY n 
1 203 ASN n 
1 204 PRO n 
1 205 ALA n 
1 206 LYS n 
1 207 PRO n 
1 208 LEU n 
# 
_entity_src_gen.entity_id                          1 
_entity_src_gen.pdbx_src_id                        1 
_entity_src_gen.pdbx_alt_source_flag               sample 
_entity_src_gen.pdbx_seq_type                      ? 
_entity_src_gen.pdbx_beg_seq_num                   ? 
_entity_src_gen.pdbx_end_seq_num                   ? 
_entity_src_gen.gene_src_common_name               ? 
_entity_src_gen.gene_src_genus                     ? 
_entity_src_gen.pdbx_gene_src_gene                 NGO0085 
_entity_src_gen.gene_src_species                   ? 
_entity_src_gen.gene_src_strain                    'FA 1090' 
_entity_src_gen.gene_src_tissue                    ? 
_entity_src_gen.gene_src_tissue_fraction           ? 
_entity_src_gen.gene_src_details                   ? 
_entity_src_gen.pdbx_gene_src_fragment             ? 
_entity_src_gen.pdbx_gene_src_scientific_name      'Neisseria gonorrhoeae' 
_entity_src_gen.pdbx_gene_src_ncbi_taxonomy_id     242231 
_entity_src_gen.pdbx_gene_src_variant              ? 
_entity_src_gen.pdbx_gene_src_cell_line            ? 
_entity_src_gen.pdbx_gene_src_atcc                 ? 
_entity_src_gen.pdbx_gene_src_organ                ? 
_entity_src_gen.pdbx_gene_src_organelle            ? 
_entity_src_gen.pdbx_gene_src_cell                 ? 
_entity_src_gen.pdbx_gene_src_cellular_location    ? 
_entity_src_gen.host_org_common_name               ? 
_entity_src_gen.pdbx_host_org_scientific_name      'Escherichia coli' 
_entity_src_gen.pdbx_host_org_ncbi_taxonomy_id     469008 
_entity_src_gen.host_org_genus                     ? 
_entity_src_gen.pdbx_host_org_gene                 ? 
_entity_src_gen.pdbx_host_org_organ                ? 
_entity_src_gen.host_org_species                   ? 
_entity_src_gen.pdbx_host_org_tissue               ? 
_entity_src_gen.pdbx_host_org_tissue_fraction      ? 
_entity_src_gen.pdbx_host_org_strain               'BL21(DE3)pLysS RIL' 
_entity_src_gen.pdbx_host_org_variant              ? 
_entity_src_gen.pdbx_host_org_cell_line            ? 
_entity_src_gen.pdbx_host_org_atcc                 ? 
_entity_src_gen.pdbx_host_org_culture_collection   ? 
_entity_src_gen.pdbx_host_org_cell                 ? 
_entity_src_gen.pdbx_host_org_organelle            ? 
_entity_src_gen.pdbx_host_org_cellular_location    ? 
_entity_src_gen.pdbx_host_org_vector_type          PLASMID 
_entity_src_gen.pdbx_host_org_vector               ? 
_entity_src_gen.host_org_details                   ? 
_entity_src_gen.expression_system_id               ? 
_entity_src_gen.plasmid_name                       'pET30b(+)' 
_entity_src_gen.plasmid_details                    ? 
_entity_src_gen.pdbx_description                   ? 
# 
_struct_ref.id                         1 
_struct_ref.db_name                    UNP 
_struct_ref.db_code                    Q5FAE1_NEIG1 
_struct_ref.pdbx_db_accession          Q5FAE1 
_struct_ref.entity_id                  1 
_struct_ref.pdbx_seq_one_letter_code   
;AGNRKLAVIGAGGHGKVVAELAAALGTYGEIVFLDDRTQGSVNGFPVIGTTLLLENSLSPEQFDITVAVGNNRIRRQITE
NAAALGFKLPVLIHPDATVSPSAIIGQGSVVMAKAVVQAGSVLKDGVIVNTAATVDHDCLLDAFVHISPGAHLSGNTRIG
EESRIGTGACSRQQTTVGSGVTAGAGAVIVCDIPDGMTVAGNPAKPL
;
_struct_ref.pdbx_align_begin           197 
_struct_ref.pdbx_db_isoform            ? 
# 
_struct_ref_seq.align_id                      1 
_struct_ref_seq.ref_id                        1 
_struct_ref_seq.pdbx_PDB_id_code              4M98 
_struct_ref_seq.pdbx_strand_id                A 
_struct_ref_seq.seq_align_beg                 2 
_struct_ref_seq.pdbx_seq_align_beg_ins_code   ? 
_struct_ref_seq.seq_align_end                 208 
_struct_ref_seq.pdbx_seq_align_end_ins_code   ? 
_struct_ref_seq.pdbx_db_accession             Q5FAE1 
_struct_ref_seq.db_align_beg                  197 
_struct_ref_seq.pdbx_db_align_beg_ins_code    ? 
_struct_ref_seq.db_align_end                  403 
_struct_ref_seq.pdbx_db_align_end_ins_code    ? 
_struct_ref_seq.pdbx_auth_seq_align_beg       197 
_struct_ref_seq.pdbx_auth_seq_align_end       403 
# 
_struct_ref_seq_dif.align_id                     1 
_struct_ref_seq_dif.pdbx_pdb_id_code             4M98 
_struct_ref_seq_dif.mon_id                       MET 
_struct_ref_seq_dif.pdbx_pdb_strand_id           A 
_struct_ref_seq_dif.seq_num                      1 
_struct_ref_seq_dif.pdbx_pdb_ins_code            ? 
_struct_ref_seq_dif.pdbx_seq_db_name             UNP 
_struct_ref_seq_dif.pdbx_seq_db_accession_code   Q5FAE1 
_struct_ref_seq_dif.db_mon_id                    ? 
_struct_ref_seq_dif.pdbx_seq_db_seq_num          ? 
_struct_ref_seq_dif.details                      'expression tag' 
_struct_ref_seq_dif.pdbx_auth_seq_num            196 
_struct_ref_seq_dif.pdbx_ordinal                 1 
# 
loop_
_chem_comp.id 
_chem_comp.type 
_chem_comp.mon_nstd_flag 
_chem_comp.name 
_chem_comp.pdbx_synonyms 
_chem_comp.formula 
_chem_comp.formula_weight 
ALA 'L-peptide linking' y ALANINE         ? 'C3 H7 N O2'     89.093  
ARG 'L-peptide linking' y ARGININE        ? 'C6 H15 N4 O2 1' 175.209 
ASN 'L-peptide linking' y ASPARAGINE      ? 'C4 H8 N2 O3'    132.118 
ASP 'L-peptide linking' y 'ASPARTIC ACID' ? 'C4 H7 N O4'     133.103 
CYS 'L-peptide linking' y CYSTEINE        ? 'C3 H7 N O2 S'   121.158 
GLN 'L-peptide linking' y GLUTAMINE       ? 'C5 H10 N2 O3'   146.144 
GLU 'L-peptide linking' y 'GLUTAMIC ACID' ? 'C5 H9 N O4'     147.129 
GLY 'peptide linking'   y GLYCINE         ? 'C2 H5 N O2'     75.067  
HIS 'L-peptide linking' y HISTIDINE       ? 'C6 H10 N3 O2 1' 156.162 
HOH non-polymer         . WATER           ? 'H2 O'           18.015  
ILE 'L-peptide linking' y ISOLEUCINE      ? 'C6 H13 N O2'    131.173 
LEU 'L-peptide linking' y LEUCINE         ? 'C6 H13 N O2'    131.173 
LYS 'L-peptide linking' y LYSINE          ? 'C6 H15 N2 O2 1' 147.195 
MET 'L-peptide linking' y METHIONINE      ? 'C5 H11 N O2 S'  149.211 
PHE 'L-peptide linking' y PHENYLALANINE   ? 'C9 H11 N O2'    165.189 
PRO 'L-peptide linking' y PROLINE         ? 'C5 H9 N O2'     115.130 
SER 'L-peptide linking' y SERINE          ? 'C3 H7 N O3'     105.093 
THR 'L-peptide linking' y THREONINE       ? 'C4 H9 N O3'     119.119 
TYR 'L-peptide linking' y TYROSINE        ? 'C9 H11 N O3'    181.189 
VAL 'L-peptide linking' y VALINE          ? 'C5 H11 N O2'    117.146 
# 
_exptl.crystals_number   1 
_exptl.entry_id          4M98 
_exptl.method            'X-RAY DIFFRACTION' 
# 
_exptl_crystal.id                    1 
_exptl_crystal.density_meas          ? 
_exptl_crystal.density_percent_sol   51.56 
_exptl_crystal.density_Matthews      2.54 
_exptl_crystal.description           ? 
_exptl_crystal.F_000                 ? 
_exptl_crystal.preparation           ? 
# 
_exptl_crystal_grow.crystal_id      1 
_exptl_crystal_grow.method          'VAPOR DIFFUSION, HANGING DROP' 
_exptl_crystal_grow.pH              4.6 
_exptl_crystal_grow.temp            298 
_exptl_crystal_grow.pdbx_details    
'sodium acetate pH 4.6, 20mM calcium chloride, 30% 2-methyl-2,4-pentanediol, VAPOR DIFFUSION, HANGING DROP, temperature 298K' 
_exptl_crystal_grow.temp_details    ? 
_exptl_crystal_grow.pdbx_pH_range   ? 
# 
_diffrn.id                     1 
_diffrn.ambient_temp           298 
_diffrn.ambient_temp_details   ? 
_diffrn.crystal_id             1 
# 
_diffrn_detector.diffrn_id              1 
_diffrn_detector.detector               PIXEL 
_diffrn_detector.type                   'DECTRIS PILATUS 6M' 
_diffrn_detector.pdbx_collection_date   2012-04-29 
_diffrn_detector.details                ? 
# 
_diffrn_radiation.diffrn_id                        1 
_diffrn_radiation.pdbx_diffrn_protocol             'SINGLE WAVELENGTH' 
_diffrn_radiation.monochromator                    'DOUBLE CRYSTAL' 
_diffrn_radiation.wavelength_id                    1 
_diffrn_radiation.pdbx_monochromatic_or_laue_m_l   M 
_diffrn_radiation.pdbx_scattering_type             x-ray 
# 
_diffrn_radiation_wavelength.id           1 
_diffrn_radiation_wavelength.wavelength   0.978 
_diffrn_radiation_wavelength.wt           1.0 
# 
_diffrn_source.diffrn_id                   1 
_diffrn_source.source                      SYNCHROTRON 
_diffrn_source.type                        'NSLS BEAMLINE X25' 
_diffrn_source.pdbx_wavelength_list        0.978 
_diffrn_source.pdbx_wavelength             ? 
_diffrn_source.pdbx_synchrotron_site       NSLS 
_diffrn_source.pdbx_synchrotron_beamline   X25 
# 
_reflns.entry_id                     4M98 
_reflns.B_iso_Wilson_estimate        20.370 
_reflns.observed_criterion_sigma_F   2.0 
_reflns.observed_criterion_sigma_I   2.0 
_reflns.d_resolution_high            1.67 
_reflns.d_resolution_low             38.56 
_reflns.number_all                   25133 
_reflns.number_obs                   25105 
_reflns.percent_possible_obs         99.9 
_reflns.pdbx_Rmerge_I_obs            ? 
_reflns.pdbx_Rsym_value              ? 
_reflns.pdbx_netI_over_sigmaI        ? 
_reflns.pdbx_redundancy              ? 
_reflns.R_free_details               ? 
_reflns.limit_h_max                  ? 
_reflns.limit_h_min                  ? 
_reflns.limit_k_max                  ? 
_reflns.limit_k_min                  ? 
_reflns.limit_l_max                  ? 
_reflns.limit_l_min                  ? 
_reflns.observed_criterion_F_max     ? 
_reflns.observed_criterion_F_min     ? 
_reflns.pdbx_chi_squared             ? 
_reflns.pdbx_scaling_rejects         ? 
_reflns.pdbx_ordinal                 1 
_reflns.pdbx_diffrn_id               1 
# 
_refine.entry_id                                 4M98 
_refine.ls_d_res_high                            1.67 
_refine.ls_d_res_low                             38.5580 
_refine.pdbx_ls_sigma_F                          1.360 
_refine.pdbx_data_cutoff_high_absF               ? 
_refine.pdbx_data_cutoff_low_absF                ? 
_refine.ls_percent_reflns_obs                    99.7700 
_refine.ls_number_reflns_obs                     25104 
_refine.ls_number_reflns_all                     25133 
_refine.pdbx_ls_cross_valid_method               ? 
_refine.pdbx_R_Free_selection_details            RANDOM 
_refine.details                                  ? 
_refine.ls_R_factor_all                          ? 
_refine.ls_R_factor_obs                          0.1681 
_refine.ls_R_factor_R_work                       0.1670 
_refine.ls_wR_factor_R_work                      ? 
_refine.ls_R_factor_R_free                       0.1882 
_refine.ls_wR_factor_R_free                      ? 
_refine.ls_percent_reflns_R_free                 5.0900 
_refine.ls_number_reflns_R_free                  1278 
_refine.ls_R_factor_R_free_error                 ? 
_refine.B_iso_mean                               22.3885 
_refine.solvent_model_param_bsol                 ? 
_refine.solvent_model_param_ksol                 ? 
_refine.pdbx_isotropic_thermal_model             ? 
_refine.aniso_B[1][1]                            ? 
_refine.aniso_B[2][2]                            ? 
_refine.aniso_B[3][3]                            ? 
_refine.aniso_B[1][2]                            ? 
_refine.aniso_B[1][3]                            ? 
_refine.aniso_B[2][3]                            ? 
_refine.correlation_coeff_Fo_to_Fc               ? 
_refine.correlation_coeff_Fo_to_Fc_free          ? 
_refine.overall_SU_R_Cruickshank_DPI             ? 
_refine.overall_SU_R_free                        ? 
_refine.pdbx_overall_ESU_R                       ? 
_refine.pdbx_overall_ESU_R_Free                  ? 
_refine.overall_SU_ML                            0.1500 
_refine.overall_SU_B                             ? 
_refine.solvent_model_details                    'FLAT BULK SOLVENT MODEL' 
_refine.pdbx_solvent_vdw_probe_radii             1.1100 
_refine.pdbx_solvent_ion_probe_radii             ? 
_refine.pdbx_solvent_shrinkage_radii             0.9000 
_refine.ls_number_parameters                     ? 
_refine.ls_number_restraints                     ? 
_refine.pdbx_starting_model                      'PDB ENTRY 3BSW' 
_refine.pdbx_method_to_determine_struct          'MOLECULAR REPLACEMENT' 
_refine.pdbx_stereochemistry_target_values       'Engh & Huber' 
_refine.pdbx_stereochem_target_val_spec_case     ? 
_refine.overall_FOM_work_R_set                   ? 
_refine.B_iso_max                                61.690 
_refine.B_iso_min                                11.240 
_refine.pdbx_overall_phase_error                 17.7100 
_refine.occupancy_max                            1.000 
_refine.occupancy_min                            0.310 
_refine.pdbx_ls_sigma_I                          ? 
_refine.ls_redundancy_reflns_obs                 ? 
_refine.ls_R_factor_R_free_error_details         ? 
_refine.pdbx_data_cutoff_high_rms_absF           ? 
_refine.overall_FOM_free_R_set                   ? 
_refine.pdbx_diffrn_id                           1 
_refine.pdbx_refine_id                           'X-RAY DIFFRACTION' 
_refine.pdbx_TLS_residual_ADP_flag               ? 
_refine.pdbx_overall_SU_R_free_Cruickshank_DPI   ? 
_refine.pdbx_overall_SU_R_Blow_DPI               ? 
_refine.pdbx_overall_SU_R_free_Blow_DPI          ? 
# 
_refine_hist.pdbx_refine_id                   'X-RAY DIFFRACTION' 
_refine_hist.cycle_id                         LAST 
_refine_hist.pdbx_number_atoms_protein        1428 
_refine_hist.pdbx_number_atoms_nucleic_acid   0 
_refine_hist.pdbx_number_atoms_ligand         0 
_refine_hist.number_atoms_solvent             109 
_refine_hist.number_atoms_total               1537 
_refine_hist.d_res_high                       1.67 
_refine_hist.d_res_low                        38.5580 
# 
loop_
_refine_ls_restr.type 
_refine_ls_restr.number 
_refine_ls_restr.dev_ideal 
_refine_ls_restr.dev_ideal_target 
_refine_ls_restr.weight 
_refine_ls_restr.pdbx_restraint_function 
_refine_ls_restr.pdbx_refine_id 
f_bond_d           1454 0.006  ? ? ? 'X-RAY DIFFRACTION' 
f_angle_d          1988 1.133  ? ? ? 'X-RAY DIFFRACTION' 
f_chiral_restr     250  0.078  ? ? ? 'X-RAY DIFFRACTION' 
f_plane_restr      263  0.004  ? ? ? 'X-RAY DIFFRACTION' 
f_dihedral_angle_d 500  10.441 ? ? ? 'X-RAY DIFFRACTION' 
# 
loop_
_refine_ls_shell.d_res_high 
_refine_ls_shell.d_res_low 
_refine_ls_shell.pdbx_total_number_of_bins_used 
_refine_ls_shell.percent_reflns_obs 
_refine_ls_shell.number_reflns_R_work 
_refine_ls_shell.R_factor_all 
_refine_ls_shell.R_factor_R_work 
_refine_ls_shell.R_factor_R_free 
_refine_ls_shell.percent_reflns_R_free 
_refine_ls_shell.number_reflns_R_free 
_refine_ls_shell.R_factor_R_free_error 
_refine_ls_shell.number_reflns_all 
_refine_ls_shell.number_reflns_obs 
_refine_ls_shell.redundancy_reflns_obs 
_refine_ls_shell.pdbx_refine_id 
1.6686 1.7354  9 99.0000  2629 . 0.1930 0.2317 . 128 . 2757 . . 'X-RAY DIFFRACTION' 
1.7354 1.8144  9 100.0000 2603 . 0.1807 0.2044 . 146 . 2749 . . 'X-RAY DIFFRACTION' 
1.8144 1.9100  9 100.0000 2644 . 0.1699 0.1858 . 123 . 2767 . . 'X-RAY DIFFRACTION' 
1.9100 2.0297  9 100.0000 2634 . 0.1609 0.2164 . 141 . 2775 . . 'X-RAY DIFFRACTION' 
2.0297 2.1864  9 100.0000 2598 . 0.1548 0.1692 . 158 . 2756 . . 'X-RAY DIFFRACTION' 
2.1864 2.4064  9 100.0000 2643 . 0.1604 0.2034 . 157 . 2800 . . 'X-RAY DIFFRACTION' 
2.4064 2.7545  9 100.0000 2662 . 0.1692 0.1858 . 125 . 2787 . . 'X-RAY DIFFRACTION' 
2.7545 3.4700  9 100.0000 2674 . 0.1671 0.1621 . 141 . 2815 . . 'X-RAY DIFFRACTION' 
3.4700 38.5686 9 99.0000  2739 . 0.1682 0.1933 . 159 . 2898 . . 'X-RAY DIFFRACTION' 
# 
_struct.entry_id                  4M98 
_struct.title                     'Acetyltransferase domain of PglB from Neisseria gonorrhoeae FA1090' 
_struct.pdbx_model_details        ? 
_struct.pdbx_CASP_flag            ? 
_struct.pdbx_model_type_details   ? 
# 
_struct_keywords.entry_id        4M98 
_struct_keywords.text            'left-handed beta-helix, rossmann fold, acetyltransferase, Transferase' 
_struct_keywords.pdbx_keywords   TRANSFERASE 
# 
loop_
_struct_asym.id 
_struct_asym.pdbx_blank_PDB_chainid_flag 
_struct_asym.pdbx_modified 
_struct_asym.entity_id 
_struct_asym.details 
A N N 1 ? 
B N N 2 ? 
# 
loop_
_struct_conf.conf_type_id 
_struct_conf.id 
_struct_conf.pdbx_PDB_helix_id 
_struct_conf.beg_label_comp_id 
_struct_conf.beg_label_asym_id 
_struct_conf.beg_label_seq_id 
_struct_conf.pdbx_beg_PDB_ins_code 
_struct_conf.end_label_comp_id 
_struct_conf.end_label_asym_id 
_struct_conf.end_label_seq_id 
_struct_conf.pdbx_end_PDB_ins_code 
_struct_conf.beg_auth_comp_id 
_struct_conf.beg_auth_asym_id 
_struct_conf.beg_auth_seq_id 
_struct_conf.end_auth_comp_id 
_struct_conf.end_auth_asym_id 
_struct_conf.end_auth_seq_id 
_struct_conf.pdbx_PDB_helix_class 
_struct_conf.details 
_struct_conf.pdbx_PDB_helix_length 
HELX_P HELX_P1 1 GLY A 13 ? GLY A 27 ? GLY A 208 GLY A 222 1 ? 15 
HELX_P HELX_P2 2 THR A 52 ? SER A 58 ? THR A 247 SER A 253 1 ? 7  
HELX_P HELX_P3 3 ASN A 72 ? LEU A 86 ? ASN A 267 LEU A 281 1 ? 15 
# 
_struct_conf_type.id          HELX_P 
_struct_conf_type.criteria    ? 
_struct_conf_type.reference   ? 
# 
_struct_mon_prot_cis.pdbx_id                1 
_struct_mon_prot_cis.label_comp_id          ASN 
_struct_mon_prot_cis.label_seq_id           203 
_struct_mon_prot_cis.label_asym_id          A 
_struct_mon_prot_cis.label_alt_id           . 
_struct_mon_prot_cis.pdbx_PDB_ins_code      ? 
_struct_mon_prot_cis.auth_comp_id           ASN 
_struct_mon_prot_cis.auth_seq_id            398 
_struct_mon_prot_cis.auth_asym_id           A 
_struct_mon_prot_cis.pdbx_label_comp_id_2   PRO 
_struct_mon_prot_cis.pdbx_label_seq_id_2    204 
_struct_mon_prot_cis.pdbx_label_asym_id_2   A 
_struct_mon_prot_cis.pdbx_PDB_ins_code_2    ? 
_struct_mon_prot_cis.pdbx_auth_comp_id_2    PRO 
_struct_mon_prot_cis.pdbx_auth_seq_id_2     399 
_struct_mon_prot_cis.pdbx_auth_asym_id_2    A 
_struct_mon_prot_cis.pdbx_PDB_model_num     1 
_struct_mon_prot_cis.pdbx_omega_angle       2.55 
# 
loop_
_struct_sheet.id 
_struct_sheet.type 
_struct_sheet.number_strands 
_struct_sheet.details 
A ? 5 ? 
B ? 8 ? 
C ? 6 ? 
D ? 5 ? 
# 
loop_
_struct_sheet_order.sheet_id 
_struct_sheet_order.range_id_1 
_struct_sheet_order.range_id_2 
_struct_sheet_order.offset 
_struct_sheet_order.sense 
A 1 2 ? anti-parallel 
A 2 3 ? parallel      
A 3 4 ? parallel      
A 4 5 ? parallel      
B 1 2 ? parallel      
B 2 3 ? parallel      
B 3 4 ? parallel      
B 4 5 ? parallel      
B 5 6 ? parallel      
B 6 7 ? parallel      
B 7 8 ? anti-parallel 
C 1 2 ? parallel      
C 2 3 ? parallel      
C 3 4 ? parallel      
C 4 5 ? parallel      
C 5 6 ? parallel      
D 1 2 ? parallel      
D 2 3 ? parallel      
D 3 4 ? parallel      
D 4 5 ? parallel      
# 
loop_
_struct_sheet_range.sheet_id 
_struct_sheet_range.id 
_struct_sheet_range.beg_label_comp_id 
_struct_sheet_range.beg_label_asym_id 
_struct_sheet_range.beg_label_seq_id 
_struct_sheet_range.pdbx_beg_PDB_ins_code 
_struct_sheet_range.end_label_comp_id 
_struct_sheet_range.end_label_asym_id 
_struct_sheet_range.end_label_seq_id 
_struct_sheet_range.pdbx_end_PDB_ins_code 
_struct_sheet_range.beg_auth_comp_id 
_struct_sheet_range.beg_auth_asym_id 
_struct_sheet_range.beg_auth_seq_id 
_struct_sheet_range.end_auth_comp_id 
_struct_sheet_range.end_auth_asym_id 
_struct_sheet_range.end_auth_seq_id 
A 1 SER A 42  ? VAL A 43  ? SER A 237 VAL A 238 
A 2 PHE A 46  ? GLY A 50  ? PHE A 241 GLY A 245 
A 3 GLU A 31  ? LEU A 35  ? GLU A 226 LEU A 230 
A 4 LYS A 6   ? ILE A 10  ? LYS A 201 ILE A 205 
A 5 PHE A 64  ? VAL A 68  ? PHE A 259 VAL A 263 
B 1 LEU A 93  ? ILE A 94  ? LEU A 288 ILE A 289 
B 2 VAL A 111 ? VAL A 112 ? VAL A 306 VAL A 307 
B 3 ILE A 129 ? VAL A 130 ? ILE A 324 VAL A 325 
B 4 HIS A 147 ? ILE A 148 ? HIS A 342 ILE A 343 
B 5 ARG A 165 ? ILE A 166 ? ARG A 360 ILE A 361 
B 6 THR A 183 ? ALA A 184 ? THR A 378 ALA A 379 
B 7 THR A 199 ? ALA A 201 ? THR A 394 ALA A 396 
B 8 LYS A 206 ? PRO A 207 ? LYS A 401 PRO A 402 
C 1 THR A 99  ? VAL A 100 ? THR A 294 VAL A 295 
C 2 VAL A 117 ? VAL A 118 ? VAL A 312 VAL A 313 
C 3 THR A 135 ? VAL A 136 ? THR A 330 VAL A 331 
C 4 HIS A 153 ? LEU A 154 ? HIS A 348 LEU A 349 
C 5 CYS A 171 ? SER A 172 ? CYS A 366 SER A 367 
C 6 VAL A 189 ? ILE A 190 ? VAL A 384 ILE A 385 
D 1 ILE A 105 ? ILE A 106 ? ILE A 300 ILE A 301 
D 2 VAL A 123 ? LEU A 124 ? VAL A 318 LEU A 319 
D 3 LEU A 141 ? LEU A 142 ? LEU A 336 LEU A 337 
D 4 ARG A 159 ? ILE A 160 ? ARG A 354 ILE A 355 
D 5 THR A 177 ? VAL A 178 ? THR A 372 VAL A 373 
# 
loop_
_pdbx_struct_sheet_hbond.sheet_id 
_pdbx_struct_sheet_hbond.range_id_1 
_pdbx_struct_sheet_hbond.range_id_2 
_pdbx_struct_sheet_hbond.range_1_label_atom_id 
_pdbx_struct_sheet_hbond.range_1_label_comp_id 
_pdbx_struct_sheet_hbond.range_1_label_asym_id 
_pdbx_struct_sheet_hbond.range_1_label_seq_id 
_pdbx_struct_sheet_hbond.range_1_PDB_ins_code 
_pdbx_struct_sheet_hbond.range_1_auth_atom_id 
_pdbx_struct_sheet_hbond.range_1_auth_comp_id 
_pdbx_struct_sheet_hbond.range_1_auth_asym_id 
_pdbx_struct_sheet_hbond.range_1_auth_seq_id 
_pdbx_struct_sheet_hbond.range_2_label_atom_id 
_pdbx_struct_sheet_hbond.range_2_label_comp_id 
_pdbx_struct_sheet_hbond.range_2_label_asym_id 
_pdbx_struct_sheet_hbond.range_2_label_seq_id 
_pdbx_struct_sheet_hbond.range_2_PDB_ins_code 
_pdbx_struct_sheet_hbond.range_2_auth_atom_id 
_pdbx_struct_sheet_hbond.range_2_auth_comp_id 
_pdbx_struct_sheet_hbond.range_2_auth_asym_id 
_pdbx_struct_sheet_hbond.range_2_auth_seq_id 
A 1 2 N VAL A 43  ? N VAL A 238 O PHE A 46  ? O PHE A 241 
A 2 3 O PRO A 47  ? O PRO A 242 N PHE A 34  ? N PHE A 229 
A 3 4 O VAL A 33  ? O VAL A 228 N VAL A 9   ? N VAL A 204 
A 4 5 N ILE A 10  ? N ILE A 205 O THR A 67  ? O THR A 262 
B 1 2 N LEU A 93  ? N LEU A 288 O VAL A 112 ? O VAL A 307 
B 2 3 N VAL A 111 ? N VAL A 306 O VAL A 130 ? O VAL A 325 
B 3 4 N ILE A 129 ? N ILE A 324 O ILE A 148 ? O ILE A 343 
B 4 5 N HIS A 147 ? N HIS A 342 O ILE A 166 ? O ILE A 361 
B 5 6 N ARG A 165 ? N ARG A 360 O ALA A 184 ? O ALA A 379 
B 6 7 N THR A 183 ? N THR A 378 O VAL A 200 ? O VAL A 395 
B 7 8 N ALA A 201 ? N ALA A 396 O LYS A 206 ? O LYS A 401 
C 1 2 N THR A 99  ? N THR A 294 O VAL A 118 ? O VAL A 313 
C 2 3 N VAL A 117 ? N VAL A 312 O VAL A 136 ? O VAL A 331 
C 3 4 N THR A 135 ? N THR A 330 O LEU A 154 ? O LEU A 349 
C 4 5 N HIS A 153 ? N HIS A 348 O SER A 172 ? O SER A 367 
C 5 6 N CYS A 171 ? N CYS A 366 O ILE A 190 ? O ILE A 385 
D 1 2 N ILE A 105 ? N ILE A 300 O LEU A 124 ? O LEU A 319 
D 2 3 N VAL A 123 ? N VAL A 318 O LEU A 142 ? O LEU A 337 
D 3 4 N LEU A 141 ? N LEU A 336 O ILE A 160 ? O ILE A 355 
D 4 5 N ARG A 159 ? N ARG A 354 O VAL A 178 ? O VAL A 373 
# 
_atom_sites.entry_id                    4M98 
_atom_sites.fract_transf_matrix[1][1]   0.00221650 
_atom_sites.fract_transf_matrix[1][2]   -0.00024850 
_atom_sites.fract_transf_matrix[1][3]   0.01138152 
_atom_sites.fract_transf_matrix[2][1]   -0.00868177 
_atom_sites.fract_transf_matrix[2][2]   -0.00753733 
_atom_sites.fract_transf_matrix[2][3]   0.00152617 
_atom_sites.fract_transf_matrix[3][1]   0.00736394 
_atom_sites.fract_transf_matrix[3][2]   -0.00881139 
_atom_sites.fract_transf_matrix[3][3]   -0.00162648 
_atom_sites.fract_transf_vector[1]      0.039348 
_atom_sites.fract_transf_vector[2]      -0.197627 
_atom_sites.fract_transf_vector[3]      0.059866 
# 
loop_
_atom_type.symbol 
C 
N 
O 
S 
# 
loop_
_atom_site.group_PDB 
_atom_site.id 
_atom_site.type_symbol 
_atom_site.label_atom_id 
_atom_site.label_alt_id 
_atom_site.label_comp_id 
_atom_site.label_asym_id 
_atom_site.label_entity_id 
_atom_site.label_seq_id 
_atom_site.pdbx_PDB_ins_code 
_atom_site.Cartn_x 
_atom_site.Cartn_y 
_atom_site.Cartn_z 
_atom_site.occupancy 
_atom_site.B_iso_or_equiv 
_atom_site.pdbx_formal_charge 
_atom_site.auth_seq_id 
_atom_site.auth_comp_id 
_atom_site.auth_asym_id 
_atom_site.auth_atom_id 
_atom_site.pdbx_PDB_model_num 
ATOM   1    N N   . ASN A 1 4   ? 6.920   16.328  -9.238  1.00 53.34 ? 199 ASN A N   1 
ATOM   2    C CA  . ASN A 1 4   ? 7.827   16.074  -10.352 1.00 46.11 ? 199 ASN A CA  1 
ATOM   3    C C   . ASN A 1 4   ? 7.098   15.618  -11.612 1.00 48.65 ? 199 ASN A C   1 
ATOM   4    O O   . ASN A 1 4   ? 5.957   15.157  -11.553 1.00 49.63 ? 199 ASN A O   1 
ATOM   5    C CB  . ASN A 1 4   ? 8.888   15.049  -9.954  1.00 44.31 ? 199 ASN A CB  1 
ATOM   6    C CG  . ASN A 1 4   ? 9.934   15.629  -9.022  1.00 44.66 ? 199 ASN A CG  1 
ATOM   7    O OD1 . ASN A 1 4   ? 10.515  16.681  -9.297  1.00 50.56 ? 199 ASN A OD1 1 
ATOM   8    N ND2 . ASN A 1 4   ? 10.174  14.950  -7.907  1.00 38.80 ? 199 ASN A ND2 1 
ATOM   9    N N   . ARG A 1 5   ? 7.772   15.743  -12.751 1.00 45.14 ? 200 ARG A N   1 
ATOM   10   C CA  . ARG A 1 5   ? 7.171   15.409  -14.037 1.00 44.91 ? 200 ARG A CA  1 
ATOM   11   C C   . ARG A 1 5   ? 7.138   13.904  -14.293 1.00 35.02 ? 200 ARG A C   1 
ATOM   12   O O   . ARG A 1 5   ? 6.322   13.426  -15.080 1.00 34.09 ? 200 ARG A O   1 
ATOM   13   C CB  . ARG A 1 5   ? 7.915   16.116  -15.178 1.00 42.24 ? 200 ARG A CB  1 
ATOM   14   N N   . LYS A 1 6   ? 8.021   13.160  -13.633 1.00 30.02 ? 201 LYS A N   1 
ATOM   15   C CA  . LYS A 1 6   ? 8.140   11.725  -13.892 1.00 28.14 ? 201 LYS A CA  1 
ATOM   16   C C   . LYS A 1 6   ? 7.904   10.889  -12.637 1.00 24.82 ? 201 LYS A C   1 
ATOM   17   O O   . LYS A 1 6   ? 8.161   11.340  -11.525 1.00 24.65 ? 201 LYS A O   1 
ATOM   18   C CB  . LYS A 1 6   ? 9.511   11.396  -14.489 1.00 32.42 ? 201 LYS A CB  1 
ATOM   19   C CG  . LYS A 1 6   ? 9.781   12.070  -15.831 1.00 34.63 ? 201 LYS A CG  1 
ATOM   20   C CD  . LYS A 1 6   ? 11.076  11.565  -16.449 1.00 39.99 ? 201 LYS A CD  1 
ATOM   21   C CE  . LYS A 1 6   ? 11.290  12.145  -17.840 1.00 49.43 ? 201 LYS A CE  1 
ATOM   22   N NZ  . LYS A 1 6   ? 11.374  13.632  -17.809 1.00 52.86 ? 201 LYS A NZ  1 
ATOM   23   N N   . LEU A 1 7   ? 7.398   9.670   -12.825 1.00 22.16 ? 202 LEU A N   1 
ATOM   24   C CA  . LEU A 1 7   ? 7.218   8.743   -11.715 1.00 19.88 ? 202 LEU A CA  1 
ATOM   25   C C   . LEU A 1 7   ? 7.963   7.442   -11.994 1.00 16.88 ? 202 LEU A C   1 
ATOM   26   O O   . LEU A 1 7   ? 7.814   6.851   -13.064 1.00 19.05 ? 202 LEU A O   1 
ATOM   27   C CB  . LEU A 1 7   ? 5.728   8.444   -11.499 1.00 22.15 ? 202 LEU A CB  1 
ATOM   28   C CG  . LEU A 1 7   ? 5.382   7.434   -10.402 1.00 18.21 ? 202 LEU A CG  1 
ATOM   29   C CD1 . LEU A 1 7   ? 5.612   7.990   -9.008  1.00 19.35 ? 202 LEU A CD1 1 
ATOM   30   C CD2 . LEU A 1 7   ? 3.934   6.967   -10.560 1.00 20.76 ? 202 LEU A CD2 1 
ATOM   31   N N   . ALA A 1 8   ? 8.775   7.010   -11.036 1.00 18.59 ? 203 ALA A N   1 
ATOM   32   C CA  . ALA A 1 8   ? 9.401   5.692   -11.110 1.00 18.60 ? 203 ALA A CA  1 
ATOM   33   C C   . ALA A 1 8   ? 8.680   4.751   -10.151 1.00 15.67 ? 203 ALA A C   1 
ATOM   34   O O   . ALA A 1 8   ? 8.645   4.989   -8.949  1.00 19.69 ? 203 ALA A O   1 
ATOM   35   C CB  . ALA A 1 8   ? 10.884  5.780   -10.750 1.00 23.00 ? 203 ALA A CB  1 
ATOM   36   N N   . VAL A 1 9   ? 8.081   3.701   -10.712 1.00 17.80 ? 204 VAL A N   1 
ATOM   37   C CA  . VAL A 1 9   ? 7.376   2.679   -9.946  1.00 17.40 ? 204 VAL A CA  1 
ATOM   38   C C   . VAL A 1 9   ? 8.369   1.554   -9.721  1.00 16.60 ? 204 VAL A C   1 
ATOM   39   O O   . VAL A 1 9   ? 8.833   0.939   -10.683 1.00 18.10 ? 204 VAL A O   1 
ATOM   40   C CB  . VAL A 1 9   ? 6.179   2.147   -10.761 1.00 17.92 ? 204 VAL A CB  1 
ATOM   41   C CG1 . VAL A 1 9   ? 5.430   1.035   -10.017 1.00 18.13 ? 204 VAL A CG1 1 
ATOM   42   C CG2 . VAL A 1 9   ? 5.241   3.288   -11.121 1.00 19.49 ? 204 VAL A CG2 1 
ATOM   43   N N   . ILE A 1 10  ? 8.729   1.314   -8.466  1.00 16.58 ? 205 ILE A N   1 
ATOM   44   C CA  . ILE A 1 10  ? 9.702   0.271   -8.149  1.00 17.48 ? 205 ILE A CA  1 
ATOM   45   C C   . ILE A 1 10  ? 8.971   -1.041  -7.930  1.00 19.02 ? 205 ILE A C   1 
ATOM   46   O O   . ILE A 1 10  ? 8.216   -1.184  -6.968  1.00 17.31 ? 205 ILE A O   1 
ATOM   47   C CB  . ILE A 1 10  ? 10.545  0.621   -6.914  1.00 19.12 ? 205 ILE A CB  1 
ATOM   48   C CG1 . ILE A 1 10  ? 11.309  1.925   -7.167  1.00 18.90 ? 205 ILE A CG1 1 
ATOM   49   C CG2 . ILE A 1 10  ? 11.530  -0.520  -6.613  1.00 19.57 ? 205 ILE A CG2 1 
ATOM   50   C CD1 . ILE A 1 10  ? 12.190  2.392   -6.000  1.00 17.72 ? 205 ILE A CD1 1 
ATOM   51   N N   . GLY A 1 11  ? 9.189   -1.980  -8.848  1.00 18.24 ? 206 GLY A N   1 
ATOM   52   C CA  . GLY A 1 11  ? 8.485   -3.251  -8.836  1.00 19.35 ? 206 GLY A CA  1 
ATOM   53   C C   . GLY A 1 11  ? 7.553   -3.318  -10.028 1.00 19.68 ? 206 GLY A C   1 
ATOM   54   O O   . GLY A 1 11  ? 6.588   -2.557  -10.113 1.00 19.11 ? 206 GLY A O   1 
ATOM   55   N N   . ALA A 1 12  ? 7.864   -4.201  -10.972 1.00 19.55 ? 207 ALA A N   1 
ATOM   56   C CA  . ALA A 1 12  ? 7.075   -4.316  -12.196 1.00 18.66 ? 207 ALA A CA  1 
ATOM   57   C C   . ALA A 1 12  ? 6.328   -5.641  -12.242 1.00 17.21 ? 207 ALA A C   1 
ATOM   58   O O   . ALA A 1 12  ? 6.089   -6.179  -13.315 1.00 20.71 ? 207 ALA A O   1 
ATOM   59   C CB  . ALA A 1 12  ? 7.960   -4.161  -13.434 1.00 21.18 ? 207 ALA A CB  1 
ATOM   60   N N   . GLY A 1 13  ? 5.986   -6.167  -11.074 1.00 17.48 ? 208 GLY A N   1 
ATOM   61   C CA  . GLY A 1 13  ? 5.147   -7.349  -10.989 1.00 18.91 ? 208 GLY A CA  1 
ATOM   62   C C   . GLY A 1 13  ? 3.693   -6.940  -11.123 1.00 19.60 ? 208 GLY A C   1 
ATOM   63   O O   . GLY A 1 13  ? 3.399   -5.827  -11.553 1.00 18.49 ? 208 GLY A O   1 
ATOM   64   N N   . GLY A 1 14  ? 2.782   -7.840  -10.762 1.00 18.98 ? 209 GLY A N   1 
ATOM   65   C CA  . GLY A 1 14  ? 1.360   -7.574  -10.920 1.00 18.33 ? 209 GLY A CA  1 
ATOM   66   C C   . GLY A 1 14  ? 0.889   -6.333  -10.177 1.00 16.93 ? 209 GLY A C   1 
ATOM   67   O O   . GLY A 1 14  ? 0.147   -5.510  -10.721 1.00 16.64 ? 209 GLY A O   1 
ATOM   68   N N   . HIS A 1 15  ? 1.328   -6.194  -8.933  1.00 17.84 ? 210 HIS A N   1 
ATOM   69   C CA  . HIS A 1 15  ? 1.006   -5.012  -8.139  1.00 16.17 ? 210 HIS A CA  1 
ATOM   70   C C   . HIS A 1 15  ? 1.522   -3.764  -8.853  1.00 18.82 ? 210 HIS A C   1 
ATOM   71   O O   . HIS A 1 15  ? 0.816   -2.755  -8.966  1.00 15.55 ? 210 HIS A O   1 
ATOM   72   C CB  . HIS A 1 15  ? 1.645   -5.149  -6.754  1.00 16.53 ? 210 HIS A CB  1 
ATOM   73   C CG  . HIS A 1 15  ? 1.347   -4.020  -5.817  1.00 17.42 ? 210 HIS A CG  1 
ATOM   74   N ND1 . HIS A 1 15  ? 0.063   -3.606  -5.524  1.00 17.25 ? 210 HIS A ND1 1 
ATOM   75   C CD2 . HIS A 1 15  ? 2.172   -3.233  -5.082  1.00 18.85 ? 210 HIS A CD2 1 
ATOM   76   C CE1 . HIS A 1 15  ? 0.113   -2.610  -4.656  1.00 18.06 ? 210 HIS A CE1 1 
ATOM   77   N NE2 . HIS A 1 15  ? 1.382   -2.357  -4.376  1.00 18.44 ? 210 HIS A NE2 1 
ATOM   78   N N   . GLY A 1 16  ? 2.761   -3.832  -9.328  1.00 16.76 ? 211 GLY A N   1 
ATOM   79   C CA  . GLY A 1 16  ? 3.332   -2.739  -10.104 1.00 16.73 ? 211 GLY A CA  1 
ATOM   80   C C   . GLY A 1 16  ? 2.518   -2.341  -11.331 1.00 14.90 ? 211 GLY A C   1 
ATOM   81   O O   . GLY A 1 16  ? 2.359   -1.157  -11.615 1.00 17.13 ? 211 GLY A O   1 
ATOM   82   N N   . LYS A 1 17  ? 2.007   -3.321  -12.068 1.00 15.63 ? 212 LYS A N   1 
ATOM   83   C CA  . LYS A 1 17  ? 1.178   -3.016  -13.225 1.00 15.79 ? 212 LYS A CA  1 
ATOM   84   C C   . LYS A 1 17  ? -0.051  -2.212  -12.820 1.00 14.04 ? 212 LYS A C   1 
ATOM   85   O O   . LYS A 1 17  ? -0.434  -1.264  -13.503 1.00 15.65 ? 212 LYS A O   1 
ATOM   86   C CB  . LYS A 1 17  ? 0.752   -4.297  -13.946 1.00 19.93 ? 212 LYS A CB  1 
ATOM   87   C CG  . LYS A 1 17  ? 1.920   -5.020  -14.604 1.00 20.70 ? 212 LYS A CG  1 
ATOM   88   C CD  . LYS A 1 17  ? 1.441   -5.948  -15.705 1.00 25.95 ? 212 LYS A CD  1 
ATOM   89   C CE  . LYS A 1 17  ? 0.594   -7.073  -15.149 1.00 21.85 ? 212 LYS A CE  1 
ATOM   90   N NZ  . LYS A 1 17  ? 0.332   -8.100  -16.217 1.00 23.98 ? 212 LYS A NZ  1 
ATOM   91   N N   . VAL A 1 18  ? -0.656  -2.594  -11.701 1.00 14.77 ? 213 VAL A N   1 
ATOM   92   C CA  . VAL A 1 18  ? -1.879  -1.920  -11.242 1.00 14.39 ? 213 VAL A CA  1 
ATOM   93   C C   . VAL A 1 18  ? -1.551  -0.495  -10.792 1.00 14.97 ? 213 VAL A C   1 
ATOM   94   O O   . VAL A 1 18  ? -2.277  0.459   -11.095 1.00 15.33 ? 213 VAL A O   1 
ATOM   95   C CB  . VAL A 1 18  ? -2.574  -2.728  -10.113 1.00 13.81 ? 213 VAL A CB  1 
ATOM   96   C CG1 . VAL A 1 18  ? -3.799  -1.972  -9.563  1.00 13.78 ? 213 VAL A CG1 1 
ATOM   97   C CG2 . VAL A 1 18  ? -2.985  -4.112  -10.623 1.00 15.35 ? 213 VAL A CG2 1 
ATOM   98   N N   . VAL A 1 19  ? -0.431  -0.351  -10.091 1.00 14.79 ? 214 VAL A N   1 
ATOM   99   C CA  . VAL A 1 19  ? -0.003  0.959   -9.602  1.00 14.86 ? 214 VAL A CA  1 
ATOM   100  C C   . VAL A 1 19  ? 0.346   1.879   -10.770 1.00 16.43 ? 214 VAL A C   1 
ATOM   101  O O   . VAL A 1 19  ? -0.021  3.054   -10.774 1.00 16.16 ? 214 VAL A O   1 
ATOM   102  C CB  . VAL A 1 19  ? 1.179   0.849   -8.595  1.00 13.94 ? 214 VAL A CB  1 
ATOM   103  C CG1 . VAL A 1 19  ? 1.719   2.238   -8.246  1.00 15.59 ? 214 VAL A CG1 1 
ATOM   104  C CG2 . VAL A 1 19  ? 0.735   0.130   -7.319  1.00 15.53 ? 214 VAL A CG2 1 
ATOM   105  N N   . ALA A 1 20  ? 1.037   1.344   -11.778 1.00 15.90 ? 215 ALA A N   1 
ATOM   106  C CA  . ALA A 1 20  ? 1.369   2.145   -12.952 1.00 13.94 ? 215 ALA A CA  1 
ATOM   107  C C   . ALA A 1 20  ? 0.108   2.614   -13.685 1.00 17.19 ? 215 ALA A C   1 
ATOM   108  O O   . ALA A 1 20  ? 0.013   3.775   -14.092 1.00 17.35 ? 215 ALA A O   1 
ATOM   109  C CB  . ALA A 1 20  ? 2.279   1.374   -13.888 1.00 17.09 ? 215 ALA A CB  1 
ATOM   110  N N   . GLU A 1 21  ? -0.876  1.728   -13.831 1.00 17.66 ? 216 GLU A N   1 
ATOM   111  C CA  . GLU A 1 21  ? -2.153  2.140   -14.426 1.00 15.96 ? 216 GLU A CA  1 
ATOM   112  C C   . GLU A 1 21  ? -2.893  3.183   -13.586 1.00 17.74 ? 216 GLU A C   1 
ATOM   113  O O   . GLU A 1 21  ? -3.549  4.077   -14.131 1.00 17.28 ? 216 GLU A O   1 
ATOM   114  C CB  . GLU A 1 21  ? -3.052  0.928   -14.679 1.00 14.82 ? 216 GLU A CB  1 
ATOM   115  C CG  . GLU A 1 21  ? -2.514  0.036   -15.790 1.00 16.73 ? 216 GLU A CG  1 
ATOM   116  C CD  . GLU A 1 21  ? -3.499  -1.034  -16.222 1.00 18.44 ? 216 GLU A CD  1 
ATOM   117  O OE1 . GLU A 1 21  ? -4.545  -1.205  -15.552 1.00 18.57 ? 216 GLU A OE1 1 
ATOM   118  O OE2 . GLU A 1 21  ? -3.227  -1.699  -17.242 1.00 18.38 ? 216 GLU A OE2 1 
ATOM   119  N N   . LEU A 1 22  ? -2.802  3.054   -12.266 1.00 15.63 ? 217 LEU A N   1 
ATOM   120  C CA  . LEU A 1 22  ? -3.393  4.039   -11.364 1.00 15.09 ? 217 LEU A CA  1 
ATOM   121  C C   . LEU A 1 22  ? -2.757  5.399   -11.633 1.00 17.28 ? 217 LEU A C   1 
ATOM   122  O O   . LEU A 1 22  ? -3.453  6.394   -11.827 1.00 16.67 ? 217 LEU A O   1 
ATOM   123  C CB  . LEU A 1 22  ? -3.242  3.592   -9.897  1.00 15.70 ? 217 LEU A CB  1 
ATOM   124  C CG  . LEU A 1 22  ? -3.868  4.403   -8.748  1.00 13.86 ? 217 LEU A CG  1 
ATOM   125  C CD1 . LEU A 1 22  ? -3.686  3.681   -7.426  1.00 16.29 ? 217 LEU A CD1 1 
ATOM   126  C CD2 . LEU A 1 22  ? -3.302  5.831   -8.626  1.00 16.54 ? 217 LEU A CD2 1 
ATOM   127  N N   . ALA A 1 23  ? -1.430  5.443   -11.652 1.00 16.19 ? 218 ALA A N   1 
ATOM   128  C CA  . ALA A 1 23  ? -0.741  6.704   -11.925 1.00 17.19 ? 218 ALA A CA  1 
ATOM   129  C C   . ALA A 1 23  ? -1.099  7.271   -13.295 1.00 19.35 ? 218 ALA A C   1 
ATOM   130  O O   . ALA A 1 23  ? -1.266  8.488   -13.454 1.00 18.69 ? 218 ALA A O   1 
ATOM   131  C CB  . ALA A 1 23  ? 0.750   6.512   -11.808 1.00 19.03 ? 218 ALA A CB  1 
ATOM   132  N N   . ALA A 1 24  ? -1.210  6.397   -14.291 1.00 17.81 ? 219 ALA A N   1 
ATOM   133  C CA  . ALA A 1 24  ? -1.534  6.843   -15.640 1.00 19.47 ? 219 ALA A CA  1 
ATOM   134  C C   . ALA A 1 24  ? -2.922  7.471   -15.658 1.00 21.64 ? 219 ALA A C   1 
ATOM   135  O O   . ALA A 1 24  ? -3.147  8.486   -16.317 1.00 22.00 ? 219 ALA A O   1 
ATOM   136  C CB  . ALA A 1 24  ? -1.441  5.686   -16.629 1.00 18.54 ? 219 ALA A CB  1 
ATOM   137  N N   . ALA A 1 25  ? -3.840  6.880   -14.900 1.00 19.67 ? 220 ALA A N   1 
ATOM   138  C CA  . ALA A 1 25  ? -5.208  7.391   -14.806 1.00 19.81 ? 220 ALA A CA  1 
ATOM   139  C C   . ALA A 1 25  ? -5.293  8.787   -14.194 1.00 21.44 ? 220 ALA A C   1 
ATOM   140  O O   . ALA A 1 25  ? -6.261  9.518   -14.437 1.00 23.00 ? 220 ALA A O   1 
ATOM   141  C CB  . ALA A 1 25  ? -6.092  6.412   -14.032 1.00 20.14 ? 220 ALA A CB  1 
ATOM   142  N N   . LEU A 1 26  ? -4.295  9.157   -13.394 1.00 20.49 ? 221 LEU A N   1 
ATOM   143  C CA  . LEU A 1 26  ? -4.291  10.457  -12.733 1.00 21.19 ? 221 LEU A CA  1 
ATOM   144  C C   . LEU A 1 26  ? -4.037  11.561  -13.749 1.00 25.70 ? 221 LEU A C   1 
ATOM   145  O O   . LEU A 1 26  ? -4.503  12.687  -13.581 1.00 24.91 ? 221 LEU A O   1 
ATOM   146  C CB  . LEU A 1 26  ? -3.215  10.504  -11.647 1.00 23.20 ? 221 LEU A CB  1 
ATOM   147  C CG  . LEU A 1 26  ? -3.586  10.078  -10.223 1.00 28.64 ? 221 LEU A CG  1 
ATOM   148  C CD1 . LEU A 1 26  ? -4.494  8.885   -10.213 1.00 32.08 ? 221 LEU A CD1 1 
ATOM   149  C CD2 . LEU A 1 26  ? -2.322  9.806   -9.417  1.00 24.87 ? 221 LEU A CD2 1 
ATOM   150  N N   . GLY A 1 27  ? -3.293  11.224  -14.796 1.00 25.87 ? 222 GLY A N   1 
ATOM   151  C CA  . GLY A 1 27  ? -3.027  12.136  -15.893 1.00 28.69 ? 222 GLY A CA  1 
ATOM   152  C C   . GLY A 1 27  ? -2.139  13.299  -15.501 1.00 33.49 ? 222 GLY A C   1 
ATOM   153  O O   . GLY A 1 27  ? -2.204  14.368  -16.107 1.00 38.14 ? 222 GLY A O   1 
ATOM   154  N N   . THR A 1 28  ? -1.298  13.091  -14.495 1.00 30.56 ? 223 THR A N   1 
ATOM   155  C CA  . THR A 1 28  ? -0.485  14.175  -13.948 1.00 28.74 ? 223 THR A CA  1 
ATOM   156  C C   . THR A 1 28  ? 1.014   14.010  -14.213 1.00 35.55 ? 223 THR A C   1 
ATOM   157  O O   . THR A 1 28  ? 1.785   14.962  -14.064 1.00 33.86 ? 223 THR A O   1 
ATOM   158  C CB  . THR A 1 28  ? -0.725  14.340  -12.437 1.00 33.62 ? 223 THR A CB  1 
ATOM   159  O OG1 . THR A 1 28  ? -0.590  13.067  -11.792 1.00 33.52 ? 223 THR A OG1 1 
ATOM   160  C CG2 . THR A 1 28  ? -2.125  14.872  -12.182 1.00 30.92 ? 223 THR A CG2 1 
ATOM   161  N N   . TYR A 1 29  ? 1.432   12.808  -14.602 1.00 28.20 ? 224 TYR A N   1 
ATOM   162  C CA  . TYR A 1 29  ? 2.841   12.579  -14.908 1.00 28.73 ? 224 TYR A CA  1 
ATOM   163  C C   . TYR A 1 29  ? 3.141   12.642  -16.400 1.00 26.54 ? 224 TYR A C   1 
ATOM   164  O O   . TYR A 1 29  ? 2.372   12.149  -17.224 1.00 31.28 ? 224 TYR A O   1 
ATOM   165  C CB  . TYR A 1 29  ? 3.323   11.249  -14.321 1.00 27.91 ? 224 TYR A CB  1 
ATOM   166  C CG  . TYR A 1 29  ? 3.402   11.276  -12.818 1.00 25.75 ? 224 TYR A CG  1 
ATOM   167  C CD1 . TYR A 1 29  ? 4.477   11.875  -12.172 1.00 26.23 ? 224 TYR A CD1 1 
ATOM   168  C CD2 . TYR A 1 29  ? 2.400   10.707  -12.041 1.00 25.55 ? 224 TYR A CD2 1 
ATOM   169  C CE1 . TYR A 1 29  ? 4.552   11.910  -10.793 1.00 26.14 ? 224 TYR A CE1 1 
ATOM   170  C CE2 . TYR A 1 29  ? 2.465   10.738  -10.660 1.00 26.00 ? 224 TYR A CE2 1 
ATOM   171  C CZ  . TYR A 1 29  ? 3.542   11.335  -10.039 1.00 24.96 ? 224 TYR A CZ  1 
ATOM   172  O OH  . TYR A 1 29  ? 3.608   11.370  -8.669  1.00 27.54 ? 224 TYR A OH  1 
ATOM   173  N N   . GLY A 1 30  ? 4.275   13.255  -16.733 1.00 30.64 ? 225 GLY A N   1 
ATOM   174  C CA  . GLY A 1 30  ? 4.746   13.305  -18.101 1.00 32.53 ? 225 GLY A CA  1 
ATOM   175  C C   . GLY A 1 30  ? 5.247   11.952  -18.565 1.00 27.22 ? 225 GLY A C   1 
ATOM   176  O O   . GLY A 1 30  ? 5.158   11.618  -19.743 1.00 31.92 ? 225 GLY A O   1 
ATOM   177  N N   . GLU A 1 31  ? 5.779   11.170  -17.629 1.00 29.84 ? 226 GLU A N   1 
ATOM   178  C CA  . GLU A 1 31  ? 6.256   9.828   -17.943 1.00 25.31 ? 226 GLU A CA  1 
ATOM   179  C C   . GLU A 1 31  ? 6.192   8.936   -16.705 1.00 22.25 ? 226 GLU A C   1 
ATOM   180  O O   . GLU A 1 31  ? 6.455   9.384   -15.589 1.00 25.11 ? 226 GLU A O   1 
ATOM   181  C CB  . GLU A 1 31  ? 7.690   9.865   -18.485 1.00 30.54 ? 226 GLU A CB  1 
ATOM   182  C CG  . GLU A 1 31  ? 8.057   8.612   -19.276 1.00 30.41 ? 226 GLU A CG  1 
ATOM   183  C CD  . GLU A 1 31  ? 9.536   8.533   -19.620 1.00 44.01 ? 226 GLU A CD  1 
ATOM   184  O OE1 . GLU A 1 31  ? 9.910   7.629   -20.395 1.00 42.39 ? 226 GLU A OE1 1 
ATOM   185  O OE2 . GLU A 1 31  ? 10.321  9.364   -19.114 1.00 43.87 ? 226 GLU A OE2 1 
ATOM   186  N N   . ILE A 1 32  ? 5.824   7.681   -16.920 1.00 23.27 ? 227 ILE A N   1 
ATOM   187  C CA  . ILE A 1 32  ? 5.790   6.687   -15.853 1.00 22.35 ? 227 ILE A CA  1 
ATOM   188  C C   . ILE A 1 32  ? 6.666   5.523   -16.286 1.00 19.91 ? 227 ILE A C   1 
ATOM   189  O O   . ILE A 1 32  ? 6.494   4.984   -17.380 1.00 22.97 ? 227 ILE A O   1 
ATOM   190  C CB  . ILE A 1 32  ? 4.358   6.185   -15.611 1.00 19.71 ? 227 ILE A CB  1 
ATOM   191  C CG1 . ILE A 1 32  ? 3.467   7.345   -15.166 1.00 21.23 ? 227 ILE A CG1 1 
ATOM   192  C CG2 . ILE A 1 32  ? 4.339   5.076   -14.557 1.00 21.64 ? 227 ILE A CG2 1 
ATOM   193  C CD1 . ILE A 1 32  ? 1.990   7.003   -15.203 1.00 19.99 ? 227 ILE A CD1 1 
ATOM   194  N N   . VAL A 1 33  ? 7.625   5.153   -15.437 1.00 20.81 ? 228 VAL A N   1 
ATOM   195  C CA  . VAL A 1 33  ? 8.579   4.097   -15.756 1.00 19.55 ? 228 VAL A CA  1 
ATOM   196  C C   . VAL A 1 33  ? 8.684   3.122   -14.593 1.00 18.26 ? 228 VAL A C   1 
ATOM   197  O O   . VAL A 1 33  ? 8.262   3.436   -13.479 1.00 19.51 ? 228 VAL A O   1 
ATOM   198  C CB  . VAL A 1 33  ? 9.991   4.667   -16.023 1.00 20.34 ? 228 VAL A CB  1 
ATOM   199  C CG1 . VAL A 1 33  ? 9.937   5.723   -17.122 1.00 25.11 ? 228 VAL A CG1 1 
ATOM   200  C CG2 . VAL A 1 33  ? 10.584  5.252   -14.748 1.00 22.67 ? 228 VAL A CG2 1 
ATOM   201  N N   . PHE A 1 34  ? 9.265   1.949   -14.852 1.00 18.45 ? 229 PHE A N   1 
ATOM   202  C CA  . PHE A 1 34  ? 9.511   0.956   -13.813 1.00 17.38 ? 229 PHE A CA  1 
ATOM   203  C C   . PHE A 1 34  ? 10.994  0.850   -13.507 1.00 18.25 ? 229 PHE A C   1 
ATOM   204  O O   . PHE A 1 34  ? 11.830  1.022   -14.407 1.00 20.28 ? 229 PHE A O   1 
ATOM   205  C CB  . PHE A 1 34  ? 9.076   -0.435  -14.277 1.00 19.10 ? 229 PHE A CB  1 
ATOM   206  C CG  . PHE A 1 34  ? 7.590   -0.680  -14.220 1.00 18.49 ? 229 PHE A CG  1 
ATOM   207  C CD1 . PHE A 1 34  ? 6.925   -0.742  -13.003 1.00 17.93 ? 229 PHE A CD1 1 
ATOM   208  C CD2 . PHE A 1 34  ? 6.875   -0.907  -15.384 1.00 19.46 ? 229 PHE A CD2 1 
ATOM   209  C CE1 . PHE A 1 34  ? 5.559   -1.003  -12.962 1.00 15.86 ? 229 PHE A CE1 1 
ATOM   210  C CE2 . PHE A 1 34  ? 5.511   -1.164  -15.346 1.00 22.76 ? 229 PHE A CE2 1 
ATOM   211  C CZ  . PHE A 1 34  ? 4.859   -1.207  -14.133 1.00 19.47 ? 229 PHE A CZ  1 
ATOM   212  N N   . LEU A 1 35  ? 11.306  0.569   -12.245 1.00 19.00 ? 230 LEU A N   1 
ATOM   213  C CA  . LEU A 1 35  ? 12.571  -0.066  -11.887 1.00 20.86 ? 230 LEU A CA  1 
ATOM   214  C C   . LEU A 1 35  ? 12.227  -1.484  -11.471 1.00 22.23 ? 230 LEU A C   1 
ATOM   215  O O   . LEU A 1 35  ? 11.260  -1.696  -10.740 1.00 21.65 ? 230 LEU A O   1 
ATOM   216  C CB  . LEU A 1 35  ? 13.237  0.640   -10.709 1.00 19.20 ? 230 LEU A CB  1 
ATOM   217  C CG  . LEU A 1 35  ? 13.537  2.128   -10.843 1.00 22.69 ? 230 LEU A CG  1 
ATOM   218  C CD1 . LEU A 1 35  ? 14.375  2.580   -9.659  1.00 24.67 ? 230 LEU A CD1 1 
ATOM   219  C CD2 . LEU A 1 35  ? 14.235  2.419   -12.172 1.00 21.76 ? 230 LEU A CD2 1 
ATOM   220  N N   . ASP A 1 36  ? 13.015  -2.457  -11.913 1.00 19.39 ? 231 ASP A N   1 
ATOM   221  C CA  . ASP A 1 36  ? 12.760  -3.831  -11.529 1.00 20.62 ? 231 ASP A CA  1 
ATOM   222  C C   . ASP A 1 36  ? 14.031  -4.640  -11.711 1.00 22.06 ? 231 ASP A C   1 
ATOM   223  O O   . ASP A 1 36  ? 14.835  -4.338  -12.582 1.00 23.00 ? 231 ASP A O   1 
ATOM   224  C CB  . ASP A 1 36  ? 11.621  -4.421  -12.367 1.00 22.83 ? 231 ASP A CB  1 
ATOM   225  C CG  . ASP A 1 36  ? 11.126  -5.744  -11.821 1.00 27.06 ? 231 ASP A CG  1 
ATOM   226  O OD1 . ASP A 1 36  ? 10.221  -5.730  -10.958 1.00 25.30 ? 231 ASP A OD1 1 
ATOM   227  O OD2 . ASP A 1 36  ? 11.656  -6.796  -12.241 1.00 32.12 ? 231 ASP A OD2 1 
ATOM   228  N N   . ASP A 1 37  ? 14.190  -5.670  -10.891 1.00 24.88 ? 232 ASP A N   1 
ATOM   229  C CA  . ASP A 1 37  ? 15.428  -6.446  -10.879 1.00 26.03 ? 232 ASP A CA  1 
ATOM   230  C C   . ASP A 1 37  ? 15.319  -7.774  -11.626 1.00 33.52 ? 232 ASP A C   1 
ATOM   231  O O   . ASP A 1 37  ? 16.306  -8.502  -11.742 1.00 33.80 ? 232 ASP A O   1 
ATOM   232  C CB  . ASP A 1 37  ? 15.873  -6.683  -9.435  1.00 24.54 ? 232 ASP A CB  1 
ATOM   233  C CG  . ASP A 1 37  ? 16.203  -5.394  -8.711  1.00 23.70 ? 232 ASP A CG  1 
ATOM   234  O OD1 . ASP A 1 37  ? 16.413  -4.378  -9.400  1.00 27.31 ? 232 ASP A OD1 1 
ATOM   235  O OD2 . ASP A 1 37  ? 16.242  -5.394  -7.467  1.00 28.40 ? 232 ASP A OD2 1 
ATOM   236  N N   . ARG A 1 38  ? 14.131  -8.089  -12.132 1.00 31.46 ? 233 ARG A N   1 
ATOM   237  C CA  . ARG A 1 38  ? 13.890  -9.410  -12.716 1.00 34.48 ? 233 ARG A CA  1 
ATOM   238  C C   . ARG A 1 38  ? 13.412  -9.358  -14.161 1.00 39.26 ? 233 ARG A C   1 
ATOM   239  O O   . ARG A 1 38  ? 13.474  -10.357 -14.880 1.00 42.66 ? 233 ARG A O   1 
ATOM   240  C CB  . ARG A 1 38  ? 12.883  -10.192 -11.871 1.00 39.17 ? 233 ARG A CB  1 
ATOM   241  N N   . THR A 1 39  ? 12.926  -8.198  -14.582 1.00 35.62 ? 234 THR A N   1 
ATOM   242  C CA  . THR A 1 39  ? 12.397  -8.052  -15.929 1.00 36.39 ? 234 THR A CA  1 
ATOM   243  C C   . THR A 1 39  ? 13.048  -6.889  -16.663 1.00 32.96 ? 234 THR A C   1 
ATOM   244  O O   . THR A 1 39  ? 13.420  -5.880  -16.057 1.00 37.62 ? 234 THR A O   1 
ATOM   245  C CB  . THR A 1 39  ? 10.860  -7.856  -15.917 1.00 42.64 ? 234 THR A CB  1 
ATOM   246  O OG1 . THR A 1 39  ? 10.371  -7.792  -17.262 1.00 50.30 ? 234 THR A OG1 1 
ATOM   247  C CG2 . THR A 1 39  ? 10.489  -6.574  -15.195 1.00 39.90 ? 234 THR A CG2 1 
ATOM   248  N N   . GLN A 1 40  ? 13.183  -7.034  -17.974 1.00 34.08 ? 235 GLN A N   1 
ATOM   249  C CA  . GLN A 1 40  ? 13.738  -5.979  -18.804 1.00 36.14 ? 235 GLN A CA  1 
ATOM   250  C C   . GLN A 1 40  ? 12.771  -5.620  -19.928 1.00 36.67 ? 235 GLN A C   1 
ATOM   251  O O   . GLN A 1 40  ? 11.747  -6.280  -20.118 1.00 40.88 ? 235 GLN A O   1 
ATOM   252  C CB  . GLN A 1 40  ? 15.085  -6.410  -19.390 1.00 42.48 ? 235 GLN A CB  1 
ATOM   253  C CG  . GLN A 1 40  ? 16.188  -6.588  -18.360 1.00 49.19 ? 235 GLN A CG  1 
ATOM   254  C CD  . GLN A 1 40  ? 17.490  -7.056  -18.985 1.00 52.22 ? 235 GLN A CD  1 
ATOM   255  O OE1 . GLN A 1 40  ? 17.552  -8.126  -19.590 1.00 59.16 ? 235 GLN A OE1 1 
ATOM   256  N NE2 . GLN A 1 40  ? 18.537  -6.251  -18.848 1.00 54.76 ? 235 GLN A NE2 1 
ATOM   257  N N   . GLY A 1 41  ? 13.101  -4.571  -20.667 1.00 35.71 ? 236 GLY A N   1 
ATOM   258  C CA  . GLY A 1 41  ? 12.263  -4.120  -21.760 1.00 35.92 ? 236 GLY A CA  1 
ATOM   259  C C   . GLY A 1 41  ? 11.132  -3.253  -21.248 1.00 37.56 ? 236 GLY A C   1 
ATOM   260  O O   . GLY A 1 41  ? 11.358  -2.212  -20.632 1.00 34.57 ? 236 GLY A O   1 
ATOM   261  N N   . SER A 1 42  ? 9.906   -3.681  -21.507 1.00 33.48 ? 237 SER A N   1 
ATOM   262  C CA  . SER A 1 42  ? 8.748   -2.942  -21.035 1.00 31.75 ? 237 SER A CA  1 
ATOM   263  C C   . SER A 1 42  ? 7.723   -3.901  -20.460 1.00 32.51 ? 237 SER A C   1 
ATOM   264  O O   . SER A 1 42  ? 7.683   -5.079  -20.817 1.00 35.77 ? 237 SER A O   1 
ATOM   265  C CB  . SER A 1 42  ? 8.129   -2.130  -22.171 1.00 34.22 ? 237 SER A CB  1 
ATOM   266  O OG  . SER A 1 42  ? 7.600   -2.987  -23.165 1.00 42.90 ? 237 SER A OG  1 
ATOM   267  N N   . VAL A 1 43  ? 6.898   -3.386  -19.558 1.00 28.08 ? 238 VAL A N   1 
ATOM   268  C CA  . VAL A 1 43  ? 5.870   -4.186  -18.912 1.00 25.27 ? 238 VAL A CA  1 
ATOM   269  C C   . VAL A 1 43  ? 4.565   -3.421  -19.023 1.00 25.42 ? 238 VAL A C   1 
ATOM   270  O O   . VAL A 1 43  ? 4.471   -2.273  -18.573 1.00 26.69 ? 238 VAL A O   1 
ATOM   271  C CB  . VAL A 1 43  ? 6.212   -4.445  -17.431 1.00 27.85 ? 238 VAL A CB  1 
ATOM   272  C CG1 . VAL A 1 43  ? 5.032   -5.075  -16.694 1.00 24.50 ? 238 VAL A CG1 1 
ATOM   273  C CG2 . VAL A 1 43  ? 7.452   -5.327  -17.327 1.00 29.76 ? 238 VAL A CG2 1 
ATOM   274  N N   . ASN A 1 44  ? 3.574   -4.042  -19.654 1.00 25.36 ? 239 ASN A N   1 
ATOM   275  C CA  . ASN A 1 44  ? 2.252   -3.440  -19.779 1.00 25.93 ? 239 ASN A CA  1 
ATOM   276  C C   . ASN A 1 44  ? 2.310   -2.055  -20.432 1.00 28.66 ? 239 ASN A C   1 
ATOM   277  O O   . ASN A 1 44  ? 1.506   -1.178  -20.123 1.00 30.54 ? 239 ASN A O   1 
ATOM   278  C CB  . ASN A 1 44  ? 1.585   -3.361  -18.401 1.00 30.82 ? 239 ASN A CB  1 
ATOM   279  C CG  . ASN A 1 44  ? 0.084   -3.196  -18.492 1.00 30.36 ? 239 ASN A CG  1 
ATOM   280  O OD1 . ASN A 1 44  ? -0.533  -3.650  -19.450 1.00 33.24 ? 239 ASN A OD1 1 
ATOM   281  N ND2 . ASN A 1 44  ? -0.506  -2.538  -17.502 1.00 28.69 ? 239 ASN A ND2 1 
ATOM   282  N N   . GLY A 1 45  ? 3.281   -1.863  -21.320 1.00 29.77 ? 240 GLY A N   1 
ATOM   283  C CA  . GLY A 1 45  ? 3.412   -0.614  -22.048 1.00 30.34 ? 240 GLY A CA  1 
ATOM   284  C C   . GLY A 1 45  ? 4.232   0.465   -21.359 1.00 28.88 ? 240 GLY A C   1 
ATOM   285  O O   . GLY A 1 45  ? 4.379   1.563   -21.891 1.00 35.80 ? 240 GLY A O   1 
ATOM   286  N N   . PHE A 1 46  ? 4.766   0.167   -20.177 1.00 25.52 ? 241 PHE A N   1 
ATOM   287  C CA  . PHE A 1 46  ? 5.636   1.110   -19.475 1.00 23.44 ? 241 PHE A CA  1 
ATOM   288  C C   . PHE A 1 46  ? 7.072   0.590   -19.507 1.00 21.75 ? 241 PHE A C   1 
ATOM   289  O O   . PHE A 1 46  ? 7.303   -0.592  -19.259 1.00 25.81 ? 241 PHE A O   1 
ATOM   290  C CB  . PHE A 1 46  ? 5.207   1.278   -18.012 1.00 21.99 ? 241 PHE A CB  1 
ATOM   291  C CG  . PHE A 1 46  ? 3.770   1.715   -17.835 1.00 18.99 ? 241 PHE A CG  1 
ATOM   292  C CD1 . PHE A 1 46  ? 2.742   0.782   -17.849 1.00 21.36 ? 241 PHE A CD1 1 
ATOM   293  C CD2 . PHE A 1 46  ? 3.458   3.051   -17.645 1.00 23.88 ? 241 PHE A CD2 1 
ATOM   294  C CE1 . PHE A 1 46  ? 1.424   1.179   -17.684 1.00 21.38 ? 241 PHE A CE1 1 
ATOM   295  C CE2 . PHE A 1 46  ? 2.144   3.458   -17.479 1.00 23.36 ? 241 PHE A CE2 1 
ATOM   296  C CZ  . PHE A 1 46  ? 1.128   2.522   -17.495 1.00 22.99 ? 241 PHE A CZ  1 
ATOM   297  N N   . PRO A 1 47  ? 8.040   1.471   -19.795 1.00 23.99 ? 242 PRO A N   1 
ATOM   298  C CA  . PRO A 1 47  ? 9.410   0.958   -19.890 1.00 24.42 ? 242 PRO A CA  1 
ATOM   299  C C   . PRO A 1 47  ? 10.026  0.641   -18.535 1.00 22.56 ? 242 PRO A C   1 
ATOM   300  O O   . PRO A 1 47  ? 9.823   1.374   -17.566 1.00 22.84 ? 242 PRO A O   1 
ATOM   301  C CB  . PRO A 1 47  ? 10.167  2.114   -20.540 1.00 26.48 ? 242 PRO A CB  1 
ATOM   302  C CG  . PRO A 1 47  ? 9.436   3.328   -20.094 1.00 28.04 ? 242 PRO A CG  1 
ATOM   303  C CD  . PRO A 1 47  ? 7.975   2.925   -20.028 1.00 25.64 ? 242 PRO A CD  1 
ATOM   304  N N   . VAL A 1 48  ? 10.786  -0.449  -18.488 1.00 23.72 ? 243 VAL A N   1 
ATOM   305  C CA  . VAL A 1 48  ? 11.642  -0.738  -17.347 1.00 21.71 ? 243 VAL A CA  1 
ATOM   306  C C   . VAL A 1 48  ? 12.985  -0.093  -17.650 1.00 23.59 ? 243 VAL A C   1 
ATOM   307  O O   . VAL A 1 48  ? 13.739  -0.590  -18.491 1.00 28.12 ? 243 VAL A O   1 
ATOM   308  C CB  . VAL A 1 48  ? 11.814  -2.251  -17.157 1.00 23.95 ? 243 VAL A CB  1 
ATOM   309  C CG1 . VAL A 1 48  ? 12.744  -2.541  -15.976 1.00 25.50 ? 243 VAL A CG1 1 
ATOM   310  C CG2 . VAL A 1 48  ? 10.452  -2.924  -16.960 1.00 22.87 ? 243 VAL A CG2 1 
ATOM   311  N N   . ILE A 1 49  ? 13.281  1.023   -16.989 1.00 23.46 ? 244 ILE A N   1 
ATOM   312  C CA  . ILE A 1 49  ? 14.481  1.794   -17.338 1.00 24.19 ? 244 ILE A CA  1 
ATOM   313  C C   . ILE A 1 49  ? 15.756  1.296   -16.656 1.00 29.84 ? 244 ILE A C   1 
ATOM   314  O O   . ILE A 1 49  ? 16.862  1.713   -17.008 1.00 26.96 ? 244 ILE A O   1 
ATOM   315  C CB  . ILE A 1 49  ? 14.304  3.303   -17.087 1.00 21.64 ? 244 ILE A CB  1 
ATOM   316  C CG1 . ILE A 1 49  ? 14.061  3.595   -15.606 1.00 24.64 ? 244 ILE A CG1 1 
ATOM   317  C CG2 . ILE A 1 49  ? 13.178  3.861   -17.958 1.00 24.90 ? 244 ILE A CG2 1 
ATOM   318  C CD1 . ILE A 1 49  ? 14.177  5.065   -15.252 1.00 26.66 ? 244 ILE A CD1 1 
ATOM   319  N N   . GLY A 1 50  ? 15.604  0.397   -15.691 1.00 23.76 ? 245 GLY A N   1 
ATOM   320  C CA  . GLY A 1 50  ? 16.753  -0.183  -15.028 1.00 25.87 ? 245 GLY A CA  1 
ATOM   321  C C   . GLY A 1 50  ? 16.382  -0.949  -13.777 1.00 25.00 ? 245 GLY A C   1 
ATOM   322  O O   . GLY A 1 50  ? 15.202  -1.134  -13.469 1.00 23.26 ? 245 GLY A O   1 
ATOM   323  N N   . THR A 1 51  ? 17.402  -1.419  -13.070 1.00 24.14 ? 246 THR A N   1 
ATOM   324  C CA  . THR A 1 51  ? 17.209  -2.126  -11.817 1.00 21.72 ? 246 THR A CA  1 
ATOM   325  C C   . THR A 1 51  ? 17.068  -1.129  -10.678 1.00 19.58 ? 246 THR A C   1 
ATOM   326  O O   . THR A 1 51  ? 17.166  0.090   -10.871 1.00 21.46 ? 246 THR A O   1 
ATOM   327  C CB  . THR A 1 51  ? 18.407  -3.057  -11.516 1.00 22.45 ? 246 THR A CB  1 
ATOM   328  O OG1 . THR A 1 51  ? 19.549  -2.263  -11.160 1.00 25.98 ? 246 THR A OG1 1 
ATOM   329  C CG2 . THR A 1 51  ? 18.732  -3.898  -12.729 1.00 23.30 ? 246 THR A CG2 1 
ATOM   330  N N   . THR A 1 52  ? 16.851  -1.641  -9.477  1.00 19.38 ? 247 THR A N   1 
ATOM   331  C CA  . THR A 1 52  ? 16.752  -0.789  -8.308  1.00 21.31 ? 247 THR A CA  1 
ATOM   332  C C   . THR A 1 52  ? 18.058  -0.060  -7.963  1.00 22.60 ? 247 THR A C   1 
ATOM   333  O O   . THR A 1 52  ? 18.059  0.865   -7.152  1.00 23.07 ? 247 THR A O   1 
ATOM   334  C CB  . THR A 1 52  ? 16.249  -1.574  -7.098  1.00 26.35 ? 247 THR A CB  1 
ATOM   335  O OG1 . THR A 1 52  ? 17.137  -2.664  -6.835  1.00 23.42 ? 247 THR A OG1 1 
ATOM   336  C CG2 . THR A 1 52  ? 14.862  -2.132  -7.397  1.00 25.00 ? 247 THR A CG2 1 
ATOM   337  N N   . LEU A 1 53  ? 19.170  -0.461  -8.578  1.00 21.66 ? 248 LEU A N   1 
ATOM   338  C CA  . LEU A 1 53  ? 20.413  0.282   -8.369  1.00 20.25 ? 248 LEU A CA  1 
ATOM   339  C C   . LEU A 1 53  ? 20.327  1.725   -8.882  1.00 24.57 ? 248 LEU A C   1 
ATOM   340  O O   . LEU A 1 53  ? 21.072  2.593   -8.425  1.00 22.70 ? 248 LEU A O   1 
ATOM   341  C CB  . LEU A 1 53  ? 21.619  -0.455  -8.981  1.00 17.45 ? 248 LEU A CB  1 
ATOM   342  C CG  . LEU A 1 53  ? 21.920  -1.783  -8.285  1.00 19.65 ? 248 LEU A CG  1 
ATOM   343  C CD1 . LEU A 1 53  ? 23.011  -2.563  -9.026  1.00 23.86 ? 248 LEU A CD1 1 
ATOM   344  C CD2 . LEU A 1 53  ? 22.297  -1.570  -6.825  1.00 23.40 ? 248 LEU A CD2 1 
ATOM   345  N N   . LEU A 1 54  ? 19.411  1.994   -9.813  1.00 20.80 ? 249 LEU A N   1 
ATOM   346  C CA  . LEU A 1 54  ? 19.246  3.365   -10.304 1.00 23.74 ? 249 LEU A CA  1 
ATOM   347  C C   . LEU A 1 54  ? 18.820  4.329   -9.202  1.00 25.58 ? 249 LEU A C   1 
ATOM   348  O O   . LEU A 1 54  ? 19.116  5.517   -9.278  1.00 27.71 ? 249 LEU A O   1 
ATOM   349  C CB  . LEU A 1 54  ? 18.253  3.439   -11.467 1.00 25.72 ? 249 LEU A CB  1 
ATOM   350  C CG  . LEU A 1 54  ? 18.628  2.745   -12.777 1.00 27.60 ? 249 LEU A CG  1 
ATOM   351  C CD1 . LEU A 1 54  ? 17.630  3.120   -13.881 1.00 26.46 ? 249 LEU A CD1 1 
ATOM   352  C CD2 . LEU A 1 54  ? 20.048  3.085   -13.192 1.00 35.91 ? 249 LEU A CD2 1 
ATOM   353  N N   . LEU A 1 55  ? 18.126  3.825   -8.184  1.00 22.76 ? 250 LEU A N   1 
ATOM   354  C CA  . LEU A 1 55  ? 17.612  4.692   -7.120  1.00 23.79 ? 250 LEU A CA  1 
ATOM   355  C C   . LEU A 1 55  ? 18.728  5.431   -6.386  1.00 29.48 ? 250 LEU A C   1 
ATOM   356  O O   . LEU A 1 55  ? 18.670  6.646   -6.192  1.00 26.45 ? 250 LEU A O   1 
ATOM   357  C CB  . LEU A 1 55  ? 16.772  3.891   -6.117  1.00 27.11 ? 250 LEU A CB  1 
ATOM   358  C CG  . LEU A 1 55  ? 16.066  4.708   -5.030  1.00 26.50 ? 250 LEU A CG  1 
ATOM   359  C CD1 . LEU A 1 55  ? 15.006  5.600   -5.660  1.00 29.89 ? 250 LEU A CD1 1 
ATOM   360  C CD2 . LEU A 1 55  ? 15.447  3.796   -3.976  1.00 26.30 ? 250 LEU A CD2 1 
ATOM   361  N N   . GLU A 1 56  ? 19.747  4.685   -5.980  1.00 30.18 ? 251 GLU A N   1 
ATOM   362  C CA  . GLU A 1 56  ? 20.837  5.257   -5.205  1.00 30.38 ? 251 GLU A CA  1 
ATOM   363  C C   . GLU A 1 56  ? 21.850  5.949   -6.110  1.00 31.66 ? 251 GLU A C   1 
ATOM   364  O O   . GLU A 1 56  ? 22.518  6.905   -5.696  1.00 34.12 ? 251 GLU A O   1 
ATOM   365  C CB  . GLU A 1 56  ? 21.524  4.164   -4.374  1.00 32.52 ? 251 GLU A CB  1 
ATOM   366  C CG  . GLU A 1 56  ? 20.628  3.512   -3.315  1.00 36.48 ? 251 GLU A CG  1 
ATOM   367  C CD  . GLU A 1 56  ? 19.797  2.344   -3.850  1.00 42.77 ? 251 GLU A CD  1 
ATOM   368  O OE1 . GLU A 1 56  ? 19.862  2.054   -5.065  1.00 30.50 ? 251 GLU A OE1 1 
ATOM   369  O OE2 . GLU A 1 56  ? 19.075  1.711   -3.046  1.00 49.04 ? 251 GLU A OE2 1 
ATOM   370  N N   . ASN A 1 57  ? 21.937  5.488   -7.354  1.00 26.67 ? 252 ASN A N   1 
ATOM   371  C CA  . ASN A 1 57  ? 23.035  5.875   -8.241  1.00 27.80 ? 252 ASN A CA  1 
ATOM   372  C C   . ASN A 1 57  ? 22.714  6.863   -9.366  1.00 32.85 ? 252 ASN A C   1 
ATOM   373  O O   . ASN A 1 57  ? 23.603  7.571   -9.830  1.00 35.68 ? 252 ASN A O   1 
ATOM   374  C CB  . ASN A 1 57  ? 23.669  4.626   -8.868  1.00 27.06 ? 252 ASN A CB  1 
ATOM   375  C CG  . ASN A 1 57  ? 24.447  3.790   -7.861  1.00 31.04 ? 252 ASN A CG  1 
ATOM   376  O OD1 . ASN A 1 57  ? 25.563  4.148   -7.471  1.00 27.49 ? 252 ASN A OD1 1 
ATOM   377  N ND2 . ASN A 1 57  ? 23.871  2.657   -7.453  1.00 25.17 ? 252 ASN A ND2 1 
ATOM   378  N N   . SER A 1 58  ? 21.466  6.911   -9.822  1.00 28.54 ? 253 SER A N   1 
ATOM   379  C CA  . SER A 1 58  ? 21.188  7.604   -11.083 1.00 27.98 ? 253 SER A CA  1 
ATOM   380  C C   . SER A 1 58  ? 20.041  8.605   -11.040 1.00 34.47 ? 253 SER A C   1 
ATOM   381  O O   . SER A 1 58  ? 20.197  9.755   -11.453 1.00 32.64 ? 253 SER A O   1 
ATOM   382  C CB  . SER A 1 58  ? 20.935  6.587   -12.194 1.00 30.55 ? 253 SER A CB  1 
ATOM   383  O OG  . SER A 1 58  ? 21.996  5.656   -12.265 1.00 39.31 ? 253 SER A OG  1 
ATOM   384  N N   . LEU A 1 59  ? 18.885  8.166   -10.564 1.00 30.28 ? 254 LEU A N   1 
ATOM   385  C CA  . LEU A 1 59  ? 17.706  9.023   -10.564 1.00 27.18 ? 254 LEU A CA  1 
ATOM   386  C C   . LEU A 1 59  ? 17.880  10.248  -9.685  1.00 22.97 ? 254 LEU A C   1 
ATOM   387  O O   . LEU A 1 59  ? 18.372  10.156  -8.564  1.00 29.70 ? 254 LEU A O   1 
ATOM   388  C CB  . LEU A 1 59  ? 16.477  8.244   -10.090 1.00 27.14 ? 254 LEU A CB  1 
ATOM   389  C CG  . LEU A 1 59  ? 16.138  6.974   -10.870 1.00 29.53 ? 254 LEU A CG  1 
ATOM   390  C CD1 . LEU A 1 59  ? 14.764  6.492   -10.446 1.00 27.27 ? 254 LEU A CD1 1 
ATOM   391  C CD2 . LEU A 1 59  ? 16.186  7.197   -12.379 1.00 30.22 ? 254 LEU A CD2 1 
ATOM   392  N N   . SER A 1 60  ? 17.438  11.396  -10.190 1.00 27.25 ? 255 SER A N   1 
ATOM   393  C CA  . SER A 1 60  ? 17.437  12.617  -9.401  1.00 29.82 ? 255 SER A CA  1 
ATOM   394  C C   . SER A 1 60  ? 16.082  12.839  -8.760  1.00 26.21 ? 255 SER A C   1 
ATOM   395  O O   . SER A 1 60  ? 15.056  12.759  -9.441  1.00 30.02 ? 255 SER A O   1 
ATOM   396  C CB  . SER A 1 60  ? 17.753  13.828  -10.278 1.00 29.34 ? 255 SER A CB  1 
ATOM   397  O OG  . SER A 1 60  ? 17.489  15.024  -9.558  1.00 32.07 ? 255 SER A OG  1 
ATOM   398  N N   . PRO A 1 61  ? 16.074  13.151  -7.457  1.00 27.47 ? 256 PRO A N   1 
ATOM   399  C CA  . PRO A 1 61  ? 14.830  13.481  -6.758  1.00 28.52 ? 256 PRO A CA  1 
ATOM   400  C C   . PRO A 1 61  ? 14.195  14.760  -7.298  1.00 31.97 ? 256 PRO A C   1 
ATOM   401  O O   . PRO A 1 61  ? 13.050  15.056  -6.968  1.00 32.31 ? 256 PRO A O   1 
ATOM   402  C CB  . PRO A 1 61  ? 15.284  13.694  -5.312  1.00 29.20 ? 256 PRO A CB  1 
ATOM   403  C CG  . PRO A 1 61  ? 16.565  12.973  -5.195  1.00 31.42 ? 256 PRO A CG  1 
ATOM   404  C CD  . PRO A 1 61  ? 17.222  13.105  -6.538  1.00 28.00 ? 256 PRO A CD  1 
ATOM   405  N N   . GLU A 1 62  ? 14.931  15.512  -8.110  1.00 33.45 ? 257 GLU A N   1 
ATOM   406  C CA  . GLU A 1 62  ? 14.392  16.725  -8.711  1.00 32.55 ? 257 GLU A CA  1 
ATOM   407  C C   . GLU A 1 62  ? 13.634  16.407  -9.999  1.00 36.39 ? 257 GLU A C   1 
ATOM   408  O O   . GLU A 1 62  ? 13.014  17.286  -10.602 1.00 39.87 ? 257 GLU A O   1 
ATOM   409  C CB  . GLU A 1 62  ? 15.517  17.732  -8.992  1.00 35.77 ? 257 GLU A CB  1 
ATOM   410  C CG  . GLU A 1 62  ? 16.213  18.251  -7.742  1.00 33.59 ? 257 GLU A CG  1 
ATOM   411  N N   . GLN A 1 63  ? 13.682  15.146  -10.419 1.00 30.28 ? 258 GLN A N   1 
ATOM   412  C CA  . GLN A 1 63  ? 13.063  14.753  -11.678 1.00 29.60 ? 258 GLN A CA  1 
ATOM   413  C C   . GLN A 1 63  ? 12.060  13.620  -11.504 1.00 29.57 ? 258 GLN A C   1 
ATOM   414  O O   . GLN A 1 63  ? 11.082  13.542  -12.244 1.00 30.20 ? 258 GLN A O   1 
ATOM   415  C CB  . GLN A 1 63  ? 14.119  14.336  -12.701 1.00 29.61 ? 258 GLN A CB  1 
ATOM   416  N N   . PHE A 1 64  ? 12.319  12.732  -10.549 1.00 27.80 ? 259 PHE A N   1 
ATOM   417  C CA  . PHE A 1 64  ? 11.438  11.574  -10.338 1.00 24.83 ? 259 PHE A CA  1 
ATOM   418  C C   . PHE A 1 64  ? 10.790  11.552  -8.976  1.00 26.23 ? 259 PHE A C   1 
ATOM   419  O O   . PHE A 1 64  ? 11.467  11.670  -7.951  1.00 24.14 ? 259 PHE A O   1 
ATOM   420  C CB  . PHE A 1 64  ? 12.210  10.260  -10.472 1.00 23.87 ? 259 PHE A CB  1 
ATOM   421  C CG  . PHE A 1 64  ? 12.594  9.927   -11.866 1.00 25.26 ? 259 PHE A CG  1 
ATOM   422  C CD1 . PHE A 1 64  ? 13.785  10.399  -12.398 1.00 27.13 ? 259 PHE A CD1 1 
ATOM   423  C CD2 . PHE A 1 64  ? 11.767  9.148   -12.660 1.00 26.52 ? 259 PHE A CD2 1 
ATOM   424  C CE1 . PHE A 1 64  ? 14.139  10.094  -13.689 1.00 26.89 ? 259 PHE A CE1 1 
ATOM   425  C CE2 . PHE A 1 64  ? 12.118  8.842   -13.953 1.00 30.92 ? 259 PHE A CE2 1 
ATOM   426  C CZ  . PHE A 1 64  ? 13.308  9.320   -14.470 1.00 30.46 ? 259 PHE A CZ  1 
ATOM   427  N N   . ASP A 1 65  ? 9.473   11.363  -8.978  1.00 22.30 ? 260 ASP A N   1 
ATOM   428  C CA  . ASP A 1 65  ? 8.761   10.858  -7.817  1.00 22.00 ? 260 ASP A CA  1 
ATOM   429  C C   . ASP A 1 65  ? 8.953   9.342   -7.775  1.00 18.73 ? 260 ASP A C   1 
ATOM   430  O O   . ASP A 1 65  ? 9.211   8.717   -8.801  1.00 21.36 ? 260 ASP A O   1 
ATOM   431  C CB  . ASP A 1 65  ? 7.263   11.142  -7.938  1.00 24.61 ? 260 ASP A CB  1 
ATOM   432  C CG  . ASP A 1 65  ? 6.902   12.580  -7.625  1.00 31.71 ? 260 ASP A CG  1 
ATOM   433  O OD1 . ASP A 1 65  ? 7.775   13.346  -7.168  1.00 29.14 ? 260 ASP A OD1 1 
ATOM   434  O OD2 . ASP A 1 65  ? 5.724   12.930  -7.815  1.00 31.16 ? 260 ASP A OD2 1 
ATOM   435  N N   . ILE A 1 66  ? 8.808   8.762   -6.587  1.00 21.11 ? 261 ILE A N   1 
ATOM   436  C CA  . ILE A 1 66  ? 8.953   7.321   -6.411  1.00 19.43 ? 261 ILE A CA  1 
ATOM   437  C C   . ILE A 1 66  ? 7.691   6.735   -5.791  1.00 18.81 ? 261 ILE A C   1 
ATOM   438  O O   . ILE A 1 66  ? 7.107   7.313   -4.881  1.00 20.33 ? 261 ILE A O   1 
ATOM   439  C CB  . ILE A 1 66  ? 10.137  6.998   -5.478  1.00 18.70 ? 261 ILE A CB  1 
ATOM   440  C CG1 . ILE A 1 66  ? 11.438  7.575   -6.047  1.00 20.22 ? 261 ILE A CG1 1 
ATOM   441  C CG2 . ILE A 1 66  ? 10.274  5.498   -5.240  1.00 20.87 ? 261 ILE A CG2 1 
ATOM   442  C CD1 . ILE A 1 66  ? 11.813  7.013   -7.391  1.00 20.20 ? 261 ILE A CD1 1 
ATOM   443  N N   . THR A 1 67  ? 7.270   5.583   -6.289  1.00 16.70 ? 262 THR A N   1 
ATOM   444  C CA  . THR A 1 67  ? 6.334   4.765   -5.530  1.00 18.10 ? 262 THR A CA  1 
ATOM   445  C C   . THR A 1 67  ? 6.886   3.345   -5.479  1.00 18.41 ? 262 THR A C   1 
ATOM   446  O O   . THR A 1 67  ? 7.478   2.872   -6.448  1.00 20.02 ? 262 THR A O   1 
ATOM   447  C CB  . THR A 1 67  ? 4.902   4.823   -6.113  1.00 21.82 ? 262 THR A CB  1 
ATOM   448  O OG1 . THR A 1 67  ? 4.020   4.116   -5.237  1.00 23.53 ? 262 THR A OG1 1 
ATOM   449  C CG2 . THR A 1 67  ? 4.847   4.226   -7.529  1.00 22.33 ? 262 THR A CG2 1 
ATOM   450  N N   . VAL A 1 68  ? 6.728   2.682   -4.339  1.00 16.81 ? 263 VAL A N   1 
ATOM   451  C CA  . VAL A 1 68  ? 7.260   1.330   -4.185  1.00 16.98 ? 263 VAL A CA  1 
ATOM   452  C C   . VAL A 1 68  ? 6.143   0.297   -4.307  1.00 17.79 ? 263 VAL A C   1 
ATOM   453  O O   . VAL A 1 68  ? 5.400   0.046   -3.349  1.00 19.64 ? 263 VAL A O   1 
ATOM   454  C CB  . VAL A 1 68  ? 8.013   1.165   -2.849  1.00 19.77 ? 263 VAL A CB  1 
ATOM   455  C CG1 . VAL A 1 68  ? 8.669   -0.206  -2.762  1.00 20.07 ? 263 VAL A CG1 1 
ATOM   456  C CG2 . VAL A 1 68  ? 9.056   2.285   -2.697  1.00 19.72 ? 263 VAL A CG2 1 
ATOM   457  N N   . ALA A 1 69  ? 6.040   -0.299  -5.492  1.00 18.36 ? 264 ALA A N   1 
ATOM   458  C CA  . ALA A 1 69  ? 4.982   -1.261  -5.783  1.00 17.39 ? 264 ALA A CA  1 
ATOM   459  C C   . ALA A 1 69  ? 5.453   -2.673  -5.483  1.00 16.12 ? 264 ALA A C   1 
ATOM   460  O O   . ALA A 1 69  ? 5.592   -3.505  -6.388  1.00 19.57 ? 264 ALA A O   1 
ATOM   461  C CB  . ALA A 1 69  ? 4.544   -1.148  -7.230  1.00 19.28 ? 264 ALA A CB  1 
ATOM   462  N N   . VAL A 1 70  ? 5.704   -2.927  -4.207  1.00 15.05 ? 265 VAL A N   1 
ATOM   463  C CA  . VAL A 1 70  ? 6.081   -4.251  -3.732  1.00 16.04 ? 265 VAL A CA  1 
ATOM   464  C C   . VAL A 1 70  ? 5.068   -4.651  -2.668  1.00 18.13 ? 265 VAL A C   1 
ATOM   465  O O   . VAL A 1 70  ? 4.870   -3.927  -1.693  1.00 17.87 ? 265 VAL A O   1 
ATOM   466  C CB  . VAL A 1 70  ? 7.509   -4.237  -3.134  1.00 17.48 ? 265 VAL A CB  1 
ATOM   467  C CG1 . VAL A 1 70  ? 7.811   -5.538  -2.388  1.00 19.79 ? 265 VAL A CG1 1 
ATOM   468  C CG2 . VAL A 1 70  ? 8.548   -3.977  -4.239  1.00 20.87 ? 265 VAL A CG2 1 
ATOM   469  N N   . GLY A 1 71  ? 4.404   -5.791  -2.869  1.00 17.96 ? 266 GLY A N   1 
ATOM   470  C CA  . GLY A 1 71  ? 3.373   -6.226  -1.938  1.00 18.56 ? 266 GLY A CA  1 
ATOM   471  C C   . GLY A 1 71  ? 3.926   -6.603  -0.575  1.00 20.53 ? 266 GLY A C   1 
ATOM   472  O O   . GLY A 1 71  ? 3.348   -6.268  0.458   1.00 18.13 ? 266 GLY A O   1 
ATOM   473  N N   . ASN A 1 72  ? 5.057   -7.301  -0.565  1.00 18.68 ? 267 ASN A N   1 
ATOM   474  C CA  . ASN A 1 72  ? 5.679   -7.704  0.685   1.00 20.99 ? 267 ASN A CA  1 
ATOM   475  C C   . ASN A 1 72  ? 5.964   -6.499  1.568   1.00 19.25 ? 267 ASN A C   1 
ATOM   476  O O   . ASN A 1 72  ? 6.676   -5.588  1.152   1.00 19.61 ? 267 ASN A O   1 
ATOM   477  C CB  . ASN A 1 72  ? 6.985   -8.445  0.402   1.00 21.05 ? 267 ASN A CB  1 
ATOM   478  C CG  . ASN A 1 72  ? 7.635   -8.951  1.667   1.00 23.71 ? 267 ASN A CG  1 
ATOM   479  O OD1 . ASN A 1 72  ? 8.329   -8.211  2.358   1.00 23.69 ? 267 ASN A OD1 1 
ATOM   480  N ND2 . ASN A 1 72  ? 7.385   -10.214 1.997   1.00 30.05 ? 267 ASN A ND2 1 
ATOM   481  N N   . ASN A 1 73  ? 5.390   -6.484  2.771   1.00 17.77 ? 268 ASN A N   1 
ATOM   482  C CA  . ASN A 1 73  ? 5.422   -5.284  3.600   1.00 18.41 ? 268 ASN A CA  1 
ATOM   483  C C   . ASN A 1 73  ? 6.825   -4.930  4.104   1.00 18.85 ? 268 ASN A C   1 
ATOM   484  O O   . ASN A 1 73  ? 7.189   -3.755  4.152   1.00 21.15 ? 268 ASN A O   1 
ATOM   485  C CB  . ASN A 1 73  ? 4.444   -5.383  4.771   1.00 18.09 ? 268 ASN A CB  1 
ATOM   486  C CG  . ASN A 1 73  ? 2.988   -5.406  4.318   1.00 17.26 ? 268 ASN A CG  1 
ATOM   487  O OD1 . ASN A 1 73  ? 2.657   -4.956  3.220   1.00 17.41 ? 268 ASN A OD1 1 
ATOM   488  N ND2 . ASN A 1 73  ? 2.110   -5.911  5.180   1.00 18.34 ? 268 ASN A ND2 1 
ATOM   489  N N   . ARG A 1 74  ? 7.608   -5.944  4.466   1.00 21.20 ? 269 ARG A N   1 
ATOM   490  C CA  . ARG A 1 74  ? 8.975   -5.698  4.922   1.00 23.39 ? 269 ARG A CA  1 
ATOM   491  C C   . ARG A 1 74  ? 9.848   -5.111  3.811   1.00 22.05 ? 269 ARG A C   1 
ATOM   492  O O   . ARG A 1 74  ? 10.562  -4.124  4.023   1.00 21.68 ? 269 ARG A O   1 
ATOM   493  C CB  . ARG A 1 74  ? 9.603   -6.981  5.489   1.00 24.98 ? 269 ARG A CB  1 
ATOM   494  C CG  . ARG A 1 74  ? 11.089  -6.847  5.833   1.00 30.72 ? 269 ARG A CG  1 
ATOM   495  C CD  . ARG A 1 74  ? 11.359  -5.676  6.776   1.00 32.44 ? 269 ARG A CD  1 
ATOM   496  N NE  . ARG A 1 74  ? 10.553  -5.748  7.989   1.00 33.97 ? 269 ARG A NE  1 
ATOM   497  C CZ  . ARG A 1 74  ? 10.912  -6.405  9.085   1.00 40.17 ? 269 ARG A CZ  1 
ATOM   498  N NH1 . ARG A 1 74  ? 12.081  -7.037  9.132   1.00 38.21 ? 269 ARG A NH1 1 
ATOM   499  N NH2 . ARG A 1 74  ? 10.107  -6.419  10.136  1.00 36.77 ? 269 ARG A NH2 1 
ATOM   500  N N   . ILE A 1 75  ? 9.794   -5.703  2.625   1.00 20.47 ? 270 ILE A N   1 
ATOM   501  C CA  . ILE A 1 75  ? 10.566  -5.171  1.509   1.00 22.01 ? 270 ILE A CA  1 
ATOM   502  C C   . ILE A 1 75  ? 10.087  -3.775  1.099   1.00 23.59 ? 270 ILE A C   1 
ATOM   503  O O   . ILE A 1 75  ? 10.892  -2.886  0.809   1.00 20.79 ? 270 ILE A O   1 
ATOM   504  C CB  . ILE A 1 75  ? 10.565  -6.132  0.314   1.00 19.12 ? 270 ILE A CB  1 
ATOM   505  C CG1 . ILE A 1 75  ? 11.170  -7.475  0.737   1.00 24.34 ? 270 ILE A CG1 1 
ATOM   506  C CG2 . ILE A 1 75  ? 11.332  -5.529  -0.867  1.00 22.06 ? 270 ILE A CG2 1 
ATOM   507  C CD1 . ILE A 1 75  ? 11.222  -8.500  -0.363  1.00 29.12 ? 270 ILE A CD1 1 
ATOM   508  N N   . ARG A 1 76  ? 8.774   -3.565  1.092   1.00 19.89 ? 271 ARG A N   1 
ATOM   509  C CA  . ARG A 1 76  ? 8.270   -2.233  0.771   1.00 19.82 ? 271 ARG A CA  1 
ATOM   510  C C   . ARG A 1 76  ? 8.813   -1.222  1.769   1.00 18.30 ? 271 ARG A C   1 
ATOM   511  O O   . ARG A 1 76  ? 9.199   -0.118  1.389   1.00 20.80 ? 271 ARG A O   1 
ATOM   512  C CB  . ARG A 1 76  ? 6.737   -2.189  0.763   1.00 17.58 ? 271 ARG A CB  1 
ATOM   513  C CG  . ARG A 1 76  ? 6.188   -0.864  0.207   1.00 19.87 ? 271 ARG A CG  1 
ATOM   514  C CD  . ARG A 1 76  ? 4.710   -0.961  -0.206  1.00 16.62 ? 271 ARG A CD  1 
ATOM   515  N NE  . ARG A 1 76  ? 3.788   -1.015  0.929   1.00 17.06 ? 271 ARG A NE  1 
ATOM   516  C CZ  . ARG A 1 76  ? 3.336   -2.140  1.481   1.00 18.12 ? 271 ARG A CZ  1 
ATOM   517  N NH1 . ARG A 1 76  ? 2.499   -2.090  2.509   1.00 16.35 ? 271 ARG A NH1 1 
ATOM   518  N NH2 . ARG A 1 76  ? 3.734   -3.315  1.014   1.00 18.03 ? 271 ARG A NH2 1 
ATOM   519  N N   . ARG A 1 77  ? 8.849   -1.610  3.043   1.00 17.53 ? 272 ARG A N   1 
ATOM   520  C CA  . ARG A 1 77  ? 9.382   -0.739  4.081   1.00 23.45 ? 272 ARG A CA  1 
ATOM   521  C C   . ARG A 1 77  ? 10.840  -0.402  3.799   1.00 23.62 ? 272 ARG A C   1 
ATOM   522  O O   . ARG A 1 77  ? 11.231  0.758   3.839   1.00 21.40 ? 272 ARG A O   1 
ATOM   523  C CB  . ARG A 1 77  ? 9.274   -1.371  5.468   1.00 22.13 ? 272 ARG A CB  1 
ATOM   524  C CG  . ARG A 1 77  ? 9.879   -0.469  6.544   1.00 23.25 ? 272 ARG A CG  1 
ATOM   525  C CD  . ARG A 1 77  ? 9.752   -1.029  7.950   1.00 29.76 ? 272 ARG A CD  1 
ATOM   526  N NE  . ARG A 1 77  ? 9.772   0.058   8.925   1.00 45.65 ? 272 ARG A NE  1 
ATOM   527  C CZ  . ARG A 1 77  ? 8.734   0.400   9.678   1.00 44.79 ? 272 ARG A CZ  1 
ATOM   528  N NH1 . ARG A 1 77  ? 7.602   -0.281  9.586   1.00 39.52 ? 272 ARG A NH1 1 
ATOM   529  N NH2 . ARG A 1 77  ? 8.830   1.409   10.535  1.00 46.56 ? 272 ARG A NH2 1 
ATOM   530  N N   . GLN A 1 78  ? 11.635  -1.423  3.499   1.00 22.31 ? 273 GLN A N   1 
ATOM   531  C CA  . GLN A 1 78  ? 13.070  -1.216  3.279   1.00 22.61 ? 273 GLN A CA  1 
ATOM   532  C C   . GLN A 1 78  ? 13.343  -0.258  2.123   1.00 22.71 ? 273 GLN A C   1 
ATOM   533  O O   . GLN A 1 78  ? 14.114  0.687   2.263   1.00 23.02 ? 273 GLN A O   1 
ATOM   534  C CB  . GLN A 1 78  ? 13.775  -2.552  3.046   1.00 21.78 ? 273 GLN A CB  1 
ATOM   535  C CG  . GLN A 1 78  ? 13.788  -3.440  4.273   1.00 27.53 ? 273 GLN A CG  1 
ATOM   536  C CD  . GLN A 1 78  ? 14.319  -4.827  3.977   1.00 33.20 ? 273 GLN A CD  1 
ATOM   537  O OE1 . GLN A 1 78  ? 14.232  -5.308  2.848   1.00 36.31 ? 273 GLN A OE1 1 
ATOM   538  N NE2 . GLN A 1 78  ? 14.879  -5.478  4.991   1.00 39.02 ? 273 GLN A NE2 1 
ATOM   539  N N   . ILE A 1 79  ? 12.690  -0.489  0.991   1.00 20.14 ? 274 ILE A N   1 
ATOM   540  C CA  . ILE A 1 79  ? 12.881  0.348   -0.186  1.00 21.41 ? 274 ILE A CA  1 
ATOM   541  C C   . ILE A 1 79  ? 12.328  1.767   0.010   1.00 22.84 ? 274 ILE A C   1 
ATOM   542  O O   . ILE A 1 79  ? 12.956  2.746   -0.396  1.00 23.08 ? 274 ILE A O   1 
ATOM   543  C CB  . ILE A 1 79  ? 12.268  -0.315  -1.452  1.00 19.99 ? 274 ILE A CB  1 
ATOM   544  C CG1 . ILE A 1 79  ? 12.886  -1.704  -1.681  1.00 20.32 ? 274 ILE A CG1 1 
ATOM   545  C CG2 . ILE A 1 79  ? 12.448  0.580   -2.676  1.00 21.09 ? 274 ILE A CG2 1 
ATOM   546  C CD1 . ILE A 1 79  ? 12.273  -2.466  -2.853  1.00 23.13 ? 274 ILE A CD1 1 
ATOM   547  N N   . THR A 1 80  ? 11.159  1.882   0.642   1.00 19.61 ? 275 THR A N   1 
ATOM   548  C CA  . THR A 1 80  ? 10.548  3.188   0.863   1.00 19.67 ? 275 THR A CA  1 
ATOM   549  C C   . THR A 1 80  ? 11.422  4.046   1.768   1.00 24.45 ? 275 THR A C   1 
ATOM   550  O O   . THR A 1 80  ? 11.653  5.220   1.490   1.00 24.77 ? 275 THR A O   1 
ATOM   551  C CB  . THR A 1 80  ? 9.156   3.054   1.497   1.00 20.21 ? 275 THR A CB  1 
ATOM   552  O OG1 . THR A 1 80  ? 8.311   2.325   0.603   1.00 19.40 ? 275 THR A OG1 1 
ATOM   553  C CG2 . THR A 1 80  ? 8.539   4.427   1.745   1.00 20.63 ? 275 THR A CG2 1 
ATOM   554  N N   . GLU A 1 81  ? 11.926  3.440   2.838   1.00 25.11 ? 276 GLU A N   1 
ATOM   555  C CA  . GLU A 1 81  ? 12.765  4.168   3.782   1.00 29.64 ? 276 GLU A CA  1 
ATOM   556  C C   . GLU A 1 81  ? 14.067  4.608   3.125   1.00 28.12 ? 276 GLU A C   1 
ATOM   557  O O   . GLU A 1 81  ? 14.586  5.679   3.432   1.00 29.86 ? 276 GLU A O   1 
ATOM   558  C CB  . GLU A 1 81  ? 13.021  3.336   5.039   1.00 26.29 ? 276 GLU A CB  1 
ATOM   559  C CG  . GLU A 1 81  ? 11.777  3.204   5.904   1.00 24.67 ? 276 GLU A CG  1 
ATOM   560  C CD  . GLU A 1 81  ? 12.013  2.398   7.165   1.00 34.35 ? 276 GLU A CD  1 
ATOM   561  O OE1 . GLU A 1 81  ? 13.081  1.756   7.269   1.00 33.95 ? 276 GLU A OE1 1 
ATOM   562  O OE2 . GLU A 1 81  ? 11.124  2.405   8.045   1.00 30.05 ? 276 GLU A OE2 1 
ATOM   563  N N   . ASN A 1 82  ? 14.573  3.792   2.209   1.00 25.58 ? 277 ASN A N   1 
ATOM   564  C CA  . ASN A 1 82  ? 15.775  4.141   1.465   1.00 26.43 ? 277 ASN A CA  1 
ATOM   565  C C   . ASN A 1 82  ? 15.509  5.298   0.499   1.00 30.42 ? 277 ASN A C   1 
ATOM   566  O O   . ASN A 1 82  ? 16.304  6.235   0.395   1.00 27.94 ? 277 ASN A O   1 
ATOM   567  C CB  . ASN A 1 82  ? 16.327  2.923   0.723   1.00 28.10 ? 277 ASN A CB  1 
ATOM   568  C CG  . ASN A 1 82  ? 17.602  3.229   -0.030  1.00 32.85 ? 277 ASN A CG  1 
ATOM   569  O OD1 . ASN A 1 82  ? 17.578  3.464   -1.239  1.00 43.06 ? 277 ASN A OD1 1 
ATOM   570  N ND2 . ASN A 1 82  ? 18.728  3.234   0.682   1.00 43.34 ? 277 ASN A ND2 1 
ATOM   571  N N   . ALA A 1 83  ? 14.382  5.237   -0.205  1.00 24.03 ? 278 ALA A N   1 
ATOM   572  C CA  . ALA A 1 83  ? 14.008  6.327   -1.085  1.00 23.44 ? 278 ALA A CA  1 
ATOM   573  C C   . ALA A 1 83  ? 13.833  7.640   -0.321  1.00 25.66 ? 278 ALA A C   1 
ATOM   574  O O   . ALA A 1 83  ? 14.296  8.693   -0.768  1.00 26.57 ? 278 ALA A O   1 
ATOM   575  C CB  . ALA A 1 83  ? 12.727  5.973   -1.858  1.00 24.92 ? 278 ALA A CB  1 
ATOM   576  N N   . ALA A 1 84  ? 13.168  7.578   0.830   1.00 23.39 ? 279 ALA A N   1 
ATOM   577  C CA  . ALA A 1 84  ? 12.919  8.768   1.631   1.00 23.74 ? 279 ALA A CA  1 
ATOM   578  C C   . ALA A 1 84  ? 14.250  9.356   2.088   1.00 27.55 ? 279 ALA A C   1 
ATOM   579  O O   . ALA A 1 84  ? 14.437  10.572  2.060   1.00 29.08 ? 279 ALA A O   1 
ATOM   580  C CB  . ALA A 1 84  ? 12.044  8.434   2.829   1.00 28.25 ? 279 ALA A CB  1 
ATOM   581  N N   . ALA A 1 85  ? 15.168  8.475   2.481   1.00 30.84 ? 280 ALA A N   1 
ATOM   582  C CA  . ALA A 1 85  ? 16.493  8.882   2.957   1.00 32.25 ? 280 ALA A CA  1 
ATOM   583  C C   . ALA A 1 85  ? 17.331  9.532   1.862   1.00 34.37 ? 280 ALA A C   1 
ATOM   584  O O   . ALA A 1 85  ? 18.198  10.364  2.150   1.00 33.53 ? 280 ALA A O   1 
ATOM   585  C CB  . ALA A 1 85  ? 17.235  7.684   3.556   1.00 25.86 ? 280 ALA A CB  1 
ATOM   586  N N   . LEU A 1 86  ? 17.090  9.144   0.612   1.00 29.45 ? 281 LEU A N   1 
ATOM   587  C CA  . LEU A 1 86  ? 17.794  9.724   -0.529  1.00 30.73 ? 281 LEU A CA  1 
ATOM   588  C C   . LEU A 1 86  ? 17.117  11.000  -1.034  1.00 29.97 ? 281 LEU A C   1 
ATOM   589  O O   . LEU A 1 86  ? 17.539  11.574  -2.034  1.00 33.08 ? 281 LEU A O   1 
ATOM   590  C CB  . LEU A 1 86  ? 17.917  8.710   -1.670  1.00 27.32 ? 281 LEU A CB  1 
ATOM   591  C CG  . LEU A 1 86  ? 18.725  7.441   -1.391  1.00 33.08 ? 281 LEU A CG  1 
ATOM   592  C CD1 . LEU A 1 86  ? 18.523  6.416   -2.500  1.00 30.11 ? 281 LEU A CD1 1 
ATOM   593  C CD2 . LEU A 1 86  ? 20.199  7.790   -1.243  1.00 32.54 ? 281 LEU A CD2 1 
ATOM   594  N N   . GLY A 1 87  ? 16.053  11.422  -0.355  1.00 30.17 ? 282 GLY A N   1 
ATOM   595  C CA  . GLY A 1 87  ? 15.413  12.693  -0.644  1.00 28.98 ? 282 GLY A CA  1 
ATOM   596  C C   . GLY A 1 87  ? 14.335  12.670  -1.715  1.00 34.01 ? 282 GLY A C   1 
ATOM   597  O O   . GLY A 1 87  ? 13.918  13.722  -2.198  1.00 29.00 ? 282 GLY A O   1 
ATOM   598  N N   . PHE A 1 88  ? 13.872  11.481  -2.088  1.00 28.71 ? 283 PHE A N   1 
ATOM   599  C CA  . PHE A 1 88  ? 12.818  11.372  -3.093  1.00 26.52 ? 283 PHE A CA  1 
ATOM   600  C C   . PHE A 1 88  ? 11.439  11.638  -2.507  1.00 23.70 ? 283 PHE A C   1 
ATOM   601  O O   . PHE A 1 88  ? 11.141  11.229  -1.387  1.00 30.06 ? 283 PHE A O   1 
ATOM   602  C CB  . PHE A 1 88  ? 12.814  9.982   -3.738  1.00 24.32 ? 283 PHE A CB  1 
ATOM   603  C CG  . PHE A 1 88  ? 13.969  9.733   -4.659  1.00 21.51 ? 283 PHE A CG  1 
ATOM   604  C CD1 . PHE A 1 88  ? 13.890  10.063  -6.004  1.00 24.78 ? 283 PHE A CD1 1 
ATOM   605  C CD2 . PHE A 1 88  ? 15.136  9.147   -4.180  1.00 24.53 ? 283 PHE A CD2 1 
ATOM   606  C CE1 . PHE A 1 88  ? 14.955  9.817   -6.853  1.00 25.48 ? 283 PHE A CE1 1 
ATOM   607  C CE2 . PHE A 1 88  ? 16.205  8.903   -5.024  1.00 26.22 ? 283 PHE A CE2 1 
ATOM   608  C CZ  . PHE A 1 88  ? 16.119  9.237   -6.356  1.00 24.63 ? 283 PHE A CZ  1 
ATOM   609  N N   . LYS A 1 89  ? 10.598  12.315  -3.282  1.00 24.21 ? 284 LYS A N   1 
ATOM   610  C CA  . LYS A 1 89  ? 9.198   12.469  -2.922  1.00 25.21 ? 284 LYS A CA  1 
ATOM   611  C C   . LYS A 1 89  ? 8.507   11.129  -3.153  1.00 22.54 ? 284 LYS A C   1 
ATOM   612  O O   . LYS A 1 89  ? 8.790   10.441  -4.133  1.00 22.72 ? 284 LYS A O   1 
ATOM   613  C CB  . LYS A 1 89  ? 8.540   13.547  -3.778  1.00 26.63 ? 284 LYS A CB  1 
ATOM   614  N N   . LEU A 1 90  ? 7.623   10.775  -2.230  1.00 20.26 ? 285 LEU A N   1 
ATOM   615  C CA  . LEU A 1 90  ? 6.853   9.535   -2.290  1.00 19.50 ? 285 LEU A CA  1 
ATOM   616  C C   . LEU A 1 90  ? 5.375   9.893   -2.246  1.00 18.93 ? 285 LEU A C   1 
ATOM   617  O O   . LEU A 1 90  ? 4.752   9.863   -1.186  1.00 19.89 ? 285 LEU A O   1 
ATOM   618  C CB  . LEU A 1 90  ? 7.229   8.637   -1.113  1.00 20.96 ? 285 LEU A CB  1 
ATOM   619  C CG  . LEU A 1 90  ? 8.648   8.057   -1.183  1.00 22.07 ? 285 LEU A CG  1 
ATOM   620  C CD1 . LEU A 1 90  ? 9.244   7.893   0.206   1.00 22.10 ? 285 LEU A CD1 1 
ATOM   621  C CD2 . LEU A 1 90  ? 8.632   6.713   -1.921  1.00 21.07 ? 285 LEU A CD2 1 
ATOM   622  N N   . PRO A 1 91  ? 4.819   10.259  -3.403  1.00 21.86 ? 286 PRO A N   1 
ATOM   623  C CA  . PRO A 1 91  ? 3.432   10.725  -3.462  1.00 20.75 ? 286 PRO A CA  1 
ATOM   624  C C   . PRO A 1 91  ? 2.447   9.679   -2.952  1.00 19.92 ? 286 PRO A C   1 
ATOM   625  O O   . PRO A 1 91  ? 2.680   8.478   -3.085  1.00 21.15 ? 286 PRO A O   1 
ATOM   626  C CB  . PRO A 1 91  ? 3.208   10.965  -4.961  1.00 21.23 ? 286 PRO A CB  1 
ATOM   627  C CG  . PRO A 1 91  ? 4.248   10.140  -5.647  1.00 21.33 ? 286 PRO A CG  1 
ATOM   628  C CD  . PRO A 1 91  ? 5.439   10.195  -4.736  1.00 21.90 ? 286 PRO A CD  1 
ATOM   629  N N   . VAL A 1 92  ? 1.376   10.151  -2.330  1.00 17.75 ? 287 VAL A N   1 
ATOM   630  C CA  . VAL A 1 92  ? 0.225   9.310   -2.057  1.00 16.63 ? 287 VAL A CA  1 
ATOM   631  C C   . VAL A 1 92  ? -0.519  9.175   -3.374  1.00 21.61 ? 287 VAL A C   1 
ATOM   632  O O   . VAL A 1 92  ? -0.905  10.177  -3.983  1.00 22.78 ? 287 VAL A O   1 
ATOM   633  C CB  . VAL A 1 92  ? -0.697  9.944   -0.999  1.00 17.42 ? 287 VAL A CB  1 
ATOM   634  C CG1 . VAL A 1 92  ? -1.943  9.075   -0.775  1.00 17.41 ? 287 VAL A CG1 1 
ATOM   635  C CG2 . VAL A 1 92  ? 0.054   10.133  0.315   1.00 21.53 ? 287 VAL A CG2 1 
ATOM   636  N N   . LEU A 1 93  ? -0.711  7.939   -3.823  1.00 16.20 ? 288 LEU A N   1 
ATOM   637  C CA  . LEU A 1 93  ? -1.363  7.696   -5.095  1.00 15.47 ? 288 LEU A CA  1 
ATOM   638  C C   . LEU A 1 93  ? -2.754  7.134   -4.845  1.00 18.21 ? 288 LEU A C   1 
ATOM   639  O O   . LEU A 1 93  ? -2.897  6.049   -4.301  1.00 16.07 ? 288 LEU A O   1 
ATOM   640  C CB  . LEU A 1 93  ? -0.550  6.721   -5.944  1.00 18.37 ? 288 LEU A CB  1 
ATOM   641  C CG  . LEU A 1 93  ? 0.823   7.257   -6.370  1.00 17.79 ? 288 LEU A CG  1 
ATOM   642  C CD1 . LEU A 1 93  ? 1.620   6.173   -7.087  1.00 19.16 ? 288 LEU A CD1 1 
ATOM   643  C CD2 . LEU A 1 93  ? 0.658   8.480   -7.256  1.00 19.69 ? 288 LEU A CD2 1 
ATOM   644  N N   . ILE A 1 94  ? -3.766  7.903   -5.230  1.00 16.85 ? 289 ILE A N   1 
ATOM   645  C CA  . ILE A 1 94  ? -5.162  7.532   -5.019  1.00 17.86 ? 289 ILE A CA  1 
ATOM   646  C C   . ILE A 1 94  ? -5.863  7.391   -6.363  1.00 15.07 ? 289 ILE A C   1 
ATOM   647  O O   . ILE A 1 94  ? -5.929  8.340   -7.140  1.00 16.83 ? 289 ILE A O   1 
ATOM   648  C CB  . ILE A 1 94  ? -5.887  8.602   -4.183  1.00 14.61 ? 289 ILE A CB  1 
ATOM   649  C CG1 . ILE A 1 94  ? -5.225  8.739   -2.806  1.00 17.27 ? 289 ILE A CG1 1 
ATOM   650  C CG2 . ILE A 1 94  ? -7.385  8.261   -4.050  1.00 16.01 ? 289 ILE A CG2 1 
ATOM   651  C CD1 . ILE A 1 94  ? -5.679  9.959   -2.026  1.00 20.40 ? 289 ILE A CD1 1 
ATOM   652  N N   . HIS A 1 95  ? -6.405  6.209   -6.640  1.00 13.68 ? 290 HIS A N   1 
ATOM   653  C CA  . HIS A 1 95  ? -7.065  5.971   -7.914  1.00 13.42 ? 290 HIS A CA  1 
ATOM   654  C C   . HIS A 1 95  ? -8.273  6.897   -8.032  1.00 14.69 ? 290 HIS A C   1 
ATOM   655  O O   . HIS A 1 95  ? -8.948  7.146   -7.034  1.00 14.44 ? 290 HIS A O   1 
ATOM   656  C CB  . HIS A 1 95  ? -7.530  4.516   -7.952  1.00 15.26 ? 290 HIS A CB  1 
ATOM   657  C CG  . HIS A 1 95  ? -7.913  4.039   -9.315  1.00 16.34 ? 290 HIS A CG  1 
ATOM   658  N ND1 . HIS A 1 95  ? -9.126  4.339   -9.899  1.00 15.32 ? 290 HIS A ND1 1 
ATOM   659  C CD2 . HIS A 1 95  ? -7.243  3.269   -10.205 1.00 14.26 ? 290 HIS A CD2 1 
ATOM   660  C CE1 . HIS A 1 95  ? -9.186  3.778   -11.094 1.00 17.80 ? 290 HIS A CE1 1 
ATOM   661  N NE2 . HIS A 1 95  ? -8.056  3.124   -11.304 1.00 16.90 ? 290 HIS A NE2 1 
ATOM   662  N N   . PRO A 1 96  ? -8.545  7.415   -9.243  1.00 14.52 ? 291 PRO A N   1 
ATOM   663  C CA  . PRO A 1 96  ? -9.724  8.273   -9.437  1.00 15.95 ? 291 PRO A CA  1 
ATOM   664  C C   . PRO A 1 96  ? -11.035 7.617   -8.989  1.00 15.86 ? 291 PRO A C   1 
ATOM   665  O O   . PRO A 1 96  ? -11.992 8.317   -8.621  1.00 15.82 ? 291 PRO A O   1 
ATOM   666  C CB  . PRO A 1 96  ? -9.743  8.492   -10.952 1.00 17.08 ? 291 PRO A CB  1 
ATOM   667  C CG  . PRO A 1 96  ? -8.296  8.405   -11.347 1.00 21.18 ? 291 PRO A CG  1 
ATOM   668  C CD  . PRO A 1 96  ? -7.716  7.329   -10.459 1.00 16.42 ? 291 PRO A CD  1 
ATOM   669  N N   . ASP A 1 97  ? -11.088 6.285   -9.033  1.00 14.42 ? 292 ASP A N   1 
ATOM   670  C CA  . ASP A 1 97  ? -12.286 5.567   -8.638  1.00 13.00 ? 292 ASP A CA  1 
ATOM   671  C C   . ASP A 1 97  ? -12.259 5.096   -7.177  1.00 15.27 ? 292 ASP A C   1 
ATOM   672  O O   . ASP A 1 97  ? -13.124 4.310   -6.771  1.00 15.56 ? 292 ASP A O   1 
ATOM   673  C CB  . ASP A 1 97  ? -12.534 4.366   -9.563  1.00 15.05 ? 292 ASP A CB  1 
ATOM   674  C CG  . ASP A 1 97  ? -12.862 4.783   -10.986 1.00 22.84 ? 292 ASP A CG  1 
ATOM   675  O OD1 . ASP A 1 97  ? -13.351 5.924   -11.160 1.00 22.08 ? 292 ASP A OD1 1 
ATOM   676  O OD2 . ASP A 1 97  ? -12.635 3.975   -11.920 1.00 20.54 ? 292 ASP A OD2 1 
ATOM   677  N N   . ALA A 1 98  ? -11.285 5.571   -6.393  1.00 13.53 ? 293 ALA A N   1 
ATOM   678  C CA  . ALA A 1 98  ? -11.320 5.364   -4.947  1.00 14.57 ? 293 ALA A CA  1 
ATOM   679  C C   . ALA A 1 98  ? -12.078 6.534   -4.335  1.00 17.63 ? 293 ALA A C   1 
ATOM   680  O O   . ALA A 1 98  ? -12.207 7.583   -4.967  1.00 18.94 ? 293 ALA A O   1 
ATOM   681  C CB  . ALA A 1 98  ? -9.904  5.297   -4.375  1.00 15.60 ? 293 ALA A CB  1 
ATOM   682  N N   . THR A 1 99  ? -12.608 6.348   -3.133  1.00 13.33 ? 294 THR A N   1 
ATOM   683  C CA  . THR A 1 99  ? -13.217 7.451   -2.396  1.00 14.70 ? 294 THR A CA  1 
ATOM   684  C C   . THR A 1 99  ? -12.435 7.653   -1.105  1.00 15.40 ? 294 THR A C   1 
ATOM   685  O O   . THR A 1 99  ? -12.408 6.766   -0.253  1.00 16.25 ? 294 THR A O   1 
ATOM   686  C CB  . THR A 1 99  ? -14.677 7.173   -2.025  1.00 15.05 ? 294 THR A CB  1 
ATOM   687  O OG1 . THR A 1 99  ? -15.463 6.970   -3.211  1.00 16.45 ? 294 THR A OG1 1 
ATOM   688  C CG2 . THR A 1 99  ? -15.248 8.348   -1.201  1.00 14.38 ? 294 THR A CG2 1 
ATOM   689  N N   . VAL A 1 100 ? -11.796 8.811   -0.959  1.00 14.79 ? 295 VAL A N   1 
ATOM   690  C CA  . VAL A 1 100 ? -11.043 9.109   0.260   1.00 14.28 ? 295 VAL A CA  1 
ATOM   691  C C   . VAL A 1 100 ? -11.630 10.340  0.940   1.00 15.79 ? 295 VAL A C   1 
ATOM   692  O O   . VAL A 1 100 ? -11.766 11.396  0.313   1.00 16.52 ? 295 VAL A O   1 
ATOM   693  C CB  . VAL A 1 100 ? -9.553  9.344   -0.052  1.00 16.63 ? 295 VAL A CB  1 
ATOM   694  C CG1 . VAL A 1 100 ? -8.786  9.783   1.197   1.00 18.25 ? 295 VAL A CG1 1 
ATOM   695  C CG2 . VAL A 1 100 ? -8.942  8.076   -0.634  1.00 16.85 ? 295 VAL A CG2 1 
ATOM   696  N N   . SER A 1 101 ? -12.009 10.175  2.205   1.00 14.33 ? 296 SER A N   1 
ATOM   697  C CA  . SER A 1 101 ? -12.574 11.262  3.006   1.00 14.80 ? 296 SER A CA  1 
ATOM   698  C C   . SER A 1 101 ? -11.637 12.458  3.082   1.00 17.62 ? 296 SER A C   1 
ATOM   699  O O   . SER A 1 101 ? -10.424 12.299  3.234   1.00 17.96 ? 296 SER A O   1 
ATOM   700  C CB  . SER A 1 101 ? -12.830 10.781  4.433   1.00 14.93 ? 296 SER A CB  1 
ATOM   701  O OG  . SER A 1 101 ? -13.051 11.897  5.289   1.00 16.93 ? 296 SER A OG  1 
ATOM   702  N N   . PRO A 1 102 ? -12.201 13.675  3.012   1.00 17.58 ? 297 PRO A N   1 
ATOM   703  C CA  . PRO A 1 102 ? -11.371 14.877  3.176   1.00 20.03 ? 297 PRO A CA  1 
ATOM   704  C C   . PRO A 1 102 ? -10.779 15.009  4.576   1.00 20.64 ? 297 PRO A C   1 
ATOM   705  O O   . PRO A 1 102 ? -9.881  15.837  4.767   1.00 22.30 ? 297 PRO A O   1 
ATOM   706  C CB  . PRO A 1 102 ? -12.351 16.029  2.903   1.00 22.74 ? 297 PRO A CB  1 
ATOM   707  C CG  . PRO A 1 102 ? -13.715 15.444  3.112   1.00 26.72 ? 297 PRO A CG  1 
ATOM   708  C CD  . PRO A 1 102 ? -13.609 13.988  2.723   1.00 18.98 ? 297 PRO A CD  1 
ATOM   709  N N   . SER A 1 103 ? -11.272 14.231  5.540   1.00 19.05 ? 298 SER A N   1 
ATOM   710  C CA  . SER A 1 103 ? -10.704 14.254  6.890   1.00 16.90 ? 298 SER A CA  1 
ATOM   711  C C   . SER A 1 103 ? -9.763  13.080  7.168   1.00 19.50 ? 298 SER A C   1 
ATOM   712  O O   . SER A 1 103 ? -9.302  12.905  8.300   1.00 23.46 ? 298 SER A O   1 
ATOM   713  C CB  . SER A 1 103 ? -11.791 14.333  7.973   1.00 18.79 ? 298 SER A CB  1 
ATOM   714  O OG  . SER A 1 103 ? -12.640 13.189  7.991   1.00 17.18 ? 298 SER A OG  1 
ATOM   715  N N   . ALA A 1 104 ? -9.483  12.271  6.148   1.00 18.77 ? 299 ALA A N   1 
ATOM   716  C CA  . ALA A 1 104 ? -8.514  11.198  6.322   1.00 16.87 ? 299 ALA A CA  1 
ATOM   717  C C   . ALA A 1 104 ? -7.109  11.764  6.201   1.00 18.93 ? 299 ALA A C   1 
ATOM   718  O O   . ALA A 1 104 ? -6.880  12.737  5.483   1.00 21.56 ? 299 ALA A O   1 
ATOM   719  C CB  . ALA A 1 104 ? -8.740  10.096  5.280   1.00 18.21 ? 299 ALA A CB  1 
ATOM   720  N N   . ILE A 1 105 ? -6.177  11.158  6.921   1.00 18.15 ? 300 ILE A N   1 
ATOM   721  C CA  . ILE A 1 105 ? -4.773  11.523  6.814   1.00 16.72 ? 300 ILE A CA  1 
ATOM   722  C C   . ILE A 1 105 ? -4.022  10.303  6.289   1.00 18.15 ? 300 ILE A C   1 
ATOM   723  O O   . ILE A 1 105 ? -4.193  9.204   6.811   1.00 18.50 ? 300 ILE A O   1 
ATOM   724  C CB  . ILE A 1 105 ? -4.218  11.940  8.181   1.00 20.40 ? 300 ILE A CB  1 
ATOM   725  C CG1 . ILE A 1 105 ? -4.876  13.245  8.638   1.00 23.54 ? 300 ILE A CG1 1 
ATOM   726  C CG2 . ILE A 1 105 ? -2.688  12.082  8.126   1.00 22.58 ? 300 ILE A CG2 1 
ATOM   727  C CD1 . ILE A 1 105 ? -4.458  13.675  10.025  1.00 32.19 ? 300 ILE A CD1 1 
ATOM   728  N N   . ILE A 1 106 ? -3.228  10.488  5.236   1.00 18.48 ? 301 ILE A N   1 
ATOM   729  C CA  . ILE A 1 106 ? -2.537  9.368   4.596   1.00 16.78 ? 301 ILE A CA  1 
ATOM   730  C C   . ILE A 1 106 ? -1.054  9.675   4.370   1.00 18.05 ? 301 ILE A C   1 
ATOM   731  O O   . ILE A 1 106 ? -0.705  10.668  3.723   1.00 22.10 ? 301 ILE A O   1 
ATOM   732  C CB  . ILE A 1 106 ? -3.198  8.981   3.263   1.00 17.32 ? 301 ILE A CB  1 
ATOM   733  C CG1 . ILE A 1 106 ? -4.677  8.636   3.479   1.00 16.45 ? 301 ILE A CG1 1 
ATOM   734  C CG2 . ILE A 1 106 ? -2.474  7.811   2.646   1.00 20.10 ? 301 ILE A CG2 1 
ATOM   735  C CD1 . ILE A 1 106 ? -5.411  8.196   2.195   1.00 18.92 ? 301 ILE A CD1 1 
ATOM   736  N N   . GLY A 1 107 ? -0.192  8.806   4.896   1.00 19.48 ? 302 GLY A N   1 
ATOM   737  C CA  . GLY A 1 107 ? 1.248   9.010   4.826   1.00 19.48 ? 302 GLY A CA  1 
ATOM   738  C C   . GLY A 1 107 ? 1.873   8.738   3.467   1.00 20.28 ? 302 GLY A C   1 
ATOM   739  O O   . GLY A 1 107 ? 1.336   7.972   2.658   1.00 19.26 ? 302 GLY A O   1 
ATOM   740  N N   . GLN A 1 108 ? 3.009   9.389   3.212   1.00 19.24 ? 303 GLN A N   1 
ATOM   741  C CA  . GLN A 1 108 ? 3.749   9.230   1.958   1.00 18.57 ? 303 GLN A CA  1 
ATOM   742  C C   . GLN A 1 108 ? 3.934   7.777   1.539   1.00 17.39 ? 303 GLN A C   1 
ATOM   743  O O   . GLN A 1 108 ? 4.105   6.889   2.384   1.00 19.39 ? 303 GLN A O   1 
ATOM   744  C CB  . GLN A 1 108 ? 5.133   9.891   2.074   1.00 22.82 ? 303 GLN A CB  1 
ATOM   745  C CG  . GLN A 1 108 ? 6.046   9.167   3.054   1.00 20.06 ? 303 GLN A CG  1 
ATOM   746  C CD  . GLN A 1 108 ? 7.385   9.855   3.250   1.00 22.58 ? 303 GLN A CD  1 
ATOM   747  O OE1 . GLN A 1 108 ? 7.804   10.675  2.428   1.00 26.08 ? 303 GLN A OE1 1 
ATOM   748  N NE2 . GLN A 1 108 ? 8.064   9.520   4.344   1.00 26.60 ? 303 GLN A NE2 1 
ATOM   749  N N   . GLY A 1 109 ? 3.893   7.542   0.233   1.00 17.66 ? 304 GLY A N   1 
ATOM   750  C CA  . GLY A 1 109 ? 4.174   6.230   -0.311  1.00 18.32 ? 304 GLY A CA  1 
ATOM   751  C C   . GLY A 1 109 ? 2.994   5.280   -0.256  1.00 17.48 ? 304 GLY A C   1 
ATOM   752  O O   . GLY A 1 109 ? 3.107   4.132   -0.683  1.00 18.24 ? 304 GLY A O   1 
ATOM   753  N N   . SER A 1 110 ? 1.881   5.751   0.290   1.00 17.29 ? 305 SER A N   1 
ATOM   754  C CA  . SER A 1 110 ? 0.674   4.926   0.351   1.00 15.09 ? 305 SER A CA  1 
ATOM   755  C C   . SER A 1 110 ? -0.023  4.868   -1.003  1.00 18.01 ? 305 SER A C   1 
ATOM   756  O O   . SER A 1 110 ? 0.101   5.774   -1.823  1.00 16.20 ? 305 SER A O   1 
ATOM   757  C CB  . SER A 1 110 ? -0.307  5.457   1.396   1.00 15.38 ? 305 SER A CB  1 
ATOM   758  O OG  . SER A 1 110 ? 0.199   5.316   2.709   1.00 16.35 ? 305 SER A OG  1 
ATOM   759  N N   . VAL A 1 111 ? -0.776  3.793   -1.222  1.00 15.44 ? 306 VAL A N   1 
ATOM   760  C CA  . VAL A 1 111 ? -1.495  3.598   -2.471  1.00 14.27 ? 306 VAL A CA  1 
ATOM   761  C C   . VAL A 1 111 ? -2.918  3.176   -2.131  1.00 14.86 ? 306 VAL A C   1 
ATOM   762  O O   . VAL A 1 111 ? -3.113  2.296   -1.302  1.00 15.20 ? 306 VAL A O   1 
ATOM   763  C CB  . VAL A 1 111 ? -0.824  2.490   -3.324  1.00 17.71 ? 306 VAL A CB  1 
ATOM   764  C CG1 . VAL A 1 111 ? -1.720  2.084   -4.479  1.00 21.10 ? 306 VAL A CG1 1 
ATOM   765  C CG2 . VAL A 1 111 ? 0.542   2.969   -3.837  1.00 18.46 ? 306 VAL A CG2 1 
ATOM   766  N N   . VAL A 1 112 ? -3.899  3.829   -2.752  1.00 14.69 ? 307 VAL A N   1 
ATOM   767  C CA  . VAL A 1 112 ? -5.317  3.522   -2.542  1.00 13.80 ? 307 VAL A CA  1 
ATOM   768  C C   . VAL A 1 112 ? -5.925  3.155   -3.897  1.00 13.41 ? 307 VAL A C   1 
ATOM   769  O O   . VAL A 1 112 ? -5.999  3.987   -4.803  1.00 13.67 ? 307 VAL A O   1 
ATOM   770  C CB  . VAL A 1 112 ? -6.053  4.719   -1.895  1.00 13.69 ? 307 VAL A CB  1 
ATOM   771  C CG1 . VAL A 1 112 ? -7.530  4.367   -1.650  1.00 14.34 ? 307 VAL A CG1 1 
ATOM   772  C CG2 . VAL A 1 112 ? -5.381  5.098   -0.571  1.00 15.75 ? 307 VAL A CG2 1 
ATOM   773  N N   . MET A 1 113 ? -6.302  1.884   -4.057  1.00 12.60 ? 308 MET A N   1 
ATOM   774  C CA  . MET A 1 113 ? -6.685  1.332   -5.360  1.00 12.89 ? 308 MET A CA  1 
ATOM   775  C C   . MET A 1 113 ? -8.110  1.651   -5.793  1.00 11.60 ? 308 MET A C   1 
ATOM   776  O O   . MET A 1 113 ? -8.912  2.154   -5.000  1.00 12.40 ? 308 MET A O   1 
ATOM   777  C CB  . MET A 1 113 ? -6.522  -0.189  -5.322  1.00 12.63 ? 308 MET A CB  1 
ATOM   778  C CG  . MET A 1 113 ? -5.073  -0.645  -5.145  1.00 13.58 ? 308 MET A CG  1 
ATOM   779  S SD  . MET A 1 113 ? -3.982  -0.040  -6.461  1.00 14.90 ? 308 MET A SD  1 
ATOM   780  C CE  . MET A 1 113 ? -2.657  -1.258  -6.329  1.00 15.58 ? 308 MET A CE  1 
ATOM   781  N N   . ALA A 1 114 ? -8.423  1.329   -7.046  1.00 13.45 ? 309 ALA A N   1 
ATOM   782  C CA  . ALA A 1 114 ? -9.786  1.475   -7.554  1.00 13.90 ? 309 ALA A CA  1 
ATOM   783  C C   . ALA A 1 114 ? -10.819 0.872   -6.610  1.00 13.28 ? 309 ALA A C   1 
ATOM   784  O O   . ALA A 1 114 ? -10.622 -0.222  -6.084  1.00 13.93 ? 309 ALA A O   1 
ATOM   785  C CB  . ALA A 1 114 ? -9.896  0.843   -8.938  1.00 13.84 ? 309 ALA A CB  1 
ATOM   786  N N   . LYS A 1 115 ? -11.902 1.621   -6.385  1.00 12.92 ? 310 LYS A N   1 
ATOM   787  C CA  . LYS A 1 115 ? -13.043 1.195   -5.562  1.00 14.08 ? 310 LYS A CA  1 
ATOM   788  C C   . LYS A 1 115 ? -12.762 1.112   -4.065  1.00 13.77 ? 310 LYS A C   1 
ATOM   789  O O   . LYS A 1 115 ? -13.668 0.837   -3.287  1.00 15.71 ? 310 LYS A O   1 
ATOM   790  C CB  . LYS A 1 115 ? -13.685 -0.112  -6.066  1.00 13.31 ? 310 LYS A CB  1 
ATOM   791  C CG  . LYS A 1 115 ? -14.954 0.083   -6.905  1.00 12.62 ? 310 LYS A CG  1 
ATOM   792  C CD  . LYS A 1 115 ? -14.690 0.979   -8.130  1.00 13.25 ? 310 LYS A CD  1 
ATOM   793  C CE  . LYS A 1 115 ? -15.907 0.977   -9.067  1.00 15.52 ? 310 LYS A CE  1 
ATOM   794  N NZ  . LYS A 1 115 ? -15.742 1.988   -10.172 1.00 15.12 ? 310 LYS A NZ  1 
ATOM   795  N N   . ALA A 1 116 ? -11.523 1.361   -3.651  1.00 13.87 ? 311 ALA A N   1 
ATOM   796  C CA  . ALA A 1 116 ? -11.240 1.423   -2.217  1.00 12.70 ? 311 ALA A CA  1 
ATOM   797  C C   . ALA A 1 116 ? -11.911 2.646   -1.595  1.00 14.14 ? 311 ALA A C   1 
ATOM   798  O O   . ALA A 1 116 ? -12.144 3.641   -2.275  1.00 13.93 ? 311 ALA A O   1 
ATOM   799  C CB  . ALA A 1 116 ? -9.723  1.464   -1.973  1.00 13.37 ? 311 ALA A CB  1 
ATOM   800  N N   . VAL A 1 117 ? -12.240 2.553   -0.307  1.00 11.61 ? 312 VAL A N   1 
ATOM   801  C CA  . VAL A 1 117 ? -12.785 3.691   0.427   1.00 14.12 ? 312 VAL A CA  1 
ATOM   802  C C   . VAL A 1 117 ? -12.022 3.880   1.730   1.00 14.34 ? 312 VAL A C   1 
ATOM   803  O O   . VAL A 1 117 ? -11.751 2.900   2.434   1.00 15.03 ? 312 VAL A O   1 
ATOM   804  C CB  . VAL A 1 117 ? -14.280 3.483   0.762   1.00 12.95 ? 312 VAL A CB  1 
ATOM   805  C CG1 . VAL A 1 117 ? -14.847 4.729   1.460   1.00 14.78 ? 312 VAL A CG1 1 
ATOM   806  C CG2 . VAL A 1 117 ? -15.084 3.209   -0.497  1.00 13.99 ? 312 VAL A CG2 1 
ATOM   807  N N   . VAL A 1 118 ? -11.680 5.129   2.051   1.00 13.38 ? 313 VAL A N   1 
ATOM   808  C CA  . VAL A 1 118 ? -11.132 5.463   3.366   1.00 14.07 ? 313 VAL A CA  1 
ATOM   809  C C   . VAL A 1 118 ? -12.044 6.533   3.960   1.00 15.74 ? 313 VAL A C   1 
ATOM   810  O O   . VAL A 1 118 ? -12.198 7.608   3.387   1.00 16.77 ? 313 VAL A O   1 
ATOM   811  C CB  . VAL A 1 118 ? -9.683  5.986   3.288   1.00 15.38 ? 313 VAL A CB  1 
ATOM   812  C CG1 . VAL A 1 118 ? -9.179  6.330   4.693   1.00 15.75 ? 313 VAL A CG1 1 
ATOM   813  C CG2 . VAL A 1 118 ? -8.783  4.943   2.663   1.00 15.69 ? 313 VAL A CG2 1 
ATOM   814  N N   . GLN A 1 119 ? -12.669 6.213   5.087   1.00 13.87 ? 314 GLN A N   1 
ATOM   815  C CA  . GLN A 1 119 ? -13.687 7.091   5.670   1.00 14.79 ? 314 GLN A CA  1 
ATOM   816  C C   . GLN A 1 119 ? -13.128 8.096   6.686   1.00 14.94 ? 314 GLN A C   1 
ATOM   817  O O   . GLN A 1 119 ? -11.936 8.054   7.060   1.00 16.11 ? 314 GLN A O   1 
ATOM   818  C CB  . GLN A 1 119 ? -14.830 6.272   6.287   1.00 14.57 ? 314 GLN A CB  1 
ATOM   819  C CG  . GLN A 1 119 ? -15.676 5.458   5.292   1.00 14.51 ? 314 GLN A CG  1 
ATOM   820  C CD  . GLN A 1 119 ? -16.618 6.312   4.428   1.00 15.34 ? 314 GLN A CD  1 
ATOM   821  O OE1 . GLN A 1 119 ? -16.346 7.469   4.141   1.00 19.14 ? 314 GLN A OE1 1 
ATOM   822  N NE2 . GLN A 1 119 ? -17.733 5.717   4.005   1.00 14.76 ? 314 GLN A NE2 1 
ATOM   823  N N   . ALA A 1 120 ? -14.021 8.979   7.133   1.00 16.10 ? 315 ALA A N   1 
ATOM   824  C CA  . ALA A 1 120 ? -13.682 10.120  7.984   1.00 16.15 ? 315 ALA A CA  1 
ATOM   825  C C   . ALA A 1 120 ? -12.824 9.765   9.201   1.00 15.76 ? 315 ALA A C   1 
ATOM   826  O O   . ALA A 1 120 ? -13.083 8.783   9.899   1.00 16.74 ? 315 ALA A O   1 
ATOM   827  C CB  . ALA A 1 120 ? -14.968 10.812  8.443   1.00 16.82 ? 315 ALA A CB  1 
ATOM   828  N N   . GLY A 1 121 ? -11.806 10.578  9.450   1.00 17.75 ? 316 GLY A N   1 
ATOM   829  C CA  . GLY A 1 121 ? -11.034 10.461  10.671  1.00 18.60 ? 316 GLY A CA  1 
ATOM   830  C C   . GLY A 1 121 ? -10.020 9.335   10.681  1.00 21.48 ? 316 GLY A C   1 
ATOM   831  O O   . GLY A 1 121 ? -9.319  9.140   11.678  1.00 19.53 ? 316 GLY A O   1 
ATOM   832  N N   . SER A 1 122 ? -9.927  8.583   9.584   1.00 18.02 ? 317 SER A N   1 
ATOM   833  C CA  . SER A 1 122 ? -8.928  7.523   9.535   1.00 15.98 ? 317 SER A CA  1 
ATOM   834  C C   . SER A 1 122 ? -7.535  8.093   9.336   1.00 17.24 ? 317 SER A C   1 
ATOM   835  O O   . SER A 1 122 ? -7.359  9.125   8.698   1.00 19.68 ? 317 SER A O   1 
ATOM   836  C CB  . SER A 1 122 ? -9.270  6.513   8.438   1.00 17.69 ? 317 SER A CB  1 
ATOM   837  O OG  . SER A 1 122 ? -10.290 5.655   8.912   1.00 18.46 ? 317 SER A OG  1 
ATOM   838  N N   . VAL A 1 123 ? -6.554  7.404   9.905   1.00 18.26 ? 318 VAL A N   1 
ATOM   839  C CA  . VAL A 1 123 ? -5.164  7.804   9.792   1.00 17.40 ? 318 VAL A CA  1 
ATOM   840  C C   . VAL A 1 123 ? -4.379  6.621   9.258   1.00 16.87 ? 318 VAL A C   1 
ATOM   841  O O   . VAL A 1 123 ? -4.408  5.529   9.838   1.00 18.74 ? 318 VAL A O   1 
ATOM   842  C CB  . VAL A 1 123 ? -4.579  8.255   11.148  1.00 19.25 ? 318 VAL A CB  1 
ATOM   843  C CG1 . VAL A 1 123 ? -3.087  8.509   11.015  1.00 21.23 ? 318 VAL A CG1 1 
ATOM   844  C CG2 . VAL A 1 123 ? -5.298  9.508   11.657  1.00 21.72 ? 318 VAL A CG2 1 
ATOM   845  N N   . LEU A 1 124 ? -3.720  6.838   8.130   1.00 15.98 ? 319 LEU A N   1 
ATOM   846  C CA  . LEU A 1 124 ? -2.870  5.822   7.519   1.00 17.69 ? 319 LEU A CA  1 
ATOM   847  C C   . LEU A 1 124 ? -1.457  6.349   7.581   1.00 17.71 ? 319 LEU A C   1 
ATOM   848  O O   . LEU A 1 124 ? -1.209  7.489   7.205   1.00 16.70 ? 319 LEU A O   1 
ATOM   849  C CB  . LEU A 1 124 ? -3.256  5.605   6.056   1.00 18.59 ? 319 LEU A CB  1 
ATOM   850  C CG  . LEU A 1 124 ? -4.381  4.608   5.748   1.00 17.00 ? 319 LEU A CG  1 
ATOM   851  C CD1 . LEU A 1 124 ? -5.684  4.999   6.435   1.00 18.89 ? 319 LEU A CD1 1 
ATOM   852  C CD2 . LEU A 1 124 ? -4.575  4.516   4.243   1.00 17.43 ? 319 LEU A CD2 1 
ATOM   853  N N   . LYS A 1 125 ? -0.536  5.536   8.075   1.00 16.70 ? 320 LYS A N   1 
ATOM   854  C CA  . LYS A 1 125 ? 0.859   5.977   8.140   1.00 19.05 ? 320 LYS A CA  1 
ATOM   855  C C   . LYS A 1 125 ? 1.567   5.761   6.795   1.00 18.85 ? 320 LYS A C   1 
ATOM   856  O O   . LYS A 1 125 ? 0.914   5.614   5.770   1.00 17.53 ? 320 LYS A O   1 
ATOM   857  C CB  . LYS A 1 125 ? 1.573   5.296   9.309   1.00 18.93 ? 320 LYS A CB  1 
ATOM   858  C CG  . LYS A 1 125 ? 0.933   5.618   10.661  1.00 21.20 ? 320 LYS A CG  1 
ATOM   859  C CD  . LYS A 1 125 ? 1.040   7.100   10.988  1.00 28.46 ? 320 LYS A CD  1 
ATOM   860  C CE  . LYS A 1 125 ? 0.510   7.395   12.383  1.00 32.90 ? 320 LYS A CE  1 
ATOM   861  N NZ  . LYS A 1 125 ? 0.645   8.834   12.746  1.00 36.30 ? 320 LYS A NZ  1 
ATOM   862  N N   . ASP A 1 126 ? 2.897   5.775   6.773   1.00 18.18 ? 321 ASP A N   1 
ATOM   863  C CA  . ASP A 1 126 ? 3.608   5.648   5.503   1.00 17.37 ? 321 ASP A CA  1 
ATOM   864  C C   . ASP A 1 126 ? 3.430   4.278   4.857   1.00 16.95 ? 321 ASP A C   1 
ATOM   865  O O   . ASP A 1 126 ? 3.371   3.266   5.546   1.00 18.29 ? 321 ASP A O   1 
ATOM   866  C CB  . ASP A 1 126 ? 5.118   5.873   5.705   1.00 20.10 ? 321 ASP A CB  1 
ATOM   867  C CG  . ASP A 1 126 ? 5.463   7.313   6.013   1.00 25.78 ? 321 ASP A CG  1 
ATOM   868  O OD1 . ASP A 1 126 ? 4.543   8.127   6.209   1.00 22.88 ? 321 ASP A OD1 1 
ATOM   869  O OD2 . ASP A 1 126 ? 6.672   7.621   6.088   1.00 24.52 ? 321 ASP A OD2 1 
ATOM   870  N N   . GLY A 1 127 ? 3.372   4.268   3.531   1.00 17.14 ? 322 GLY A N   1 
ATOM   871  C CA  . GLY A 1 127 ? 3.504   3.051   2.746   1.00 16.47 ? 322 GLY A CA  1 
ATOM   872  C C   . GLY A 1 127 ? 2.368   2.059   2.888   1.00 16.56 ? 322 GLY A C   1 
ATOM   873  O O   . GLY A 1 127 ? 2.548   0.857   2.676   1.00 17.24 ? 322 GLY A O   1 
ATOM   874  N N   . VAL A 1 128 ? 1.183   2.548   3.229   1.00 16.39 ? 323 VAL A N   1 
ATOM   875  C CA  . VAL A 1 128 ? 0.033   1.655   3.337   1.00 16.14 ? 323 VAL A CA  1 
ATOM   876  C C   . VAL A 1 128 ? -0.478  1.301   1.935   1.00 14.37 ? 323 VAL A C   1 
ATOM   877  O O   . VAL A 1 128 ? -0.412  2.123   1.019   1.00 17.69 ? 323 VAL A O   1 
ATOM   878  C CB  . VAL A 1 128 ? -1.074  2.294   4.207   1.00 15.49 ? 323 VAL A CB  1 
ATOM   879  C CG1 . VAL A 1 128 ? -2.338  1.411   4.250   1.00 16.84 ? 323 VAL A CG1 1 
ATOM   880  C CG2 . VAL A 1 128 ? -0.546  2.547   5.616   1.00 16.34 ? 323 VAL A CG2 1 
ATOM   881  N N   . ILE A 1 129 ? -0.944  0.064   1.760   1.00 14.39 ? 324 ILE A N   1 
ATOM   882  C CA  . ILE A 1 129 ? -1.723  -0.287  0.577   1.00 14.36 ? 324 ILE A CA  1 
ATOM   883  C C   . ILE A 1 129 ? -3.165  -0.540  1.000   1.00 14.21 ? 324 ILE A C   1 
ATOM   884  O O   . ILE A 1 129 ? -3.417  -1.380  1.859   1.00 15.16 ? 324 ILE A O   1 
ATOM   885  C CB  . ILE A 1 129 ? -1.213  -1.578  -0.087  1.00 14.90 ? 324 ILE A CB  1 
ATOM   886  C CG1 . ILE A 1 129 ? 0.225   -1.415  -0.602  1.00 12.99 ? 324 ILE A CG1 1 
ATOM   887  C CG2 . ILE A 1 129 ? -2.125  -1.973  -1.258  1.00 15.27 ? 324 ILE A CG2 1 
ATOM   888  C CD1 . ILE A 1 129 ? 0.875   -2.778  -0.929  1.00 15.31 ? 324 ILE A CD1 1 
ATOM   889  N N   . VAL A 1 130 ? -4.105  0.202   0.419   1.00 14.02 ? 325 VAL A N   1 
ATOM   890  C CA  . VAL A 1 130 ? -5.516  -0.149  0.523   1.00 14.60 ? 325 VAL A CA  1 
ATOM   891  C C   . VAL A 1 130 ? -5.876  -0.659  -0.861  1.00 14.42 ? 325 VAL A C   1 
ATOM   892  O O   . VAL A 1 130 ? -5.998  0.109   -1.817  1.00 13.73 ? 325 VAL A O   1 
ATOM   893  C CB  . VAL A 1 130 ? -6.412  1.055   0.921   1.00 13.49 ? 325 VAL A CB  1 
ATOM   894  C CG1 . VAL A 1 130 ? -7.843  0.602   1.154   1.00 14.05 ? 325 VAL A CG1 1 
ATOM   895  C CG2 . VAL A 1 130 ? -5.889  1.700   2.196   1.00 16.67 ? 325 VAL A CG2 1 
ATOM   896  N N   . ASN A 1 131 ? -6.017  -1.974  -0.967  1.00 13.20 ? 326 ASN A N   1 
ATOM   897  C CA  . ASN A 1 131 ? -6.072  -2.592  -2.281  1.00 13.50 ? 326 ASN A CA  1 
ATOM   898  C C   . ASN A 1 131 ? -7.470  -2.561  -2.859  1.00 13.32 ? 326 ASN A C   1 
ATOM   899  O O   . ASN A 1 131 ? -8.381  -1.962  -2.273  1.00 14.18 ? 326 ASN A O   1 
ATOM   900  C CB  . ASN A 1 131 ? -5.505  -4.020  -2.229  1.00 14.28 ? 326 ASN A CB  1 
ATOM   901  C CG  . ASN A 1 131 ? -4.683  -4.361  -3.456  1.00 14.42 ? 326 ASN A CG  1 
ATOM   902  O OD1 . ASN A 1 131 ? -5.037  -3.996  -4.581  1.00 14.24 ? 326 ASN A OD1 1 
ATOM   903  N ND2 . ASN A 1 131 ? -3.563  -5.055  -3.246  1.00 15.24 ? 326 ASN A ND2 1 
ATOM   904  N N   . THR A 1 132 ? -7.624  -3.197  -4.012  1.00 13.27 ? 327 THR A N   1 
ATOM   905  C CA  . THR A 1 132 ? -8.851  -3.107  -4.811  1.00 13.14 ? 327 THR A CA  1 
ATOM   906  C C   . THR A 1 132 ? -10.113 -3.312  -3.982  1.00 12.05 ? 327 THR A C   1 
ATOM   907  O O   . THR A 1 132 ? -10.301 -4.355  -3.381  1.00 12.18 ? 327 THR A O   1 
ATOM   908  C CB  . THR A 1 132 ? -8.847  -4.180  -5.903  1.00 14.64 ? 327 THR A CB  1 
ATOM   909  O OG1 . THR A 1 132 ? -7.604  -4.120  -6.617  1.00 15.68 ? 327 THR A OG1 1 
ATOM   910  C CG2 . THR A 1 132 ? -10.002 -3.951  -6.873  1.00 15.32 ? 327 THR A CG2 1 
ATOM   911  N N   . ALA A 1 133 ? -10.975 -2.299  -3.959  1.00 11.24 ? 328 ALA A N   1 
ATOM   912  C CA  . ALA A 1 133 ? -12.273 -2.394  -3.288  1.00 13.60 ? 328 ALA A CA  1 
ATOM   913  C C   . ALA A 1 133 ? -12.213 -2.673  -1.783  1.00 14.88 ? 328 ALA A C   1 
ATOM   914  O O   . ALA A 1 133 ? -13.225 -3.073  -1.202  1.00 17.62 ? 328 ALA A O   1 
ATOM   915  C CB  . ALA A 1 133 ? -13.190 -3.433  -3.986  1.00 14.70 ? 328 ALA A CB  1 
ATOM   916  N N   . ALA A 1 134 ? -11.059 -2.461  -1.153  1.00 13.21 ? 329 ALA A N   1 
ATOM   917  C CA  . ALA A 1 134 ? -10.965 -2.627  0.295   1.00 11.78 ? 329 ALA A CA  1 
ATOM   918  C C   . ALA A 1 134 ? -11.538 -1.377  0.926   1.00 13.12 ? 329 ALA A C   1 
ATOM   919  O O   . ALA A 1 134 ? -11.455 -0.302  0.345   1.00 14.86 ? 329 ALA A O   1 
ATOM   920  C CB  . ALA A 1 134 ? -9.514  -2.812  0.715   1.00 13.30 ? 329 ALA A CB  1 
ATOM   921  N N   . THR A 1 135 ? -12.130 -1.510  2.107   1.00 13.61 ? 330 THR A N   1 
ATOM   922  C CA  . THR A 1 135 ? -12.636 -0.327  2.791   1.00 14.23 ? 330 THR A CA  1 
ATOM   923  C C   . THR A 1 135 ? -12.091 -0.205  4.208   1.00 15.15 ? 330 THR A C   1 
ATOM   924  O O   . THR A 1 135 ? -11.916 -1.194  4.932   1.00 15.70 ? 330 THR A O   1 
ATOM   925  C CB  . THR A 1 135 ? -14.179 -0.233  2.754   1.00 17.33 ? 330 THR A CB  1 
ATOM   926  O OG1 . THR A 1 135 ? -14.746 -1.246  3.585   1.00 16.36 ? 330 THR A OG1 1 
ATOM   927  C CG2 . THR A 1 135 ? -14.707 -0.375  1.331   1.00 16.36 ? 330 THR A CG2 1 
ATOM   928  N N   . VAL A 1 136 ? -11.808 1.036   4.574   1.00 14.35 ? 331 VAL A N   1 
ATOM   929  C CA  . VAL A 1 136 ? -11.300 1.370   5.887   1.00 12.91 ? 331 VAL A CA  1 
ATOM   930  C C   . VAL A 1 136 ? -12.315 2.362   6.432   1.00 14.22 ? 331 VAL A C   1 
ATOM   931  O O   . VAL A 1 136 ? -12.432 3.473   5.919   1.00 14.25 ? 331 VAL A O   1 
ATOM   932  C CB  . VAL A 1 136 ? -9.900  2.003   5.766   1.00 15.53 ? 331 VAL A CB  1 
ATOM   933  C CG1 . VAL A 1 136 ? -9.373  2.400   7.121   1.00 17.48 ? 331 VAL A CG1 1 
ATOM   934  C CG2 . VAL A 1 136 ? -8.930  1.026   5.080   1.00 17.60 ? 331 VAL A CG2 1 
ATOM   935  N N   . ASP A 1 137 ? -13.087 1.960   7.435   1.00 14.12 ? 332 ASP A N   1 
ATOM   936  C CA  . ASP A 1 137 ? -14.170 2.835   7.860   1.00 14.90 ? 332 ASP A CA  1 
ATOM   937  C C   . ASP A 1 137 ? -13.709 3.933   8.797   1.00 14.79 ? 332 ASP A C   1 
ATOM   938  O O   . ASP A 1 137 ? -12.522 4.161   8.915   1.00 15.66 ? 332 ASP A O   1 
ATOM   939  C CB  . ASP A 1 137 ? -15.372 2.067   8.386   1.00 14.06 ? 332 ASP A CB  1 
ATOM   940  C CG  . ASP A 1 137 ? -16.652 2.567   7.751   1.00 17.14 ? 332 ASP A CG  1 
ATOM   941  O OD1 . ASP A 1 137 ? -17.132 3.633   8.185   1.00 15.78 ? 332 ASP A OD1 1 
ATOM   942  O OD2 . ASP A 1 137 ? -17.132 1.945   6.780   1.00 15.80 ? 332 ASP A OD2 1 
ATOM   943  N N   . HIS A 1 138 ? -14.654 4.652   9.394   1.00 16.24 ? 333 HIS A N   1 
ATOM   944  C CA  . HIS A 1 138 ? -14.300 5.883   10.108  1.00 14.51 ? 333 HIS A CA  1 
ATOM   945  C C   . HIS A 1 138 ? -13.372 5.584   11.275  1.00 15.80 ? 333 HIS A C   1 
ATOM   946  O O   . HIS A 1 138 ? -13.503 4.546   11.902  1.00 16.37 ? 333 HIS A O   1 
ATOM   947  C CB  . HIS A 1 138 ? -15.559 6.600   10.608  1.00 15.23 ? 333 HIS A CB  1 
ATOM   948  C CG  . HIS A 1 138 ? -16.388 5.768   11.532  1.00 16.00 ? 333 HIS A CG  1 
ATOM   949  N ND1 . HIS A 1 138 ? -16.121 5.683   12.879  1.00 17.56 ? 333 HIS A ND1 1 
ATOM   950  C CD2 . HIS A 1 138 ? -17.479 5.004   11.310  1.00 17.03 ? 333 HIS A CD2 1 
ATOM   951  C CE1 . HIS A 1 138 ? -17.008 4.888   13.450  1.00 19.19 ? 333 HIS A CE1 1 
ATOM   952  N NE2 . HIS A 1 138 ? -17.844 4.459   12.519  1.00 19.55 ? 333 HIS A NE2 1 
ATOM   953  N N   . ASP A 1 139 ? -12.410 6.474   11.513  1.00 16.02 ? 334 ASP A N   1 
ATOM   954  C CA  . ASP A 1 139 ? -11.589 6.458   12.727  1.00 15.97 ? 334 ASP A CA  1 
ATOM   955  C C   . ASP A 1 139 ? -10.734 5.206   12.872  1.00 17.54 ? 334 ASP A C   1 
ATOM   956  O O   . ASP A 1 139 ? -10.469 4.746   13.982  1.00 19.41 ? 334 ASP A O   1 
ATOM   957  C CB  . ASP A 1 139 ? -12.475 6.655   13.963  1.00 18.86 ? 334 ASP A CB  1 
ATOM   958  C CG  . ASP A 1 139 ? -13.291 7.916   13.879  1.00 17.81 ? 334 ASP A CG  1 
ATOM   959  O OD1 . ASP A 1 139 ? -12.688 9.001   13.765  1.00 20.40 ? 334 ASP A OD1 1 
ATOM   960  O OD2 . ASP A 1 139 ? -14.527 7.821   13.892  1.00 19.57 ? 334 ASP A OD2 1 
ATOM   961  N N   . CYS A 1 140 ? -10.299 4.661   11.745  1.00 16.13 ? 335 CYS A N   1 
ATOM   962  C CA  . CYS A 1 140 ? -9.336  3.569   11.801  1.00 18.18 ? 335 CYS A CA  1 
ATOM   963  C C   . CYS A 1 140 ? -7.920  4.117   11.867  1.00 17.75 ? 335 CYS A C   1 
ATOM   964  O O   . CYS A 1 140 ? -7.652  5.233   11.432  1.00 19.19 ? 335 CYS A O   1 
ATOM   965  C CB  . CYS A 1 140 ? -9.469  2.657   10.589  1.00 16.41 ? 335 CYS A CB  1 
ATOM   966  S SG  . CYS A 1 140 ? -10.943 1.630   10.597  1.00 16.84 ? 335 CYS A SG  1 
ATOM   967  N N   . LEU A 1 141 ? -7.013  3.323   12.420  1.00 15.75 ? 336 LEU A N   1 
ATOM   968  C CA  . LEU A 1 141 ? -5.602  3.660   12.395  1.00 18.50 ? 336 LEU A CA  1 
ATOM   969  C C   . LEU A 1 141 ? -4.840  2.504   11.780  1.00 17.90 ? 336 LEU A C   1 
ATOM   970  O O   . LEU A 1 141 ? -4.838  1.399   12.317  1.00 20.22 ? 336 LEU A O   1 
ATOM   971  C CB  . LEU A 1 141 ? -5.078  3.914   13.809  1.00 19.67 ? 336 LEU A CB  1 
ATOM   972  C CG  . LEU A 1 141 ? -3.550  3.993   13.893  1.00 23.36 ? 336 LEU A CG  1 
ATOM   973  C CD1 . LEU A 1 141 ? -3.003  5.180   13.098  1.00 26.44 ? 336 LEU A CD1 1 
ATOM   974  C CD2 . LEU A 1 141 ? -3.109  4.059   15.348  1.00 26.31 ? 336 LEU A CD2 1 
ATOM   975  N N   . LEU A 1 142 ? -4.210  2.766   10.642  1.00 19.59 ? 337 LEU A N   1 
ATOM   976  C CA  . LEU A 1 142 ? -3.413  1.761   9.961   1.00 17.30 ? 337 LEU A CA  1 
ATOM   977  C C   . LEU A 1 142 ? -1.970  2.216   10.056  1.00 20.65 ? 337 LEU A C   1 
ATOM   978  O O   . LEU A 1 142 ? -1.609  3.245   9.504   1.00 17.04 ? 337 LEU A O   1 
ATOM   979  C CB  . LEU A 1 142 ? -3.842  1.662   8.493   1.00 19.01 ? 337 LEU A CB  1 
ATOM   980  C CG  . LEU A 1 142 ? -5.040  0.756   8.154   1.00 23.05 ? 337 LEU A CG  1 
ATOM   981  C CD1 . LEU A 1 142 ? -6.228  0.938   9.070   1.00 25.45 ? 337 LEU A CD1 1 
ATOM   982  C CD2 . LEU A 1 142 ? -5.458  0.958   6.701   1.00 19.83 ? 337 LEU A CD2 1 
ATOM   983  N N   . ASP A 1 143 ? -1.146  1.468   10.779  1.00 18.90 ? 338 ASP A N   1 
ATOM   984  C CA  . ASP A 1 143 ? 0.243   1.878   10.955  1.00 16.56 ? 338 ASP A CA  1 
ATOM   985  C C   . ASP A 1 143 ? 1.074   1.607   9.698   1.00 20.12 ? 338 ASP A C   1 
ATOM   986  O O   . ASP A 1 143 ? 0.552   1.203   8.652   1.00 17.36 ? 338 ASP A O   1 
ATOM   987  C CB  . ASP A 1 143 ? 0.846   1.218   12.207  1.00 19.07 ? 338 ASP A CB  1 
ATOM   988  C CG  . ASP A 1 143 ? 0.348   1.855   13.500  1.00 26.00 ? 338 ASP A CG  1 
ATOM   989  O OD1 . ASP A 1 143 ? -0.027  3.052   13.477  1.00 28.65 ? 338 ASP A OD1 1 
ATOM   990  O OD2 . ASP A 1 143 ? 0.339   1.165   14.541  1.00 28.22 ? 338 ASP A OD2 1 
ATOM   991  N N   . ALA A 1 144 ? 2.377   1.857   9.791   1.00 19.50 ? 339 ALA A N   1 
ATOM   992  C CA  . ALA A 1 144 ? 3.216   1.902   8.603   1.00 18.21 ? 339 ALA A CA  1 
ATOM   993  C C   . ALA A 1 144 ? 3.308   0.563   7.872   1.00 18.86 ? 339 ALA A C   1 
ATOM   994  O O   . ALA A 1 144 ? 3.433   -0.494  8.500   1.00 19.05 ? 339 ALA A O   1 
ATOM   995  C CB  . ALA A 1 144 ? 4.621   2.430   8.960   1.00 20.92 ? 339 ALA A CB  1 
ATOM   996  N N   . PHE A 1 145 ? 3.222   0.632   6.545   1.00 16.68 ? 340 PHE A N   1 
ATOM   997  C CA  . PHE A 1 145 ? 3.432   -0.515  5.663   1.00 14.34 ? 340 PHE A CA  1 
ATOM   998  C C   . PHE A 1 145 ? 2.437   -1.643  5.861   1.00 17.26 ? 340 PHE A C   1 
ATOM   999  O O   . PHE A 1 145 ? 2.709   -2.787  5.533   1.00 18.60 ? 340 PHE A O   1 
ATOM   1000 C CB  . PHE A 1 145 ? 4.898   -0.965  5.711   1.00 16.82 ? 340 PHE A CB  1 
ATOM   1001 C CG  . PHE A 1 145 ? 5.825   0.151   5.386   1.00 17.15 ? 340 PHE A CG  1 
ATOM   1002 C CD1 . PHE A 1 145 ? 5.985   0.557   4.072   1.00 19.16 ? 340 PHE A CD1 1 
ATOM   1003 C CD2 . PHE A 1 145 ? 6.447   0.871   6.391   1.00 20.62 ? 340 PHE A CD2 1 
ATOM   1004 C CE1 . PHE A 1 145 ? 6.786   1.639   3.752   1.00 19.10 ? 340 PHE A CE1 1 
ATOM   1005 C CE2 . PHE A 1 145 ? 7.255   1.951   6.077   1.00 19.90 ? 340 PHE A CE2 1 
ATOM   1006 C CZ  . PHE A 1 145 ? 7.432   2.329   4.758   1.00 21.68 ? 340 PHE A CZ  1 
ATOM   1007 N N   . VAL A 1 146 ? 1.261   -1.279  6.364   1.00 16.26 ? 341 VAL A N   1 
ATOM   1008 C CA  . VAL A 1 146 ? 0.118   -2.190  6.421   1.00 17.95 ? 341 VAL A CA  1 
ATOM   1009 C C   . VAL A 1 146 ? -0.414  -2.440  5.012   1.00 14.16 ? 341 VAL A C   1 
ATOM   1010 O O   . VAL A 1 146 ? -0.370  -1.548  4.153   1.00 16.48 ? 341 VAL A O   1 
ATOM   1011 C CB  . VAL A 1 146 ? -0.987  -1.601  7.331   1.00 16.83 ? 341 VAL A CB  1 
ATOM   1012 C CG1 . VAL A 1 146 ? -2.351  -2.255  7.082   1.00 18.05 ? 341 VAL A CG1 1 
ATOM   1013 C CG2 . VAL A 1 146 ? -0.582  -1.757  8.788   1.00 16.69 ? 341 VAL A CG2 1 
ATOM   1014 N N   . HIS A 1 147 ? -0.852  -3.669  4.752   1.00 15.34 ? 342 HIS A N   1 
ATOM   1015 C CA  . HIS A 1 147 ? -1.514  -3.989  3.493   1.00 15.32 ? 342 HIS A CA  1 
ATOM   1016 C C   . HIS A 1 147 ? -2.919  -4.463  3.803   1.00 15.93 ? 342 HIS A C   1 
ATOM   1017 O O   . HIS A 1 147 ? -3.101  -5.486  4.463   1.00 15.32 ? 342 HIS A O   1 
ATOM   1018 C CB  . HIS A 1 147 ? -0.750  -5.088  2.749   1.00 15.67 ? 342 HIS A CB  1 
ATOM   1019 C CG  . HIS A 1 147 ? -1.349  -5.462  1.426   1.00 17.14 ? 342 HIS A CG  1 
ATOM   1020 N ND1 . HIS A 1 147 ? -0.893  -6.531  0.684   1.00 17.22 ? 342 HIS A ND1 1 
ATOM   1021 C CD2 . HIS A 1 147 ? -2.361  -4.911  0.711   1.00 15.48 ? 342 HIS A CD2 1 
ATOM   1022 C CE1 . HIS A 1 147 ? -1.606  -6.631  -0.428  1.00 18.71 ? 342 HIS A CE1 1 
ATOM   1023 N NE2 . HIS A 1 147 ? -2.502  -5.660  -0.435  1.00 17.19 ? 342 HIS A NE2 1 
ATOM   1024 N N   . ILE A 1 148 ? -3.914  -3.709  3.335   1.00 13.99 ? 343 ILE A N   1 
ATOM   1025 C CA  . ILE A 1 148 ? -5.294  -4.169  3.378   1.00 15.50 ? 343 ILE A CA  1 
ATOM   1026 C C   . ILE A 1 148 ? -5.614  -4.728  1.992   1.00 13.77 ? 343 ILE A C   1 
ATOM   1027 O O   . ILE A 1 148 ? -5.679  -3.981  1.015   1.00 14.62 ? 343 ILE A O   1 
ATOM   1028 C CB  . ILE A 1 148 ? -6.276  -3.013  3.721   1.00 13.24 ? 343 ILE A CB  1 
ATOM   1029 C CG1 . ILE A 1 148 ? -5.852  -2.297  5.011   1.00 14.10 ? 343 ILE A CG1 1 
ATOM   1030 C CG2 . ILE A 1 148 ? -7.705  -3.541  3.864   1.00 15.07 ? 343 ILE A CG2 1 
ATOM   1031 C CD1 . ILE A 1 148 ? -5.708  -3.222  6.212   1.00 16.65 ? 343 ILE A CD1 1 
ATOM   1032 N N   . SER A 1 149 ? -5.787  -6.043  1.901   1.00 13.66 ? 344 SER A N   1 
ATOM   1033 C CA  . SER A 1 149 ? -5.878  -6.722  0.601   1.00 14.20 ? 344 SER A CA  1 
ATOM   1034 C C   . SER A 1 149 ? -7.234  -6.486  -0.077  1.00 13.15 ? 344 SER A C   1 
ATOM   1035 O O   . SER A 1 149 ? -8.147  -5.935  0.558   1.00 13.47 ? 344 SER A O   1 
ATOM   1036 C CB  . SER A 1 149 ? -5.618  -8.214  0.802   1.00 16.81 ? 344 SER A CB  1 
ATOM   1037 O OG  . SER A 1 149 ? -4.295  -8.409  1.299   1.00 16.71 ? 344 SER A OG  1 
ATOM   1038 N N   . PRO A 1 150 ? -7.367  -6.893  -1.357  1.00 12.98 ? 345 PRO A N   1 
ATOM   1039 C CA  . PRO A 1 150 ? -8.607  -6.587  -2.076  1.00 12.02 ? 345 PRO A CA  1 
ATOM   1040 C C   . PRO A 1 150 ? -9.854  -7.049  -1.334  1.00 13.59 ? 345 PRO A C   1 
ATOM   1041 O O   . PRO A 1 150 ? -9.899  -8.151  -0.798  1.00 13.15 ? 345 PRO A O   1 
ATOM   1042 C CB  . PRO A 1 150 ? -8.444  -7.361  -3.390  1.00 13.99 ? 345 PRO A CB  1 
ATOM   1043 C CG  . PRO A 1 150 ? -6.972  -7.277  -3.642  1.00 13.52 ? 345 PRO A CG  1 
ATOM   1044 C CD  . PRO A 1 150 ? -6.368  -7.497  -2.258  1.00 14.27 ? 345 PRO A CD  1 
ATOM   1045 N N   . GLY A 1 151 ? -10.860 -6.182  -1.292  1.00 13.74 ? 346 GLY A N   1 
ATOM   1046 C CA  . GLY A 1 151 ? -12.154 -6.562  -0.758  1.00 13.99 ? 346 GLY A CA  1 
ATOM   1047 C C   . GLY A 1 151 ? -12.233 -6.797  0.739   1.00 15.20 ? 346 GLY A C   1 
ATOM   1048 O O   . GLY A 1 151 ? -13.258 -7.287  1.240   1.00 14.61 ? 346 GLY A O   1 
ATOM   1049 N N   . ALA A 1 152 ? -11.163 -6.462  1.466   1.00 13.85 ? 347 ALA A N   1 
ATOM   1050 C CA  . ALA A 1 152 ? -11.220 -6.565  2.919   1.00 12.27 ? 347 ALA A CA  1 
ATOM   1051 C C   . ALA A 1 152 ? -11.965 -5.356  3.460   1.00 14.35 ? 347 ALA A C   1 
ATOM   1052 O O   . ALA A 1 152 ? -11.881 -4.266  2.889   1.00 16.36 ? 347 ALA A O   1 
ATOM   1053 C CB  . ALA A 1 152 ? -9.822  -6.651  3.505   1.00 14.23 ? 347 ALA A CB  1 
ATOM   1054 N N   . HIS A 1 153 ? -12.701 -5.544  4.549   1.00 13.58 ? 348 HIS A N   1 
ATOM   1055 C CA  . HIS A 1 153 ? -13.519 -4.449  5.074   1.00 13.69 ? 348 HIS A CA  1 
ATOM   1056 C C   . HIS A 1 153 ? -13.260 -4.261  6.544   1.00 14.27 ? 348 HIS A C   1 
ATOM   1057 O O   . HIS A 1 153 ? -13.531 -5.154  7.344   1.00 17.40 ? 348 HIS A O   1 
ATOM   1058 C CB  . HIS A 1 153 ? -15.000 -4.741  4.849   1.00 14.38 ? 348 HIS A CB  1 
ATOM   1059 C CG  . HIS A 1 153 ? -15.351 -4.906  3.404   1.00 14.88 ? 348 HIS A CG  1 
ATOM   1060 N ND1 . HIS A 1 153 ? -15.427 -3.839  2.541   1.00 18.74 ? 348 HIS A ND1 1 
ATOM   1061 C CD2 . HIS A 1 153 ? -15.610 -6.011  2.667   1.00 15.72 ? 348 HIS A CD2 1 
ATOM   1062 C CE1 . HIS A 1 153 ? -15.726 -4.275  1.331   1.00 17.84 ? 348 HIS A CE1 1 
ATOM   1063 N NE2 . HIS A 1 153 ? -15.843 -5.587  1.378   1.00 18.21 ? 348 HIS A NE2 1 
ATOM   1064 N N   . LEU A 1 154 ? -12.737 -3.101  6.909   1.00 13.86 ? 349 LEU A N   1 
ATOM   1065 C CA  . LEU A 1 154 ? -12.518 -2.811  8.326   1.00 14.39 ? 349 LEU A CA  1 
ATOM   1066 C C   . LEU A 1 154 ? -13.663 -1.974  8.862   1.00 19.15 ? 349 LEU A C   1 
ATOM   1067 O O   . LEU A 1 154 ? -14.002 -0.945  8.282   1.00 17.21 ? 349 LEU A O   1 
ATOM   1068 C CB  . LEU A 1 154 ? -11.208 -2.055  8.539   1.00 14.36 ? 349 LEU A CB  1 
ATOM   1069 C CG  . LEU A 1 154 ? -9.963  -2.674  7.906   1.00 15.37 ? 349 LEU A CG  1 
ATOM   1070 C CD1 . LEU A 1 154 ? -8.757  -1.842  8.259   1.00 18.64 ? 349 LEU A CD1 1 
ATOM   1071 C CD2 . LEU A 1 154 ? -9.793  -4.129  8.350   1.00 17.09 ? 349 LEU A CD2 1 
ATOM   1072 N N   . SER A 1 155 ? -14.256 -2.419  9.962   1.00 15.86 ? 350 SER A N   1 
ATOM   1073 C CA  . SER A 1 155 ? -15.293 -1.642  10.630  1.00 16.03 ? 350 SER A CA  1 
ATOM   1074 C C   . SER A 1 155 ? -14.685 -0.415  11.297  1.00 15.23 ? 350 SER A C   1 
ATOM   1075 O O   . SER A 1 155 ? -13.463 -0.281  11.367  1.00 17.51 ? 350 SER A O   1 
ATOM   1076 C CB  . SER A 1 155 ? -15.996 -2.485  11.696  1.00 16.54 ? 350 SER A CB  1 
ATOM   1077 O OG  . SER A 1 155 ? -16.748 -3.548  11.134  1.00 16.14 ? 350 SER A OG  1 
ATOM   1078 N N   . GLY A 1 156 ? -15.542 0.482   11.780  1.00 14.85 ? 351 GLY A N   1 
ATOM   1079 C CA  . GLY A 1 156 ? -15.086 1.685   12.465  1.00 14.78 ? 351 GLY A CA  1 
ATOM   1080 C C   . GLY A 1 156 ? -14.153 1.379   13.630  1.00 19.29 ? 351 GLY A C   1 
ATOM   1081 O O   . GLY A 1 156 ? -14.299 0.362   14.303  1.00 16.60 ? 351 GLY A O   1 
ATOM   1082 N N   . ASN A 1 157 ? -13.185 2.264   13.844  1.00 17.13 ? 352 ASN A N   1 
ATOM   1083 C CA  . ASN A 1 157 ? -12.299 2.190   15.004  1.00 17.17 ? 352 ASN A CA  1 
ATOM   1084 C C   . ASN A 1 157 ? -11.472 0.915   15.047  1.00 19.32 ? 352 ASN A C   1 
ATOM   1085 O O   . ASN A 1 157 ? -11.230 0.364   16.118  1.00 19.65 ? 352 ASN A O   1 
ATOM   1086 C CB  . ASN A 1 157 ? -13.089 2.371   16.309  1.00 20.11 ? 352 ASN A CB  1 
ATOM   1087 C CG  . ASN A 1 157 ? -13.620 3.789   16.466  1.00 24.34 ? 352 ASN A CG  1 
ATOM   1088 O OD1 . ASN A 1 157 ? -12.908 4.689   16.920  1.00 30.14 ? 352 ASN A OD1 1 
ATOM   1089 N ND2 . ASN A 1 157 ? -14.860 3.996   16.071  1.00 21.68 ? 352 ASN A ND2 1 
ATOM   1090 N N   . THR A 1 158 ? -11.039 0.461   13.876  1.00 15.64 ? 353 THR A N   1 
ATOM   1091 C CA  . THR A 1 158 ? -10.130 -0.680  13.793  1.00 17.15 ? 353 THR A CA  1 
ATOM   1092 C C   . THR A 1 158 ? -8.707  -0.159  13.738  1.00 17.52 ? 353 THR A C   1 
ATOM   1093 O O   . THR A 1 158 ? -8.397  0.758   12.976  1.00 16.91 ? 353 THR A O   1 
ATOM   1094 C CB  . THR A 1 158 ? -10.405 -1.547  12.544  1.00 17.16 ? 353 THR A CB  1 
ATOM   1095 O OG1 . THR A 1 158 ? -11.741 -2.053  12.584  1.00 16.96 ? 353 THR A OG1 1 
ATOM   1096 C CG2 . THR A 1 158 ? -9.440  -2.738  12.478  1.00 17.17 ? 353 THR A CG2 1 
ATOM   1097 N N   . ARG A 1 159 ? -7.832  -0.731  14.559  1.00 17.03 ? 354 ARG A N   1 
ATOM   1098 C CA  . ARG A 1 159 ? -6.425  -0.370  14.529  1.00 17.25 ? 354 ARG A CA  1 
ATOM   1099 C C   . ARG A 1 159 ? -5.632  -1.554  13.993  1.00 20.71 ? 354 ARG A C   1 
ATOM   1100 O O   . ARG A 1 159 ? -5.870  -2.688  14.392  1.00 19.24 ? 354 ARG A O   1 
ATOM   1101 C CB  . ARG A 1 159 ? -5.948  -0.018  15.945  1.00 19.24 ? 354 ARG A CB  1 
ATOM   1102 C CG  . ARG A 1 159 ? -6.642  1.202   16.532  1.00 26.69 ? 354 ARG A CG  1 
ATOM   1103 C CD  . ARG A 1 159 ? -6.173  1.476   17.955  1.00 39.27 ? 354 ARG A CD  1 
ATOM   1104 N NE  . ARG A 1 159 ? -6.609  0.424   18.869  1.00 42.14 ? 354 ARG A NE  1 
ATOM   1105 C CZ  . ARG A 1 159 ? -6.259  0.340   20.150  1.00 47.74 ? 354 ARG A CZ  1 
ATOM   1106 N NH1 . ARG A 1 159 ? -5.448  1.247   20.677  1.00 50.08 ? 354 ARG A NH1 1 
ATOM   1107 N NH2 . ARG A 1 159 ? -6.716  -0.659  20.900  1.00 45.54 ? 354 ARG A NH2 1 
ATOM   1108 N N   . ILE A 1 160 ? -4.713  -1.282  13.073  1.00 17.53 ? 355 ILE A N   1 
ATOM   1109 C CA  . ILE A 1 160 ? -3.886  -2.335  12.479  1.00 15.74 ? 355 ILE A CA  1 
ATOM   1110 C C   . ILE A 1 160 ? -2.422  -1.958  12.638  1.00 19.35 ? 355 ILE A C   1 
ATOM   1111 O O   . ILE A 1 160 ? -1.979  -0.921  12.140  1.00 19.94 ? 355 ILE A O   1 
ATOM   1112 C CB  . ILE A 1 160 ? -4.188  -2.516  10.974  1.00 17.56 ? 355 ILE A CB  1 
ATOM   1113 C CG1 . ILE A 1 160 ? -5.694  -2.696  10.714  1.00 18.14 ? 355 ILE A CG1 1 
ATOM   1114 C CG2 . ILE A 1 160 ? -3.346  -3.645  10.381  1.00 19.59 ? 355 ILE A CG2 1 
ATOM   1115 C CD1 . ILE A 1 160 ? -6.269  -4.069  11.101  1.00 18.67 ? 355 ILE A CD1 1 
ATOM   1116 N N   . GLY A 1 161 ? -1.664  -2.809  13.326  1.00 19.51 ? 356 GLY A N   1 
ATOM   1117 C CA  . GLY A 1 161 ? -0.273  -2.519  13.604  1.00 17.70 ? 356 GLY A CA  1 
ATOM   1118 C C   . GLY A 1 161 ? 0.672   -2.632  12.427  1.00 19.61 ? 356 GLY A C   1 
ATOM   1119 O O   . GLY A 1 161 ? 0.363   -3.231  11.393  1.00 17.26 ? 356 GLY A O   1 
ATOM   1120 N N   . GLU A 1 162 ? 1.857   -2.062  12.614  1.00 19.69 ? 357 GLU A N   1 
ATOM   1121 C CA  . GLU A 1 162 ? 2.865   -1.926  11.574  1.00 19.69 ? 357 GLU A CA  1 
ATOM   1122 C C   . GLU A 1 162 ? 3.184   -3.222  10.811  1.00 19.81 ? 357 GLU A C   1 
ATOM   1123 O O   . GLU A 1 162 ? 3.345   -4.273  11.410  1.00 20.10 ? 357 GLU A O   1 
ATOM   1124 C CB  . GLU A 1 162 ? 4.126   -1.328  12.219  1.00 25.36 ? 357 GLU A CB  1 
ATOM   1125 C CG  . GLU A 1 162 ? 5.317   -1.200  11.323  1.00 36.92 ? 357 GLU A CG  1 
ATOM   1126 C CD  . GLU A 1 162 ? 6.238   -2.393  11.408  1.00 31.12 ? 357 GLU A CD  1 
ATOM   1127 O OE1 . GLU A 1 162 ? 5.970   -3.309  12.214  1.00 42.65 ? 357 GLU A OE1 1 
ATOM   1128 O OE2 . GLU A 1 162 ? 7.239   -2.409  10.667  1.00 50.15 ? 357 GLU A OE2 1 
ATOM   1129 N N   . GLU A 1 163 ? 3.202   -3.131  9.480   1.00 17.56 ? 358 GLU A N   1 
ATOM   1130 C CA  . GLU A 1 163 ? 3.572   -4.232  8.578   1.00 17.90 ? 358 GLU A CA  1 
ATOM   1131 C C   . GLU A 1 163 ? 2.596   -5.398  8.530   1.00 18.27 ? 358 GLU A C   1 
ATOM   1132 O O   . GLU A 1 163 ? 2.878   -6.400  7.882   1.00 19.39 ? 358 GLU A O   1 
ATOM   1133 C CB  . GLU A 1 163 ? 4.992   -4.761  8.864   1.00 19.78 ? 358 GLU A CB  1 
ATOM   1134 C CG  . GLU A 1 163 ? 6.097   -3.963  8.197   1.00 21.05 ? 358 GLU A CG  1 
ATOM   1135 C CD  . GLU A 1 163 ? 7.489   -4.521  8.501   1.00 30.10 ? 358 GLU A CD  1 
ATOM   1136 O OE1 . GLU A 1 163 ? 7.638   -5.752  8.625   1.00 36.82 ? 358 GLU A OE1 1 
ATOM   1137 O OE2 . GLU A 1 163 ? 8.430   -3.721  8.633   1.00 35.35 ? 358 GLU A OE2 1 
ATOM   1138 N N   . SER A 1 164 ? 1.447   -5.271  9.182   1.00 17.82 ? 359 SER A N   1 
ATOM   1139 C CA  . SER A 1 164 ? 0.479   -6.360  9.178   1.00 16.14 ? 359 SER A CA  1 
ATOM   1140 C C   . SER A 1 164 ? -0.177  -6.492  7.812   1.00 17.71 ? 359 SER A C   1 
ATOM   1141 O O   . SER A 1 164 ? -0.318  -5.507  7.097   1.00 18.13 ? 359 SER A O   1 
ATOM   1142 C CB  . SER A 1 164 ? -0.562  -6.143  10.269  1.00 18.97 ? 359 SER A CB  1 
ATOM   1143 O OG  . SER A 1 164 ? 0.038   -6.310  11.547  1.00 18.74 ? 359 SER A OG  1 
ATOM   1144 N N   . ARG A 1 165 ? -0.533  -7.722  7.449   1.00 15.68 ? 360 ARG A N   1 
ATOM   1145 C CA  . ARG A 1 165 ? -1.200  -7.999  6.179   1.00 16.90 ? 360 ARG A CA  1 
ATOM   1146 C C   . ARG A 1 165 ? -2.582  -8.552  6.473   1.00 18.09 ? 360 ARG A C   1 
ATOM   1147 O O   . ARG A 1 165 ? -2.718  -9.568  7.141   1.00 19.01 ? 360 ARG A O   1 
ATOM   1148 C CB  . ARG A 1 165 ? -0.403  -9.018  5.358   1.00 19.55 ? 360 ARG A CB  1 
ATOM   1149 C CG  . ARG A 1 165 ? -0.995  -9.280  3.980   1.00 19.83 ? 360 ARG A CG  1 
ATOM   1150 C CD  . ARG A 1 165 ? -0.174  -10.298 3.170   1.00 22.92 ? 360 ARG A CD  1 
ATOM   1151 N NE  . ARG A 1 165 ? -0.206  -11.651 3.724   1.00 25.25 ? 360 ARG A NE  1 
ATOM   1152 C CZ  . ARG A 1 165 ? -1.146  -12.552 3.455   1.00 35.37 ? 360 ARG A CZ  1 
ATOM   1153 N NH1 . ARG A 1 165 ? -2.155  -12.245 2.649   1.00 35.48 ? 360 ARG A NH1 1 
ATOM   1154 N NH2 . ARG A 1 165 ? -1.080  -13.763 3.997   1.00 34.22 ? 360 ARG A NH2 1 
ATOM   1155 N N   . ILE A 1 166 ? -3.612  -7.871  5.985   1.00 14.29 ? 361 ILE A N   1 
ATOM   1156 C CA  . ILE A 1 166 ? -4.974  -8.321  6.199   1.00 14.08 ? 361 ILE A CA  1 
ATOM   1157 C C   . ILE A 1 166 ? -5.425  -8.894  4.865   1.00 15.45 ? 361 ILE A C   1 
ATOM   1158 O O   . ILE A 1 166 ? -5.458  -8.181  3.883   1.00 15.82 ? 361 ILE A O   1 
ATOM   1159 C CB  . ILE A 1 166 ? -5.871  -7.128  6.624   1.00 15.42 ? 361 ILE A CB  1 
ATOM   1160 C CG1 . ILE A 1 166 ? -5.307  -6.467  7.890   1.00 16.80 ? 361 ILE A CG1 1 
ATOM   1161 C CG2 . ILE A 1 166 ? -7.321  -7.567  6.808   1.00 16.74 ? 361 ILE A CG2 1 
ATOM   1162 C CD1 . ILE A 1 166 ? -5.127  -7.454  9.078   1.00 17.46 ? 361 ILE A CD1 1 
ATOM   1163 N N   . GLY A 1 167 ? -5.753  -10.186 4.838   1.00 15.40 ? 362 GLY A N   1 
ATOM   1164 C CA  . GLY A 1 167 ? -5.977  -10.902 3.591   1.00 14.89 ? 362 GLY A CA  1 
ATOM   1165 C C   . GLY A 1 167 ? -7.207  -10.526 2.792   1.00 16.52 ? 362 GLY A C   1 
ATOM   1166 O O   . GLY A 1 167 ? -8.102  -9.838  3.284   1.00 16.44 ? 362 GLY A O   1 
ATOM   1167 N N   . THR A 1 168 ? -7.233  -10.987 1.543   1.00 14.00 ? 363 THR A N   1 
ATOM   1168 C CA  . THR A 1 168 ? -8.321  -10.683 0.616   1.00 12.50 ? 363 THR A CA  1 
ATOM   1169 C C   . THR A 1 168 ? -9.651  -11.103 1.229   1.00 15.70 ? 363 THR A C   1 
ATOM   1170 O O   . THR A 1 168 ? -9.778  -12.207 1.737   1.00 16.23 ? 363 THR A O   1 
ATOM   1171 C CB  . THR A 1 168 ? -8.088  -11.440 -0.698  1.00 14.94 ? 363 THR A CB  1 
ATOM   1172 O OG1 . THR A 1 168 ? -6.895  -10.933 -1.313  1.00 15.40 ? 363 THR A OG1 1 
ATOM   1173 C CG2 . THR A 1 168 ? -9.292  -11.292 -1.655  1.00 16.08 ? 363 THR A CG2 1 
ATOM   1174 N N   . GLY A 1 169 ? -10.630 -10.204 1.227   1.00 13.71 ? 364 GLY A N   1 
ATOM   1175 C CA  . GLY A 1 169 ? -11.951 -10.550 1.706   1.00 12.87 ? 364 GLY A CA  1 
ATOM   1176 C C   . GLY A 1 169 ? -12.078 -10.687 3.209   1.00 15.82 ? 364 GLY A C   1 
ATOM   1177 O O   . GLY A 1 169 ? -13.127 -11.086 3.693   1.00 16.44 ? 364 GLY A O   1 
ATOM   1178 N N   . ALA A 1 170 ? -11.024 -10.366 3.951   1.00 13.98 ? 365 ALA A N   1 
ATOM   1179 C CA  . ALA A 1 170 ? -11.118 -10.396 5.406   1.00 12.94 ? 365 ALA A CA  1 
ATOM   1180 C C   . ALA A 1 170 ? -11.984 -9.260  5.931   1.00 17.55 ? 365 ALA A C   1 
ATOM   1181 O O   . ALA A 1 170 ? -12.298 -8.330  5.204   1.00 16.95 ? 365 ALA A O   1 
ATOM   1182 C CB  . ALA A 1 170 ? -9.740  -10.350 6.039   1.00 14.76 ? 365 ALA A CB  1 
ATOM   1183 N N   . CYS A 1 171 ? -12.372 -9.322  7.198   1.00 13.59 ? 366 CYS A N   1 
ATOM   1184 C CA  . CYS A 1 171 ? -13.086 -8.185  7.773   1.00 15.70 ? 366 CYS A CA  1 
ATOM   1185 C C   . CYS A 1 171 ? -12.793 -8.085  9.259   1.00 17.43 ? 366 CYS A C   1 
ATOM   1186 O O   . CYS A 1 171 ? -12.284 -9.025  9.856   1.00 16.81 ? 366 CYS A O   1 
ATOM   1187 C CB  . CYS A 1 171 ? -14.586 -8.294  7.526   1.00 16.41 ? 366 CYS A CB  1 
ATOM   1188 S SG  . CYS A 1 171 ? -15.342 -9.755  8.249   1.00 20.38 ? 366 CYS A SG  1 
ATOM   1189 N N   . SER A 1 172 ? -13.090 -6.926  9.835   1.00 15.67 ? 367 SER A N   1 
ATOM   1190 C CA  . SER A 1 172 ? -12.962 -6.740  11.276  1.00 16.04 ? 367 SER A CA  1 
ATOM   1191 C C   . SER A 1 172 ? -14.287 -6.251  11.843  1.00 17.57 ? 367 SER A C   1 
ATOM   1192 O O   . SER A 1 172 ? -15.049 -5.567  11.155  1.00 17.77 ? 367 SER A O   1 
ATOM   1193 C CB  . SER A 1 172 ? -11.865 -5.725  11.595  1.00 17.97 ? 367 SER A CB  1 
ATOM   1194 O OG  . SER A 1 172 ? -12.258 -4.398  11.237  1.00 16.62 ? 367 SER A OG  1 
ATOM   1195 N N   . ARG A 1 173 ? -14.562 -6.631  13.092  1.00 16.79 ? 368 ARG A N   1 
ATOM   1196 C CA  . ARG A 1 173 ? -15.626 -6.030  13.891  1.00 17.05 ? 368 ARG A CA  1 
ATOM   1197 C C   . ARG A 1 173 ? -15.147 -4.669  14.378  1.00 17.49 ? 368 ARG A C   1 
ATOM   1198 O O   . ARG A 1 173 ? -13.941 -4.414  14.451  1.00 19.23 ? 368 ARG A O   1 
ATOM   1199 C CB  . ARG A 1 173 ? -15.935 -6.934  15.098  1.00 20.12 ? 368 ARG A CB  1 
ATOM   1200 C CG  . ARG A 1 173 ? -17.108 -6.508  15.967  1.00 31.29 ? 368 ARG A CG  1 
ATOM   1201 C CD  . ARG A 1 173 ? -17.296 -7.473  17.139  1.00 35.55 ? 368 ARG A CD  1 
ATOM   1202 N N   . GLN A 1 174 ? -16.082 -3.792  14.736  1.00 19.24 ? 369 GLN A N   1 
ATOM   1203 C CA  . GLN A 1 174 ? -15.703 -2.474  15.218  1.00 17.95 ? 369 GLN A CA  1 
ATOM   1204 C C   . GLN A 1 174 ? -14.873 -2.561  16.492  1.00 19.47 ? 369 GLN A C   1 
ATOM   1205 O O   . GLN A 1 174 ? -15.010 -3.502  17.277  1.00 20.06 ? 369 GLN A O   1 
ATOM   1206 C CB  . GLN A 1 174 ? -16.936 -1.597  15.439  1.00 21.69 ? 369 GLN A CB  1 
ATOM   1207 C CG  . GLN A 1 174 ? -17.833 -2.010  16.580  1.00 25.32 ? 369 GLN A CG  1 
ATOM   1208 C CD  . GLN A 1 174 ? -19.058 -1.109  16.667  1.00 33.12 ? 369 GLN A CD  1 
ATOM   1209 O OE1 . GLN A 1 174 ? -19.298 -0.458  17.684  1.00 47.73 ? 369 GLN A OE1 1 
ATOM   1210 N NE2 . GLN A 1 174 ? -19.831 -1.060  15.585  1.00 43.49 ? 369 GLN A NE2 1 
ATOM   1211 N N   . GLN A 1 175 ? -13.993 -1.584  16.655  1.00 16.77 ? 370 GLN A N   1 
ATOM   1212 C CA  . GLN A 1 175 ? -13.171 -1.444  17.858  1.00 18.54 ? 370 GLN A CA  1 
ATOM   1213 C C   . GLN A 1 175 ? -12.219 -2.613  18.094  1.00 20.70 ? 370 GLN A C   1 
ATOM   1214 O O   . GLN A 1 175 ? -11.893 -2.928  19.241  1.00 25.22 ? 370 GLN A O   1 
ATOM   1215 C CB  . GLN A 1 175 ? -14.054 -1.219  19.086  1.00 20.69 ? 370 GLN A CB  1 
ATOM   1216 C CG  . GLN A 1 175 ? -15.007 -0.047  18.937  1.00 27.19 ? 370 GLN A CG  1 
ATOM   1217 C CD  . GLN A 1 175 ? -15.871 0.161   20.160  1.00 39.24 ? 370 GLN A CD  1 
ATOM   1218 O OE1 . GLN A 1 175 ? -15.370 0.478   21.238  1.00 45.25 ? 370 GLN A OE1 1 
ATOM   1219 N NE2 . GLN A 1 175 ? -17.179 -0.023  20.003  1.00 45.99 ? 370 GLN A NE2 1 
ATOM   1220 N N   . THR A 1 176 ? -11.780 -3.270  17.027  1.00 17.67 ? 371 THR A N   1 
ATOM   1221 C CA  . THR A 1 176 ? -10.795 -4.327  17.195  1.00 19.87 ? 371 THR A CA  1 
ATOM   1222 C C   . THR A 1 176 ? -9.390  -3.790  16.978  1.00 19.51 ? 371 THR A C   1 
ATOM   1223 O O   . THR A 1 176 ? -9.176  -2.848  16.212  1.00 18.81 ? 371 THR A O   1 
ATOM   1224 C CB  . THR A 1 176 ? -11.044 -5.500  16.240  1.00 23.31 ? 371 THR A CB  1 
ATOM   1225 O OG1 . THR A 1 176 ? -11.223 -4.995  14.916  1.00 24.86 ? 371 THR A OG1 1 
ATOM   1226 C CG2 . THR A 1 176 ? -12.286 -6.266  16.647  1.00 25.08 ? 371 THR A CG2 1 
ATOM   1227 N N   . THR A 1 177 ? -8.420  -4.399  17.653  1.00 18.69 ? 372 THR A N   1 
ATOM   1228 C CA  . THR A 1 177 ? -7.037  -3.982  17.504  1.00 18.86 ? 372 THR A CA  1 
ATOM   1229 C C   . THR A 1 177 ? -6.175  -5.150  17.053  1.00 20.03 ? 372 THR A C   1 
ATOM   1230 O O   . THR A 1 177 ? -6.104  -6.177  17.723  1.00 20.77 ? 372 THR A O   1 
ATOM   1231 C CB  . THR A 1 177 ? -6.473  -3.389  18.823  1.00 21.29 ? 372 THR A CB  1 
ATOM   1232 O OG1 . THR A 1 177 ? -7.236  -2.238  19.195  1.00 23.96 ? 372 THR A OG1 1 
ATOM   1233 C CG2 . THR A 1 177 ? -5.023  -2.983  18.642  1.00 26.15 ? 372 THR A CG2 1 
ATOM   1234 N N   . VAL A 1 178 ? -5.548  -4.994  15.896  1.00 20.10 ? 373 VAL A N   1 
ATOM   1235 C CA  . VAL A 1 178 ? -4.618  -5.985  15.378  1.00 20.91 ? 373 VAL A CA  1 
ATOM   1236 C C   . VAL A 1 178 ? -3.212  -5.458  15.605  1.00 18.80 ? 373 VAL A C   1 
ATOM   1237 O O   . VAL A 1 178 ? -2.916  -4.305  15.284  1.00 18.30 ? 373 VAL A O   1 
ATOM   1238 C CB  . VAL A 1 178 ? -4.846  -6.223  13.868  1.00 19.43 ? 373 VAL A CB  1 
ATOM   1239 C CG1 . VAL A 1 178 ? -3.800  -7.180  13.313  1.00 20.75 ? 373 VAL A CG1 1 
ATOM   1240 C CG2 . VAL A 1 178 ? -6.244  -6.777  13.638  1.00 19.69 ? 373 VAL A CG2 1 
ATOM   1241 N N   . GLY A 1 179 ? -2.342  -6.297  16.168  1.00 19.97 ? 374 GLY A N   1 
ATOM   1242 C CA  . GLY A 1 179 ? -0.991  -5.862  16.479  1.00 23.10 ? 374 GLY A CA  1 
ATOM   1243 C C   . GLY A 1 179 ? -0.094  -5.746  15.262  1.00 24.12 ? 374 GLY A C   1 
ATOM   1244 O O   . GLY A 1 179 ? -0.554  -5.814  14.116  1.00 19.69 ? 374 GLY A O   1 
ATOM   1245 N N   A SER A 1 180 ? 1.201   -5.572  15.516  0.31 20.71 ? 375 SER A N   1 
ATOM   1246 N N   B SER A 1 180 ? 1.201   -5.578  15.507  0.69 20.67 ? 375 SER A N   1 
ATOM   1247 C CA  A SER A 1 180 ? 2.188   -5.430  14.454  0.31 21.04 ? 375 SER A CA  1 
ATOM   1248 C CA  B SER A 1 180 ? 2.159   -5.429  14.427  0.69 21.02 ? 375 SER A CA  1 
ATOM   1249 C C   A SER A 1 180 ? 2.634   -6.798  13.952  0.31 19.67 ? 375 SER A C   1 
ATOM   1250 C C   B SER A 1 180 ? 2.625   -6.795  13.946  0.69 19.59 ? 375 SER A C   1 
ATOM   1251 O O   A SER A 1 180 ? 2.601   -7.780  14.695  0.31 20.80 ? 375 SER A O   1 
ATOM   1252 O O   B SER A 1 180 ? 2.585   -7.774  14.697  0.69 20.76 ? 375 SER A O   1 
ATOM   1253 C CB  A SER A 1 180 ? 3.407   -4.645  14.952  0.31 22.05 ? 375 SER A CB  1 
ATOM   1254 C CB  B SER A 1 180 ? 3.358   -4.601  14.890  0.69 22.04 ? 375 SER A CB  1 
ATOM   1255 O OG  A SER A 1 180 ? 3.033   -3.420  15.558  0.31 22.53 ? 375 SER A OG  1 
ATOM   1256 O OG  B SER A 1 180 ? 3.923   -5.171  16.057  0.69 21.68 ? 375 SER A OG  1 
ATOM   1257 N N   . GLY A 1 181 ? 3.046   -6.856  12.688  1.00 20.52 ? 376 GLY A N   1 
ATOM   1258 C CA  . GLY A 1 181 ? 3.568   -8.081  12.104  1.00 20.14 ? 376 GLY A CA  1 
ATOM   1259 C C   . GLY A 1 181 ? 2.596   -9.248  12.101  1.00 22.17 ? 376 GLY A C   1 
ATOM   1260 O O   . GLY A 1 181 ? 3.007   -10.411 12.142  1.00 22.03 ? 376 GLY A O   1 
ATOM   1261 N N   . VAL A 1 182 ? 1.304   -8.932  12.047  1.00 19.77 ? 377 VAL A N   1 
ATOM   1262 C CA  . VAL A 1 182 ? 0.248   -9.936  12.031  1.00 19.53 ? 377 VAL A CA  1 
ATOM   1263 C C   . VAL A 1 182 ? -0.126  -10.291 10.590  1.00 19.13 ? 377 VAL A C   1 
ATOM   1264 O O   . VAL A 1 182 ? -0.130  -9.431  9.709   1.00 20.28 ? 377 VAL A O   1 
ATOM   1265 C CB  . VAL A 1 182 ? -0.997  -9.433  12.795  1.00 19.92 ? 377 VAL A CB  1 
ATOM   1266 C CG1 . VAL A 1 182 ? -2.207  -10.335 12.559  1.00 21.16 ? 377 VAL A CG1 1 
ATOM   1267 C CG2 . VAL A 1 182 ? -0.694  -9.312  14.295  1.00 21.41 ? 377 VAL A CG2 1 
ATOM   1268 N N   . THR A 1 183 ? -0.405  -11.568 10.356  1.00 16.65 ? 378 THR A N   1 
ATOM   1269 C CA  . THR A 1 183 ? -0.922  -12.024 9.077   1.00 18.13 ? 378 THR A CA  1 
ATOM   1270 C C   . THR A 1 183 ? -2.321  -12.564 9.305   1.00 20.41 ? 378 THR A C   1 
ATOM   1271 O O   . THR A 1 183 ? -2.508  -13.471 10.110  1.00 20.45 ? 378 THR A O   1 
ATOM   1272 C CB  . THR A 1 183 ? -0.072  -13.171 8.510   1.00 22.34 ? 378 THR A CB  1 
ATOM   1273 O OG1 . THR A 1 183 ? 1.257   -12.705 8.250   1.00 23.13 ? 378 THR A OG1 1 
ATOM   1274 C CG2 . THR A 1 183 ? -0.685  -13.686 7.224   1.00 21.87 ? 378 THR A CG2 1 
ATOM   1275 N N   . ALA A 1 184 ? -3.310  -11.990 8.622   1.00 16.73 ? 379 ALA A N   1 
ATOM   1276 C CA  . ALA A 1 184 ? -4.672  -12.501 8.684   1.00 16.45 ? 379 ALA A CA  1 
ATOM   1277 C C   . ALA A 1 184 ? -4.990  -13.038 7.308   1.00 18.00 ? 379 ALA A C   1 
ATOM   1278 O O   . ALA A 1 184 ? -4.880  -12.315 6.321   1.00 17.18 ? 379 ALA A O   1 
ATOM   1279 C CB  . ALA A 1 184 ? -5.655  -11.382 9.063   1.00 16.69 ? 379 ALA A CB  1 
ATOM   1280 N N   . GLY A 1 185 ? -5.341  -14.316 7.227   1.00 17.66 ? 380 GLY A N   1 
ATOM   1281 C CA  . GLY A 1 185 ? -5.519  -14.955 5.940   1.00 16.76 ? 380 GLY A CA  1 
ATOM   1282 C C   . GLY A 1 185 ? -6.733  -14.423 5.208   1.00 16.10 ? 380 GLY A C   1 
ATOM   1283 O O   . GLY A 1 185 ? -7.599  -13.775 5.809   1.00 17.68 ? 380 GLY A O   1 
ATOM   1284 N N   . ALA A 1 186 ? -6.779  -14.684 3.910   1.00 17.31 ? 381 ALA A N   1 
ATOM   1285 C CA  . ALA A 1 186 ? -7.964  -14.369 3.121   1.00 15.58 ? 381 ALA A CA  1 
ATOM   1286 C C   . ALA A 1 186 ? -9.218  -14.813 3.856   1.00 17.10 ? 381 ALA A C   1 
ATOM   1287 O O   . ALA A 1 186 ? -9.252  -15.895 4.470   1.00 18.84 ? 381 ALA A O   1 
ATOM   1288 C CB  . ALA A 1 186 ? -7.897  -15.041 1.758   1.00 16.45 ? 381 ALA A CB  1 
ATOM   1289 N N   . GLY A 1 187 ? -10.230 -13.951 3.839   1.00 16.10 ? 382 GLY A N   1 
ATOM   1290 C CA  . GLY A 1 187 ? -11.515 -14.285 4.438   1.00 15.66 ? 382 GLY A CA  1 
ATOM   1291 C C   . GLY A 1 187 ? -11.564 -14.297 5.959   1.00 17.79 ? 382 GLY A C   1 
ATOM   1292 O O   . GLY A 1 187 ? -12.606 -14.632 6.534   1.00 18.69 ? 382 GLY A O   1 
ATOM   1293 N N   . ALA A 1 188 ? -10.465 -13.929 6.617   1.00 15.20 ? 383 ALA A N   1 
ATOM   1294 C CA  . ALA A 1 188 ? -10.430 -13.945 8.079   1.00 16.20 ? 383 ALA A CA  1 
ATOM   1295 C C   . ALA A 1 188 ? -11.440 -12.976 8.683   1.00 16.83 ? 383 ALA A C   1 
ATOM   1296 O O   . ALA A 1 188 ? -11.560 -11.842 8.234   1.00 18.07 ? 383 ALA A O   1 
ATOM   1297 C CB  . ALA A 1 188 ? -9.031  -13.632 8.589   1.00 17.31 ? 383 ALA A CB  1 
ATOM   1298 N N   . VAL A 1 189 ? -12.158 -13.429 9.707   1.00 14.96 ? 384 VAL A N   1 
ATOM   1299 C CA  . VAL A 1 189 ? -13.160 -12.592 10.364  1.00 16.82 ? 384 VAL A CA  1 
ATOM   1300 C C   . VAL A 1 189 ? -12.658 -12.229 11.750  1.00 19.25 ? 384 VAL A C   1 
ATOM   1301 O O   . VAL A 1 189 ? -12.753 -13.024 12.685  1.00 19.36 ? 384 VAL A O   1 
ATOM   1302 C CB  . VAL A 1 189 ? -14.526 -13.294 10.466  1.00 16.54 ? 384 VAL A CB  1 
ATOM   1303 C CG1 . VAL A 1 189 ? -15.550 -12.380 11.130  1.00 18.67 ? 384 VAL A CG1 1 
ATOM   1304 C CG2 . VAL A 1 189 ? -15.003 -13.704 9.083   1.00 17.49 ? 384 VAL A CG2 1 
ATOM   1305 N N   . ILE A 1 190 ? -12.111 -11.025 11.866  1.00 17.33 ? 385 ILE A N   1 
ATOM   1306 C CA  . ILE A 1 190 ? -11.416 -10.595 13.070  1.00 18.27 ? 385 ILE A CA  1 
ATOM   1307 C C   . ILE A 1 190 ? -12.409 -10.022 14.074  1.00 18.17 ? 385 ILE A C   1 
ATOM   1308 O O   . ILE A 1 190 ? -12.929 -8.915  13.888  1.00 18.34 ? 385 ILE A O   1 
ATOM   1309 C CB  . ILE A 1 190 ? -10.321 -9.574  12.725  1.00 17.63 ? 385 ILE A CB  1 
ATOM   1310 C CG1 . ILE A 1 190 ? -9.331  -10.196 11.730  1.00 21.39 ? 385 ILE A CG1 1 
ATOM   1311 C CG2 . ILE A 1 190 ? -9.607  -9.104  14.005  1.00 19.64 ? 385 ILE A CG2 1 
ATOM   1312 C CD1 . ILE A 1 190 ? -8.388  -9.194  11.076  1.00 23.06 ? 385 ILE A CD1 1 
ATOM   1313 N N   . VAL A 1 191 ? -12.670 -10.792 15.130  1.00 17.52 ? 386 VAL A N   1 
ATOM   1314 C CA  . VAL A 1 191 ? -13.733 -10.484 16.081  1.00 19.58 ? 386 VAL A CA  1 
ATOM   1315 C C   . VAL A 1 191 ? -13.194 -10.123 17.461  1.00 22.26 ? 386 VAL A C   1 
ATOM   1316 O O   . VAL A 1 191 ? -13.958 -9.816  18.375  1.00 22.70 ? 386 VAL A O   1 
ATOM   1317 C CB  . VAL A 1 191 ? -14.684 -11.680 16.259  1.00 22.19 ? 386 VAL A CB  1 
ATOM   1318 C CG1 . VAL A 1 191 ? -15.293 -12.069 14.931  1.00 25.07 ? 386 VAL A CG1 1 
ATOM   1319 C CG2 . VAL A 1 191 ? -13.936 -12.866 16.884  1.00 23.82 ? 386 VAL A CG2 1 
ATOM   1320 N N   . CYS A 1 192 ? -11.881 -10.189 17.612  1.00 20.90 ? 387 CYS A N   1 
ATOM   1321 C CA  . CYS A 1 192 ? -11.236 -9.807  18.857  1.00 22.17 ? 387 CYS A CA  1 
ATOM   1322 C C   . CYS A 1 192 ? -9.871  -9.210  18.545  1.00 23.68 ? 387 CYS A C   1 
ATOM   1323 O O   . CYS A 1 192 ? -9.466  -9.148  17.382  1.00 22.60 ? 387 CYS A O   1 
ATOM   1324 C CB  . CYS A 1 192 ? -11.079 -11.033 19.760  1.00 22.02 ? 387 CYS A CB  1 
ATOM   1325 S SG  . CYS A 1 192 ? -10.043 -12.317 19.052  1.00 24.31 ? 387 CYS A SG  1 
ATOM   1326 N N   . ASP A 1 193 ? -9.161  -8.774  19.581  1.00 20.46 ? 388 ASP A N   1 
ATOM   1327 C CA  . ASP A 1 193 ? -7.819  -8.225  19.388  1.00 19.91 ? 388 ASP A CA  1 
ATOM   1328 C C   . ASP A 1 193 ? -6.838  -9.340  19.056  1.00 22.28 ? 388 ASP A C   1 
ATOM   1329 O O   . ASP A 1 193 ? -6.952  -10.450 19.581  1.00 21.36 ? 388 ASP A O   1 
ATOM   1330 C CB  . ASP A 1 193 ? -7.349  -7.474  20.638  1.00 22.79 ? 388 ASP A CB  1 
ATOM   1331 C CG  . ASP A 1 193 ? -8.187  -6.246  20.943  1.00 27.49 ? 388 ASP A CG  1 
ATOM   1332 O OD1 . ASP A 1 193 ? -8.970  -5.812  20.074  1.00 24.99 ? 388 ASP A OD1 1 
ATOM   1333 O OD2 . ASP A 1 193 ? -8.055  -5.710  22.062  1.00 30.43 ? 388 ASP A OD2 1 
ATOM   1334 N N   . ILE A 1 194 ? -5.875  -9.037  18.184  1.00 19.27 ? 389 ILE A N   1 
ATOM   1335 C CA  . ILE A 1 194 ? -4.870  -10.003 17.757  1.00 19.93 ? 389 ILE A CA  1 
ATOM   1336 C C   . ILE A 1 194 ? -3.479  -9.520  18.171  1.00 22.59 ? 389 ILE A C   1 
ATOM   1337 O O   . ILE A 1 194 ? -3.027  -8.462  17.747  1.00 21.87 ? 389 ILE A O   1 
ATOM   1338 C CB  . ILE A 1 194 ? -4.893  -10.201 16.221  1.00 18.66 ? 389 ILE A CB  1 
ATOM   1339 C CG1 . ILE A 1 194 ? -6.327  -10.453 15.716  1.00 20.07 ? 389 ILE A CG1 1 
ATOM   1340 C CG2 . ILE A 1 194 ? -3.942  -11.326 15.813  1.00 19.58 ? 389 ILE A CG2 1 
ATOM   1341 C CD1 . ILE A 1 194 ? -7.009  -11.709 16.266  1.00 20.25 ? 389 ILE A CD1 1 
ATOM   1342 N N   . PRO A 1 195 ? -2.795  -10.290 19.021  1.00 23.99 ? 390 PRO A N   1 
ATOM   1343 C CA  . PRO A 1 195 ? -1.468  -9.920  19.522  1.00 23.60 ? 390 PRO A CA  1 
ATOM   1344 C C   . PRO A 1 195 ? -0.419  -9.817  18.413  1.00 22.75 ? 390 PRO A C   1 
ATOM   1345 O O   . PRO A 1 195 ? -0.558  -10.490 17.392  1.00 21.62 ? 390 PRO A O   1 
ATOM   1346 C CB  . PRO A 1 195 ? -1.111  -11.090 20.452  1.00 24.58 ? 390 PRO A CB  1 
ATOM   1347 C CG  . PRO A 1 195 ? -2.412  -11.689 20.834  1.00 32.37 ? 390 PRO A CG  1 
ATOM   1348 C CD  . PRO A 1 195 ? -3.299  -11.529 19.634  1.00 24.33 ? 390 PRO A CD  1 
ATOM   1349 N N   . ASP A 1 196 ? 0.615   -9.003  18.629  1.00 21.12 ? 391 ASP A N   1 
ATOM   1350 C CA  . ASP A 1 196 ? 1.716   -8.862  17.668  1.00 22.77 ? 391 ASP A CA  1 
ATOM   1351 C C   . ASP A 1 196 ? 2.256   -10.203 17.190  1.00 21.84 ? 391 ASP A C   1 
ATOM   1352 O O   . ASP A 1 196 ? 2.406   -11.140 17.980  1.00 25.52 ? 391 ASP A O   1 
ATOM   1353 C CB  . ASP A 1 196 ? 2.909   -8.098  18.267  1.00 23.30 ? 391 ASP A CB  1 
ATOM   1354 C CG  . ASP A 1 196 ? 2.562   -6.711  18.746  1.00 27.87 ? 391 ASP A CG  1 
ATOM   1355 O OD1 . ASP A 1 196 ? 1.596   -6.102  18.250  1.00 28.64 ? 391 ASP A OD1 1 
ATOM   1356 O OD2 . ASP A 1 196 ? 3.292   -6.206  19.627  1.00 32.84 ? 391 ASP A OD2 1 
ATOM   1357 N N   . GLY A 1 197 ? 2.555   -10.285 15.898  1.00 20.56 ? 392 GLY A N   1 
ATOM   1358 C CA  . GLY A 1 197 ? 3.309   -11.394 15.339  1.00 24.54 ? 392 GLY A CA  1 
ATOM   1359 C C   . GLY A 1 197 ? 2.526   -12.652 15.022  1.00 25.60 ? 392 GLY A C   1 
ATOM   1360 O O   . GLY A 1 197 ? 3.091   -13.623 14.513  1.00 26.54 ? 392 GLY A O   1 
ATOM   1361 N N   . MET A 1 198 ? 1.230   -12.640 15.318  1.00 21.80 ? 393 MET A N   1 
ATOM   1362 C CA  . MET A 1 198 ? 0.395   -13.821 15.140  1.00 21.60 ? 393 MET A CA  1 
ATOM   1363 C C   . MET A 1 198 ? -0.091  -13.969 13.706  1.00 26.23 ? 393 MET A C   1 
ATOM   1364 O O   . MET A 1 198 ? -0.262  -12.979 12.999  1.00 24.17 ? 393 MET A O   1 
ATOM   1365 C CB  . MET A 1 198 ? -0.816  -13.756 16.076  1.00 22.99 ? 393 MET A CB  1 
ATOM   1366 C CG  . MET A 1 198 ? -1.672  -14.996 16.058  1.00 26.40 ? 393 MET A CG  1 
ATOM   1367 S SD  . MET A 1 198 ? -2.957  -14.969 17.311  1.00 33.23 ? 393 MET A SD  1 
ATOM   1368 C CE  . MET A 1 198 ? -1.948  -14.758 18.777  1.00 27.40 ? 393 MET A CE  1 
ATOM   1369 N N   . THR A 1 199 ? -0.302  -15.213 13.289  1.00 21.11 ? 394 THR A N   1 
ATOM   1370 C CA  . THR A 1 199 ? -0.993  -15.509 12.038  1.00 19.61 ? 394 THR A CA  1 
ATOM   1371 C C   . THR A 1 199 ? -2.362  -16.100 12.371  1.00 23.28 ? 394 THR A C   1 
ATOM   1372 O O   . THR A 1 199 ? -2.459  -17.066 13.124  1.00 21.16 ? 394 THR A O   1 
ATOM   1373 C CB  . THR A 1 199 ? -0.208  -16.515 11.175  1.00 23.22 ? 394 THR A CB  1 
ATOM   1374 O OG1 . THR A 1 199 ? 1.040   -15.939 10.777  1.00 25.96 ? 394 THR A OG1 1 
ATOM   1375 C CG2 . THR A 1 199 ? -1.003  -16.885 9.930   1.00 24.01 ? 394 THR A CG2 1 
ATOM   1376 N N   . VAL A 1 200 ? -3.427  -15.518 11.823  1.00 19.38 ? 395 VAL A N   1 
ATOM   1377 C CA  . VAL A 1 200 ? -4.778  -15.989 12.119  1.00 18.08 ? 395 VAL A CA  1 
ATOM   1378 C C   . VAL A 1 200 ? -5.560  -16.204 10.826  1.00 20.50 ? 395 VAL A C   1 
ATOM   1379 O O   . VAL A 1 200 ? -5.241  -15.612 9.802   1.00 20.57 ? 395 VAL A O   1 
ATOM   1380 C CB  . VAL A 1 200 ? -5.562  -14.989 12.999  1.00 19.67 ? 395 VAL A CB  1 
ATOM   1381 C CG1 . VAL A 1 200 ? -4.871  -14.792 14.348  1.00 19.19 ? 395 VAL A CG1 1 
ATOM   1382 C CG2 . VAL A 1 200 ? -5.714  -13.633 12.279  1.00 17.78 ? 395 VAL A CG2 1 
ATOM   1383 N N   . ALA A 1 201 ? -6.574  -17.061 10.884  1.00 19.28 ? 396 ALA A N   1 
ATOM   1384 C CA  . ALA A 1 201 ? -7.468  -17.280 9.757   1.00 18.05 ? 396 ALA A CA  1 
ATOM   1385 C C   . ALA A 1 201 ? -8.745  -17.926 10.263  1.00 19.60 ? 396 ALA A C   1 
ATOM   1386 O O   . ALA A 1 201 ? -8.780  -18.452 11.375  1.00 21.73 ? 396 ALA A O   1 
ATOM   1387 C CB  . ALA A 1 201 ? -6.810  -18.156 8.680   1.00 19.43 ? 396 ALA A CB  1 
ATOM   1388 N N   . GLY A 1 202 ? -9.792  -17.887 9.446   1.00 18.03 ? 397 GLY A N   1 
ATOM   1389 C CA  . GLY A 1 202 ? -11.040 -18.535 9.791   1.00 22.37 ? 397 GLY A CA  1 
ATOM   1390 C C   . GLY A 1 202 ? -12.139 -17.573 10.184  1.00 20.41 ? 397 GLY A C   1 
ATOM   1391 O O   . GLY A 1 202 ? -11.930 -16.362 10.229  1.00 20.02 ? 397 GLY A O   1 
ATOM   1392 N N   . ASN A 1 203 ? -13.305 -18.132 10.489  1.00 18.67 ? 398 ASN A N   1 
ATOM   1393 C CA  . ASN A 1 203 ? -14.475 -17.358 10.870  1.00 19.95 ? 398 ASN A CA  1 
ATOM   1394 C C   . ASN A 1 203 ? -15.071 -18.019 12.107  1.00 19.78 ? 398 ASN A C   1 
ATOM   1395 O O   . ASN A 1 203 ? -15.811 -18.996 11.985  1.00 21.11 ? 398 ASN A O   1 
ATOM   1396 C CB  . ASN A 1 203 ? -15.483 -17.373 9.716   1.00 21.21 ? 398 ASN A CB  1 
ATOM   1397 C CG  . ASN A 1 203 ? -16.737 -16.553 9.997   1.00 21.30 ? 398 ASN A CG  1 
ATOM   1398 O OD1 . ASN A 1 203 ? -16.996 -16.147 11.122  1.00 23.37 ? 398 ASN A OD1 1 
ATOM   1399 N ND2 . ASN A 1 203 ? -17.527 -16.314 8.949   1.00 23.35 ? 398 ASN A ND2 1 
ATOM   1400 N N   . PRO A 1 204 ? -14.749 -17.495 13.298  1.00 19.47 ? 399 PRO A N   1 
ATOM   1401 C CA  . PRO A 1 204 ? -13.918 -16.311 13.564  1.00 21.39 ? 399 PRO A CA  1 
ATOM   1402 C C   . PRO A 1 204 ? -12.429 -16.590 13.405  1.00 20.99 ? 399 PRO A C   1 
ATOM   1403 O O   . PRO A 1 204 ? -12.011 -17.751 13.431  1.00 21.89 ? 399 PRO A O   1 
ATOM   1404 C CB  . PRO A 1 204 ? -14.220 -16.010 15.034  1.00 21.58 ? 399 PRO A CB  1 
ATOM   1405 C CG  . PRO A 1 204 ? -14.487 -17.362 15.615  1.00 21.19 ? 399 PRO A CG  1 
ATOM   1406 C CD  . PRO A 1 204 ? -15.226 -18.118 14.550  1.00 22.60 ? 399 PRO A CD  1 
ATOM   1407 N N   . ALA A 1 205 ? -11.637 -15.533 13.255  1.00 18.34 ? 400 ALA A N   1 
ATOM   1408 C CA  . ALA A 1 205 ? -10.209 -15.695 13.016  1.00 18.18 ? 400 ALA A CA  1 
ATOM   1409 C C   . ALA A 1 205 ? -9.541  -16.241 14.263  1.00 21.44 ? 400 ALA A C   1 
ATOM   1410 O O   . ALA A 1 205 ? -9.698  -15.687 15.353  1.00 20.30 ? 400 ALA A O   1 
ATOM   1411 C CB  . ALA A 1 205 ? -9.581  -14.369 12.605  1.00 20.40 ? 400 ALA A CB  1 
ATOM   1412 N N   . LYS A 1 206 ? -8.817  -17.344 14.090  1.00 19.64 ? 401 LYS A N   1 
ATOM   1413 C CA  . LYS A 1 206 ? -8.122  -18.021 15.189  1.00 20.87 ? 401 LYS A CA  1 
ATOM   1414 C C   . LYS A 1 206 ? -6.671  -18.271 14.789  1.00 20.84 ? 401 LYS A C   1 
ATOM   1415 O O   . LYS A 1 206 ? -6.351  -18.265 13.607  1.00 21.35 ? 401 LYS A O   1 
ATOM   1416 C CB  . LYS A 1 206 ? -8.817  -19.348 15.511  1.00 23.03 ? 401 LYS A CB  1 
ATOM   1417 C CG  . LYS A 1 206 ? -10.092 -19.207 16.322  1.00 28.62 ? 401 LYS A CG  1 
ATOM   1418 C CD  . LYS A 1 206 ? -10.784 -20.553 16.495  1.00 31.24 ? 401 LYS A CD  1 
ATOM   1419 N N   . PRO A 1 207 ? -5.782  -18.491 15.774  1.00 23.19 ? 402 PRO A N   1 
ATOM   1420 C CA  . PRO A 1 207 ? -4.363  -18.687 15.449  1.00 22.22 ? 402 PRO A CA  1 
ATOM   1421 C C   . PRO A 1 207 ? -4.119  -19.937 14.618  1.00 30.03 ? 402 PRO A C   1 
ATOM   1422 O O   . PRO A 1 207 ? -4.796  -20.946 14.815  1.00 30.95 ? 402 PRO A O   1 
ATOM   1423 C CB  . PRO A 1 207 ? -3.710  -18.851 16.827  1.00 27.94 ? 402 PRO A CB  1 
ATOM   1424 C CG  . PRO A 1 207 ? -4.649  -18.182 17.777  1.00 25.64 ? 402 PRO A CG  1 
ATOM   1425 C CD  . PRO A 1 207 ? -6.013  -18.449 17.230  1.00 24.59 ? 402 PRO A CD  1 
ATOM   1426 N N   . LEU A 1 208 ? -3.167  -19.868 13.693  1.00 33.77 ? 403 LEU A N   1 
ATOM   1427 C CA  . LEU A 1 208 ? -2.828  -21.036 12.885  1.00 38.01 ? 403 LEU A CA  1 
ATOM   1428 C C   . LEU A 1 208 ? -1.671  -21.816 13.490  1.00 52.29 ? 403 LEU A C   1 
ATOM   1429 O O   . LEU A 1 208 ? -1.696  -23.048 13.517  1.00 61.69 ? 403 LEU A O   1 
ATOM   1430 C CB  . LEU A 1 208 ? -2.504  -20.637 11.444  1.00 35.80 ? 403 LEU A CB  1 
ATOM   1431 C CG  . LEU A 1 208 ? -3.706  -20.160 10.632  1.00 33.83 ? 403 LEU A CG  1 
ATOM   1432 C CD1 . LEU A 1 208 ? -3.440  -20.317 9.142   1.00 41.22 ? 403 LEU A CD1 1 
ATOM   1433 C CD2 . LEU A 1 208 ? -4.970  -20.906 11.041  1.00 39.84 ? 403 LEU A CD2 1 
ATOM   1434 O OXT . LEU A 1 208 ? -0.698  -21.232 13.969  1.00 53.23 ? 403 LEU A OXT 1 
HETATM 1435 O O   . HOH B 2 .   ? -3.978  -15.260 2.472   1.00 15.68 ? 501 HOH A O   1 
HETATM 1436 O O   . HOH B 2 .   ? -19.572 4.530   7.665   1.00 16.30 ? 502 HOH A O   1 
HETATM 1437 O O   . HOH B 2 .   ? 4.906   -7.371  -5.535  1.00 22.21 ? 503 HOH A O   1 
HETATM 1438 O O   . HOH B 2 .   ? 2.622   -0.141  -2.891  1.00 19.86 ? 504 HOH A O   1 
HETATM 1439 O O   . HOH B 2 .   ? -15.502 -0.866  -2.364  1.00 23.46 ? 505 HOH A O   1 
HETATM 1440 O O   . HOH B 2 .   ? -5.114  0.854   -11.232 1.00 15.98 ? 506 HOH A O   1 
HETATM 1441 O O   . HOH B 2 .   ? 3.494   -8.764  3.523   1.00 23.37 ? 507 HOH A O   1 
HETATM 1442 O O   . HOH B 2 .   ? -9.974  -17.169 6.890   1.00 20.06 ? 508 HOH A O   1 
HETATM 1443 O O   . HOH B 2 .   ? -15.415 -0.163  5.910   1.00 16.64 ? 509 HOH A O   1 
HETATM 1444 O O   . HOH B 2 .   ? 3.804   2.972   12.197  1.00 26.60 ? 510 HOH A O   1 
HETATM 1445 O O   . HOH B 2 .   ? -4.818  -12.854 0.832   1.00 21.58 ? 511 HOH A O   1 
HETATM 1446 O O   . HOH B 2 .   ? -21.153 4.067   9.779   1.00 18.27 ? 512 HOH A O   1 
HETATM 1447 O O   . HOH B 2 .   ? -6.338  0.147   -8.711  1.00 14.46 ? 513 HOH A O   1 
HETATM 1448 O O   . HOH B 2 .   ? 5.895   -8.779  -2.918  1.00 25.63 ? 514 HOH A O   1 
HETATM 1449 O O   . HOH B 2 .   ? 1.520   -7.736  1.823   1.00 21.41 ? 515 HOH A O   1 
HETATM 1450 O O   . HOH B 2 .   ? -16.653 -7.599  -0.010  0.33 20.18 ? 516 HOH A O   1 
HETATM 1451 O O   . HOH B 2 .   ? -16.385 9.738   5.642   1.00 19.82 ? 517 HOH A O   1 
HETATM 1452 O O   . HOH B 2 .   ? 4.939   6.226   9.062   1.00 24.35 ? 518 HOH A O   1 
HETATM 1453 O O   . HOH B 2 .   ? -10.810 -13.077 15.833  1.00 21.50 ? 519 HOH A O   1 
HETATM 1454 O O   . HOH B 2 .   ? -18.837 -4.193  14.038  1.00 27.81 ? 520 HOH A O   1 
HETATM 1455 O O   . HOH B 2 .   ? -14.934 8.696   2.232   1.00 22.17 ? 521 HOH A O   1 
HETATM 1456 O O   . HOH B 2 .   ? -4.826  3.561   -16.557 1.00 27.27 ? 522 HOH A O   1 
HETATM 1457 O O   . HOH B 2 .   ? 5.146   -5.368  -8.453  1.00 18.89 ? 523 HOH A O   1 
HETATM 1458 O O   . HOH B 2 .   ? 0.225   9.693   8.210   1.00 22.29 ? 524 HOH A O   1 
HETATM 1459 O O   . HOH B 2 .   ? -3.091  10.645  -5.948  1.00 22.51 ? 525 HOH A O   1 
HETATM 1460 O O   . HOH B 2 .   ? 2.143   1.484   -0.673  1.00 18.60 ? 526 HOH A O   1 
HETATM 1461 O O   . HOH B 2 .   ? -10.300 9.783   -5.945  1.00 23.60 ? 527 HOH A O   1 
HETATM 1462 O O   . HOH B 2 .   ? -2.995  13.112  4.061   1.00 28.97 ? 528 HOH A O   1 
HETATM 1463 O O   . HOH B 2 .   ? 2.756   -12.726 10.631  1.00 27.70 ? 529 HOH A O   1 
HETATM 1464 O O   . HOH B 2 .   ? -2.688  -10.537 0.946   1.00 29.35 ? 530 HOH A O   1 
HETATM 1465 O O   . HOH B 2 .   ? -7.524  10.490  -7.099  1.00 28.21 ? 531 HOH A O   1 
HETATM 1466 O O   . HOH B 2 .   ? 0.605   -17.354 14.975  1.00 33.22 ? 532 HOH A O   1 
HETATM 1467 O O   . HOH B 2 .   ? 2.487   -8.503  -7.496  1.00 27.27 ? 533 HOH A O   1 
HETATM 1468 O O   . HOH B 2 .   ? 20.241  -0.770  -13.640 1.00 31.00 ? 534 HOH A O   1 
HETATM 1469 O O   . HOH B 2 .   ? -11.210 10.442  -3.309  1.00 30.70 ? 535 HOH A O   1 
HETATM 1470 O O   . HOH B 2 .   ? 17.055  11.691  -13.085 1.00 31.80 ? 536 HOH A O   1 
HETATM 1471 O O   . HOH B 2 .   ? 11.485  13.199  -5.799  1.00 30.00 ? 537 HOH A O   1 
HETATM 1472 O O   . HOH B 2 .   ? 4.753   6.866   -3.468  1.00 23.24 ? 538 HOH A O   1 
HETATM 1473 O O   . HOH B 2 .   ? 7.158   12.285  0.256   1.00 29.38 ? 539 HOH A O   1 
HETATM 1474 O O   . HOH B 2 .   ? -1.141  -6.344  -18.204 1.00 31.82 ? 540 HOH A O   1 
HETATM 1475 O O   . HOH B 2 .   ? -13.576 3.819   -14.254 1.00 27.09 ? 541 HOH A O   1 
HETATM 1476 O O   . HOH B 2 .   ? -15.105 -8.688  4.025   1.00 24.52 ? 542 HOH A O   1 
HETATM 1477 O O   . HOH B 2 .   ? 0.996   -8.394  21.509  1.00 37.26 ? 543 HOH A O   1 
HETATM 1478 O O   . HOH B 2 .   ? -7.304  -17.953 4.603   1.00 25.72 ? 544 HOH A O   1 
HETATM 1479 O O   . HOH B 2 .   ? -14.468 7.859   -6.827  1.00 27.14 ? 545 HOH A O   1 
HETATM 1480 O O   . HOH B 2 .   ? -0.160  10.457  -14.885 1.00 27.92 ? 546 HOH A O   1 
HETATM 1481 O O   . HOH B 2 .   ? -2.492  12.308  1.450   1.00 39.63 ? 547 HOH A O   1 
HETATM 1482 O O   . HOH B 2 .   ? 5.862   -7.391  15.649  1.00 40.11 ? 548 HOH A O   1 
HETATM 1483 O O   . HOH B 2 .   ? 6.973   -7.912  8.143   1.00 34.70 ? 549 HOH A O   1 
HETATM 1484 O O   . HOH B 2 .   ? -12.504 -20.374 13.403  1.00 29.37 ? 550 HOH A O   1 
HETATM 1485 O O   . HOH B 2 .   ? 1.362   12.994  -1.689  1.00 28.31 ? 551 HOH A O   1 
HETATM 1486 O O   . HOH B 2 .   ? 2.818   8.802   8.392   1.00 24.96 ? 552 HOH A O   1 
HETATM 1487 O O   . HOH B 2 .   ? 15.660  -4.752  -15.181 1.00 30.14 ? 553 HOH A O   1 
HETATM 1488 O O   . HOH B 2 .   ? 1.267   -9.132  -0.691  1.00 33.44 ? 554 HOH A O   1 
HETATM 1489 O O   . HOH B 2 .   ? -7.932  13.375  2.917   1.00 28.35 ? 555 HOH A O   1 
HETATM 1490 O O   . HOH B 2 .   ? -1.779  -2.124  16.834  1.00 32.74 ? 556 HOH A O   1 
HETATM 1491 O O   . HOH B 2 .   ? -11.755 -6.379  20.432  1.00 31.72 ? 557 HOH A O   1 
HETATM 1492 O O   . HOH B 2 .   ? 4.085   12.494  -0.165  1.00 36.18 ? 558 HOH A O   1 
HETATM 1493 O O   . HOH B 2 .   ? 4.240   10.983  5.561   1.00 32.14 ? 559 HOH A O   1 
HETATM 1494 O O   . HOH B 2 .   ? 0.557   4.934   15.243  1.00 37.33 ? 560 HOH A O   1 
HETATM 1495 O O   . HOH B 2 .   ? -17.070 2.022   16.178  1.00 32.00 ? 561 HOH A O   1 
HETATM 1496 O O   . HOH B 2 .   ? -17.727 -15.038 13.791  1.00 29.41 ? 562 HOH A O   1 
HETATM 1497 O O   . HOH B 2 .   ? 4.295   7.332   -19.528 1.00 39.80 ? 563 HOH A O   1 
HETATM 1498 O O   . HOH B 2 .   ? 4.448   5.533   11.779  1.00 38.49 ? 564 HOH A O   1 
HETATM 1499 O O   . HOH B 2 .   ? -9.480  -3.169  20.678  1.00 25.13 ? 565 HOH A O   1 
HETATM 1500 O O   . HOH B 2 .   ? -9.290  -0.272  17.990  1.00 26.13 ? 566 HOH A O   1 
HETATM 1501 O O   . HOH B 2 .   ? 6.410   -8.483  5.564   1.00 29.99 ? 567 HOH A O   1 
HETATM 1502 O O   . HOH B 2 .   ? -7.415  1.271   -13.443 1.00 32.47 ? 568 HOH A O   1 
HETATM 1503 O O   . HOH B 2 .   ? 8.866   5.798   5.513   1.00 36.04 ? 569 HOH A O   1 
HETATM 1504 O O   . HOH B 2 .   ? 13.923  7.090   5.701   1.00 33.23 ? 570 HOH A O   1 
HETATM 1505 O O   . HOH B 2 .   ? 14.999  -2.871  -19.272 1.00 35.55 ? 571 HOH A O   1 
HETATM 1506 O O   . HOH B 2 .   ? -13.390 -20.881 10.354  1.00 30.97 ? 572 HOH A O   1 
HETATM 1507 O O   . HOH B 2 .   ? -12.761 7.281   -13.522 1.00 35.34 ? 573 HOH A O   1 
HETATM 1508 O O   . HOH B 2 .   ? -0.155  10.609  10.801  1.00 32.04 ? 574 HOH A O   1 
HETATM 1509 O O   . HOH B 2 .   ? -7.842  11.734  10.115  1.00 27.99 ? 575 HOH A O   1 
HETATM 1510 O O   . HOH B 2 .   ? 5.052   -3.713  -22.745 1.00 35.59 ? 576 HOH A O   1 
HETATM 1511 O O   . HOH B 2 .   ? 3.743   -9.008  6.203   1.00 35.07 ? 577 HOH A O   1 
HETATM 1512 O O   . HOH B 2 .   ? 3.697   -10.372 -9.722  1.00 39.75 ? 578 HOH A O   1 
HETATM 1513 O O   . HOH B 2 .   ? -2.421  -0.029  -19.290 1.00 33.23 ? 579 HOH A O   1 
HETATM 1514 O O   . HOH B 2 .   ? -10.096 9.637   14.210  1.00 37.97 ? 580 HOH A O   1 
HETATM 1515 O O   . HOH B 2 .   ? 2.547   -10.841 20.939  1.00 35.96 ? 581 HOH A O   1 
HETATM 1516 O O   . HOH B 2 .   ? -7.347  15.445  6.011   1.00 33.05 ? 582 HOH A O   1 
HETATM 1517 O O   . HOH B 2 .   ? -12.125 10.898  -7.374  1.00 37.25 ? 583 HOH A O   1 
HETATM 1518 O O   . HOH B 2 .   ? -8.871  7.667   16.041  1.00 41.00 ? 584 HOH A O   1 
HETATM 1519 O O   . HOH B 2 .   ? -17.999 -20.076 13.400  1.00 38.94 ? 585 HOH A O   1 
HETATM 1520 O O   . HOH B 2 .   ? -16.504 -11.289 4.167   1.00 32.89 ? 586 HOH A O   1 
HETATM 1521 O O   . HOH B 2 .   ? 5.830   3.021   0.400   1.00 29.72 ? 587 HOH A O   1 
HETATM 1522 O O   . HOH B 2 .   ? 2.277   -0.681  15.094  1.00 29.03 ? 588 HOH A O   1 
HETATM 1523 O O   . HOH B 2 .   ? 1.146   12.606  3.195   1.00 35.89 ? 589 HOH A O   1 
HETATM 1524 O O   . HOH B 2 .   ? 19.434  1.094   -16.610 1.00 38.95 ? 590 HOH A O   1 
HETATM 1525 O O   . HOH B 2 .   ? -12.602 7.696   17.569  1.00 44.31 ? 591 HOH A O   1 
HETATM 1526 O O   . HOH B 2 .   ? 19.781  9.130   -6.525  1.00 32.82 ? 592 HOH A O   1 
HETATM 1527 O O   . HOH B 2 .   ? -0.154  13.883  0.404   1.00 39.01 ? 593 HOH A O   1 
HETATM 1528 O O   . HOH B 2 .   ? 10.989  7.302   6.226   1.00 37.73 ? 594 HOH A O   1 
HETATM 1529 O O   . HOH B 2 .   ? -0.236  13.817  5.425   1.00 43.52 ? 595 HOH A O   1 
HETATM 1530 O O   . HOH B 2 .   ? -16.193 4.359   -8.487  1.00 25.79 ? 596 HOH A O   1 
HETATM 1531 O O   . HOH B 2 .   ? -20.362 1.203   11.717  1.00 47.18 ? 597 HOH A O   1 
HETATM 1532 O O   . HOH B 2 .   ? -18.589 0.827   10.536  1.00 35.10 ? 598 HOH A O   1 
HETATM 1533 O O   . HOH B 2 .   ? -2.853  -10.665 -4.941  1.00 29.36 ? 599 HOH A O   1 
HETATM 1534 O O   . HOH B 2 .   ? -1.037  -7.970  -5.919  1.00 23.01 ? 600 HOH A O   1 
HETATM 1535 O O   . HOH B 2 .   ? 12.406  -6.311  -8.517  1.00 33.44 ? 601 HOH A O   1 
HETATM 1536 O O   . HOH B 2 .   ? -16.118 6.470   16.261  1.00 33.83 ? 602 HOH A O   1 
HETATM 1537 O O   . HOH B 2 .   ? -18.762 4.255   16.230  1.00 39.36 ? 603 HOH A O   1 
HETATM 1538 O O   . HOH B 2 .   ? 2.936   -14.964 12.089  1.00 34.03 ? 604 HOH A O   1 
HETATM 1539 O O   . HOH B 2 .   ? 0.928   12.157  7.075   1.00 35.33 ? 605 HOH A O   1 
HETATM 1540 O O   . HOH B 2 .   ? 5.793   3.544   -1.786  1.00 31.71 ? 606 HOH A O   1 
HETATM 1541 O O   . HOH B 2 .   ? 2.542   5.805   -3.704  1.00 29.83 ? 607 HOH A O   1 
HETATM 1542 O O   . HOH B 2 .   ? 0.937   -1.317  -15.944 1.00 29.81 ? 608 HOH A O   1 
HETATM 1543 O O   . HOH B 2 .   ? -15.821 -3.252  -1.434  1.00 27.49 ? 609 HOH A O   1 
# 
loop_
_pdbx_poly_seq_scheme.asym_id 
_pdbx_poly_seq_scheme.entity_id 
_pdbx_poly_seq_scheme.seq_id 
_pdbx_poly_seq_scheme.mon_id 
_pdbx_poly_seq_scheme.ndb_seq_num 
_pdbx_poly_seq_scheme.pdb_seq_num 
_pdbx_poly_seq_scheme.auth_seq_num 
_pdbx_poly_seq_scheme.pdb_mon_id 
_pdbx_poly_seq_scheme.auth_mon_id 
_pdbx_poly_seq_scheme.pdb_strand_id 
_pdbx_poly_seq_scheme.pdb_ins_code 
_pdbx_poly_seq_scheme.hetero 
A 1 1   MET 1   196 ?   ?   ?   A . n 
A 1 2   ALA 2   197 ?   ?   ?   A . n 
A 1 3   GLY 3   198 ?   ?   ?   A . n 
A 1 4   ASN 4   199 199 ASN ASN A . n 
A 1 5   ARG 5   200 200 ARG ARG A . n 
A 1 6   LYS 6   201 201 LYS LYS A . n 
A 1 7   LEU 7   202 202 LEU LEU A . n 
A 1 8   ALA 8   203 203 ALA ALA A . n 
A 1 9   VAL 9   204 204 VAL VAL A . n 
A 1 10  ILE 10  205 205 ILE ILE A . n 
A 1 11  GLY 11  206 206 GLY GLY A . n 
A 1 12  ALA 12  207 207 ALA ALA A . n 
A 1 13  GLY 13  208 208 GLY GLY A . n 
A 1 14  GLY 14  209 209 GLY GLY A . n 
A 1 15  HIS 15  210 210 HIS HIS A . n 
A 1 16  GLY 16  211 211 GLY GLY A . n 
A 1 17  LYS 17  212 212 LYS LYS A . n 
A 1 18  VAL 18  213 213 VAL VAL A . n 
A 1 19  VAL 19  214 214 VAL VAL A . n 
A 1 20  ALA 20  215 215 ALA ALA A . n 
A 1 21  GLU 21  216 216 GLU GLU A . n 
A 1 22  LEU 22  217 217 LEU LEU A . n 
A 1 23  ALA 23  218 218 ALA ALA A . n 
A 1 24  ALA 24  219 219 ALA ALA A . n 
A 1 25  ALA 25  220 220 ALA ALA A . n 
A 1 26  LEU 26  221 221 LEU LEU A . n 
A 1 27  GLY 27  222 222 GLY GLY A . n 
A 1 28  THR 28  223 223 THR THR A . n 
A 1 29  TYR 29  224 224 TYR TYR A . n 
A 1 30  GLY 30  225 225 GLY GLY A . n 
A 1 31  GLU 31  226 226 GLU GLU A . n 
A 1 32  ILE 32  227 227 ILE ILE A . n 
A 1 33  VAL 33  228 228 VAL VAL A . n 
A 1 34  PHE 34  229 229 PHE PHE A . n 
A 1 35  LEU 35  230 230 LEU LEU A . n 
A 1 36  ASP 36  231 231 ASP ASP A . n 
A 1 37  ASP 37  232 232 ASP ASP A . n 
A 1 38  ARG 38  233 233 ARG ARG A . n 
A 1 39  THR 39  234 234 THR THR A . n 
A 1 40  GLN 40  235 235 GLN GLN A . n 
A 1 41  GLY 41  236 236 GLY GLY A . n 
A 1 42  SER 42  237 237 SER SER A . n 
A 1 43  VAL 43  238 238 VAL VAL A . n 
A 1 44  ASN 44  239 239 ASN ASN A . n 
A 1 45  GLY 45  240 240 GLY GLY A . n 
A 1 46  PHE 46  241 241 PHE PHE A . n 
A 1 47  PRO 47  242 242 PRO PRO A . n 
A 1 48  VAL 48  243 243 VAL VAL A . n 
A 1 49  ILE 49  244 244 ILE ILE A . n 
A 1 50  GLY 50  245 245 GLY GLY A . n 
A 1 51  THR 51  246 246 THR THR A . n 
A 1 52  THR 52  247 247 THR THR A . n 
A 1 53  LEU 53  248 248 LEU LEU A . n 
A 1 54  LEU 54  249 249 LEU LEU A . n 
A 1 55  LEU 55  250 250 LEU LEU A . n 
A 1 56  GLU 56  251 251 GLU GLU A . n 
A 1 57  ASN 57  252 252 ASN ASN A . n 
A 1 58  SER 58  253 253 SER SER A . n 
A 1 59  LEU 59  254 254 LEU LEU A . n 
A 1 60  SER 60  255 255 SER SER A . n 
A 1 61  PRO 61  256 256 PRO PRO A . n 
A 1 62  GLU 62  257 257 GLU GLU A . n 
A 1 63  GLN 63  258 258 GLN GLN A . n 
A 1 64  PHE 64  259 259 PHE PHE A . n 
A 1 65  ASP 65  260 260 ASP ASP A . n 
A 1 66  ILE 66  261 261 ILE ILE A . n 
A 1 67  THR 67  262 262 THR THR A . n 
A 1 68  VAL 68  263 263 VAL VAL A . n 
A 1 69  ALA 69  264 264 ALA ALA A . n 
A 1 70  VAL 70  265 265 VAL VAL A . n 
A 1 71  GLY 71  266 266 GLY GLY A . n 
A 1 72  ASN 72  267 267 ASN ASN A . n 
A 1 73  ASN 73  268 268 ASN ASN A . n 
A 1 74  ARG 74  269 269 ARG ARG A . n 
A 1 75  ILE 75  270 270 ILE ILE A . n 
A 1 76  ARG 76  271 271 ARG ARG A . n 
A 1 77  ARG 77  272 272 ARG ARG A . n 
A 1 78  GLN 78  273 273 GLN GLN A . n 
A 1 79  ILE 79  274 274 ILE ILE A . n 
A 1 80  THR 80  275 275 THR THR A . n 
A 1 81  GLU 81  276 276 GLU GLU A . n 
A 1 82  ASN 82  277 277 ASN ASN A . n 
A 1 83  ALA 83  278 278 ALA ALA A . n 
A 1 84  ALA 84  279 279 ALA ALA A . n 
A 1 85  ALA 85  280 280 ALA ALA A . n 
A 1 86  LEU 86  281 281 LEU LEU A . n 
A 1 87  GLY 87  282 282 GLY GLY A . n 
A 1 88  PHE 88  283 283 PHE PHE A . n 
A 1 89  LYS 89  284 284 LYS LYS A . n 
A 1 90  LEU 90  285 285 LEU LEU A . n 
A 1 91  PRO 91  286 286 PRO PRO A . n 
A 1 92  VAL 92  287 287 VAL VAL A . n 
A 1 93  LEU 93  288 288 LEU LEU A . n 
A 1 94  ILE 94  289 289 ILE ILE A . n 
A 1 95  HIS 95  290 290 HIS HIS A . n 
A 1 96  PRO 96  291 291 PRO PRO A . n 
A 1 97  ASP 97  292 292 ASP ASP A . n 
A 1 98  ALA 98  293 293 ALA ALA A . n 
A 1 99  THR 99  294 294 THR THR A . n 
A 1 100 VAL 100 295 295 VAL VAL A . n 
A 1 101 SER 101 296 296 SER SER A . n 
A 1 102 PRO 102 297 297 PRO PRO A . n 
A 1 103 SER 103 298 298 SER SER A . n 
A 1 104 ALA 104 299 299 ALA ALA A . n 
A 1 105 ILE 105 300 300 ILE ILE A . n 
A 1 106 ILE 106 301 301 ILE ILE A . n 
A 1 107 GLY 107 302 302 GLY GLY A . n 
A 1 108 GLN 108 303 303 GLN GLN A . n 
A 1 109 GLY 109 304 304 GLY GLY A . n 
A 1 110 SER 110 305 305 SER SER A . n 
A 1 111 VAL 111 306 306 VAL VAL A . n 
A 1 112 VAL 112 307 307 VAL VAL A . n 
A 1 113 MET 113 308 308 MET MET A . n 
A 1 114 ALA 114 309 309 ALA ALA A . n 
A 1 115 LYS 115 310 310 LYS LYS A . n 
A 1 116 ALA 116 311 311 ALA ALA A . n 
A 1 117 VAL 117 312 312 VAL VAL A . n 
A 1 118 VAL 118 313 313 VAL VAL A . n 
A 1 119 GLN 119 314 314 GLN GLN A . n 
A 1 120 ALA 120 315 315 ALA ALA A . n 
A 1 121 GLY 121 316 316 GLY GLY A . n 
A 1 122 SER 122 317 317 SER SER A . n 
A 1 123 VAL 123 318 318 VAL VAL A . n 
A 1 124 LEU 124 319 319 LEU LEU A . n 
A 1 125 LYS 125 320 320 LYS LYS A . n 
A 1 126 ASP 126 321 321 ASP ASP A . n 
A 1 127 GLY 127 322 322 GLY GLY A . n 
A 1 128 VAL 128 323 323 VAL VAL A . n 
A 1 129 ILE 129 324 324 ILE ILE A . n 
A 1 130 VAL 130 325 325 VAL VAL A . n 
A 1 131 ASN 131 326 326 ASN ASN A . n 
A 1 132 THR 132 327 327 THR THR A . n 
A 1 133 ALA 133 328 328 ALA ALA A . n 
A 1 134 ALA 134 329 329 ALA ALA A . n 
A 1 135 THR 135 330 330 THR THR A . n 
A 1 136 VAL 136 331 331 VAL VAL A . n 
A 1 137 ASP 137 332 332 ASP ASP A . n 
A 1 138 HIS 138 333 333 HIS HIS A . n 
A 1 139 ASP 139 334 334 ASP ASP A . n 
A 1 140 CYS 140 335 335 CYS CYS A . n 
A 1 141 LEU 141 336 336 LEU LEU A . n 
A 1 142 LEU 142 337 337 LEU LEU A . n 
A 1 143 ASP 143 338 338 ASP ASP A . n 
A 1 144 ALA 144 339 339 ALA ALA A . n 
A 1 145 PHE 145 340 340 PHE PHE A . n 
A 1 146 VAL 146 341 341 VAL VAL A . n 
A 1 147 HIS 147 342 342 HIS HIS A . n 
A 1 148 ILE 148 343 343 ILE ILE A . n 
A 1 149 SER 149 344 344 SER SER A . n 
A 1 150 PRO 150 345 345 PRO PRO A . n 
A 1 151 GLY 151 346 346 GLY GLY A . n 
A 1 152 ALA 152 347 347 ALA ALA A . n 
A 1 153 HIS 153 348 348 HIS HIS A . n 
A 1 154 LEU 154 349 349 LEU LEU A . n 
A 1 155 SER 155 350 350 SER SER A . n 
A 1 156 GLY 156 351 351 GLY GLY A . n 
A 1 157 ASN 157 352 352 ASN ASN A . n 
A 1 158 THR 158 353 353 THR THR A . n 
A 1 159 ARG 159 354 354 ARG ARG A . n 
A 1 160 ILE 160 355 355 ILE ILE A . n 
A 1 161 GLY 161 356 356 GLY GLY A . n 
A 1 162 GLU 162 357 357 GLU GLU A . n 
A 1 163 GLU 163 358 358 GLU GLU A . n 
A 1 164 SER 164 359 359 SER SER A . n 
A 1 165 ARG 165 360 360 ARG ARG A . n 
A 1 166 ILE 166 361 361 ILE ILE A . n 
A 1 167 GLY 167 362 362 GLY GLY A . n 
A 1 168 THR 168 363 363 THR THR A . n 
A 1 169 GLY 169 364 364 GLY GLY A . n 
A 1 170 ALA 170 365 365 ALA ALA A . n 
A 1 171 CYS 171 366 366 CYS CYS A . n 
A 1 172 SER 172 367 367 SER SER A . n 
A 1 173 ARG 173 368 368 ARG ARG A . n 
A 1 174 GLN 174 369 369 GLN GLN A . n 
A 1 175 GLN 175 370 370 GLN GLN A . n 
A 1 176 THR 176 371 371 THR THR A . n 
A 1 177 THR 177 372 372 THR THR A . n 
A 1 178 VAL 178 373 373 VAL VAL A . n 
A 1 179 GLY 179 374 374 GLY GLY A . n 
A 1 180 SER 180 375 375 SER SER A . n 
A 1 181 GLY 181 376 376 GLY GLY A . n 
A 1 182 VAL 182 377 377 VAL VAL A . n 
A 1 183 THR 183 378 378 THR THR A . n 
A 1 184 ALA 184 379 379 ALA ALA A . n 
A 1 185 GLY 185 380 380 GLY GLY A . n 
A 1 186 ALA 186 381 381 ALA ALA A . n 
A 1 187 GLY 187 382 382 GLY GLY A . n 
A 1 188 ALA 188 383 383 ALA ALA A . n 
A 1 189 VAL 189 384 384 VAL VAL A . n 
A 1 190 ILE 190 385 385 ILE ILE A . n 
A 1 191 VAL 191 386 386 VAL VAL A . n 
A 1 192 CYS 192 387 387 CYS CYS A . n 
A 1 193 ASP 193 388 388 ASP ASP A . n 
A 1 194 ILE 194 389 389 ILE ILE A . n 
A 1 195 PRO 195 390 390 PRO PRO A . n 
A 1 196 ASP 196 391 391 ASP ASP A . n 
A 1 197 GLY 197 392 392 GLY GLY A . n 
A 1 198 MET 198 393 393 MET MET A . n 
A 1 199 THR 199 394 394 THR THR A . n 
A 1 200 VAL 200 395 395 VAL VAL A . n 
A 1 201 ALA 201 396 396 ALA ALA A . n 
A 1 202 GLY 202 397 397 GLY GLY A . n 
A 1 203 ASN 203 398 398 ASN ASN A . n 
A 1 204 PRO 204 399 399 PRO PRO A . n 
A 1 205 ALA 205 400 400 ALA ALA A . n 
A 1 206 LYS 206 401 401 LYS LYS A . n 
A 1 207 PRO 207 402 402 PRO PRO A . n 
A 1 208 LEU 208 403 403 LEU LEU A . n 
# 
loop_
_pdbx_nonpoly_scheme.asym_id 
_pdbx_nonpoly_scheme.entity_id 
_pdbx_nonpoly_scheme.mon_id 
_pdbx_nonpoly_scheme.ndb_seq_num 
_pdbx_nonpoly_scheme.pdb_seq_num 
_pdbx_nonpoly_scheme.auth_seq_num 
_pdbx_nonpoly_scheme.pdb_mon_id 
_pdbx_nonpoly_scheme.auth_mon_id 
_pdbx_nonpoly_scheme.pdb_strand_id 
_pdbx_nonpoly_scheme.pdb_ins_code 
B 2 HOH 1   501 1   HOH HOH A . 
B 2 HOH 2   502 2   HOH HOH A . 
B 2 HOH 3   503 3   HOH HOH A . 
B 2 HOH 4   504 4   HOH HOH A . 
B 2 HOH 5   505 5   HOH HOH A . 
B 2 HOH 6   506 6   HOH HOH A . 
B 2 HOH 7   507 7   HOH HOH A . 
B 2 HOH 8   508 8   HOH HOH A . 
B 2 HOH 9   509 9   HOH HOH A . 
B 2 HOH 10  510 10  HOH HOH A . 
B 2 HOH 11  511 11  HOH HOH A . 
B 2 HOH 12  512 12  HOH HOH A . 
B 2 HOH 13  513 13  HOH HOH A . 
B 2 HOH 14  514 14  HOH HOH A . 
B 2 HOH 15  515 15  HOH HOH A . 
B 2 HOH 16  516 16  HOH HOH A . 
B 2 HOH 17  517 17  HOH HOH A . 
B 2 HOH 18  518 18  HOH HOH A . 
B 2 HOH 19  519 19  HOH HOH A . 
B 2 HOH 20  520 20  HOH HOH A . 
B 2 HOH 21  521 21  HOH HOH A . 
B 2 HOH 22  522 22  HOH HOH A . 
B 2 HOH 23  523 23  HOH HOH A . 
B 2 HOH 24  524 24  HOH HOH A . 
B 2 HOH 25  525 25  HOH HOH A . 
B 2 HOH 26  526 26  HOH HOH A . 
B 2 HOH 27  527 27  HOH HOH A . 
B 2 HOH 28  528 28  HOH HOH A . 
B 2 HOH 29  529 29  HOH HOH A . 
B 2 HOH 30  530 30  HOH HOH A . 
B 2 HOH 31  531 31  HOH HOH A . 
B 2 HOH 32  532 32  HOH HOH A . 
B 2 HOH 33  533 33  HOH HOH A . 
B 2 HOH 34  534 34  HOH HOH A . 
B 2 HOH 35  535 36  HOH HOH A . 
B 2 HOH 36  536 37  HOH HOH A . 
B 2 HOH 37  537 38  HOH HOH A . 
B 2 HOH 38  538 39  HOH HOH A . 
B 2 HOH 39  539 40  HOH HOH A . 
B 2 HOH 40  540 41  HOH HOH A . 
B 2 HOH 41  541 42  HOH HOH A . 
B 2 HOH 42  542 43  HOH HOH A . 
B 2 HOH 43  543 44  HOH HOH A . 
B 2 HOH 44  544 45  HOH HOH A . 
B 2 HOH 45  545 46  HOH HOH A . 
B 2 HOH 46  546 47  HOH HOH A . 
B 2 HOH 47  547 48  HOH HOH A . 
B 2 HOH 48  548 49  HOH HOH A . 
B 2 HOH 49  549 50  HOH HOH A . 
B 2 HOH 50  550 51  HOH HOH A . 
B 2 HOH 51  551 52  HOH HOH A . 
B 2 HOH 52  552 53  HOH HOH A . 
B 2 HOH 53  553 54  HOH HOH A . 
B 2 HOH 54  554 55  HOH HOH A . 
B 2 HOH 55  555 56  HOH HOH A . 
B 2 HOH 56  556 57  HOH HOH A . 
B 2 HOH 57  557 58  HOH HOH A . 
B 2 HOH 58  558 59  HOH HOH A . 
B 2 HOH 59  559 60  HOH HOH A . 
B 2 HOH 60  560 61  HOH HOH A . 
B 2 HOH 61  561 62  HOH HOH A . 
B 2 HOH 62  562 63  HOH HOH A . 
B 2 HOH 63  563 64  HOH HOH A . 
B 2 HOH 64  564 65  HOH HOH A . 
B 2 HOH 65  565 66  HOH HOH A . 
B 2 HOH 66  566 67  HOH HOH A . 
B 2 HOH 67  567 68  HOH HOH A . 
B 2 HOH 68  568 69  HOH HOH A . 
B 2 HOH 69  569 70  HOH HOH A . 
B 2 HOH 70  570 71  HOH HOH A . 
B 2 HOH 71  571 72  HOH HOH A . 
B 2 HOH 72  572 73  HOH HOH A . 
B 2 HOH 73  573 74  HOH HOH A . 
B 2 HOH 74  574 75  HOH HOH A . 
B 2 HOH 75  575 76  HOH HOH A . 
B 2 HOH 76  576 77  HOH HOH A . 
B 2 HOH 77  577 78  HOH HOH A . 
B 2 HOH 78  578 79  HOH HOH A . 
B 2 HOH 79  579 80  HOH HOH A . 
B 2 HOH 80  580 81  HOH HOH A . 
B 2 HOH 81  581 82  HOH HOH A . 
B 2 HOH 82  582 83  HOH HOH A . 
B 2 HOH 83  583 84  HOH HOH A . 
B 2 HOH 84  584 85  HOH HOH A . 
B 2 HOH 85  585 86  HOH HOH A . 
B 2 HOH 86  586 87  HOH HOH A . 
B 2 HOH 87  587 88  HOH HOH A . 
B 2 HOH 88  588 89  HOH HOH A . 
B 2 HOH 89  589 90  HOH HOH A . 
B 2 HOH 90  590 91  HOH HOH A . 
B 2 HOH 91  591 92  HOH HOH A . 
B 2 HOH 92  592 93  HOH HOH A . 
B 2 HOH 93  593 94  HOH HOH A . 
B 2 HOH 94  594 95  HOH HOH A . 
B 2 HOH 95  595 96  HOH HOH A . 
B 2 HOH 96  596 97  HOH HOH A . 
B 2 HOH 97  597 98  HOH HOH A . 
B 2 HOH 98  598 99  HOH HOH A . 
B 2 HOH 99  599 100 HOH HOH A . 
B 2 HOH 100 600 101 HOH HOH A . 
B 2 HOH 101 601 102 HOH HOH A . 
B 2 HOH 102 602 103 HOH HOH A . 
B 2 HOH 103 603 104 HOH HOH A . 
B 2 HOH 104 604 105 HOH HOH A . 
B 2 HOH 105 605 106 HOH HOH A . 
B 2 HOH 106 606 107 HOH HOH A . 
B 2 HOH 107 607 108 HOH HOH A . 
B 2 HOH 108 608 109 HOH HOH A . 
B 2 HOH 109 609 110 HOH HOH A . 
# 
_pdbx_struct_assembly.id                   1 
_pdbx_struct_assembly.details              author_and_software_defined_assembly 
_pdbx_struct_assembly.method_details       PISA 
_pdbx_struct_assembly.oligomeric_details   trimeric 
_pdbx_struct_assembly.oligomeric_count     3 
# 
_pdbx_struct_assembly_gen.assembly_id       1 
_pdbx_struct_assembly_gen.oper_expression   1,2,3 
_pdbx_struct_assembly_gen.asym_id_list      A,B 
# 
loop_
_pdbx_struct_assembly_prop.biol_id 
_pdbx_struct_assembly_prop.type 
_pdbx_struct_assembly_prop.value 
_pdbx_struct_assembly_prop.details 
1 'ABSA (A^2)' 4600  ? 
1 MORE         -22   ? 
1 'SSA (A^2)'  20940 ? 
# 
loop_
_pdbx_struct_oper_list.id 
_pdbx_struct_oper_list.type 
_pdbx_struct_oper_list.name 
_pdbx_struct_oper_list.symmetry_operation 
_pdbx_struct_oper_list.matrix[1][1] 
_pdbx_struct_oper_list.matrix[1][2] 
_pdbx_struct_oper_list.matrix[1][3] 
_pdbx_struct_oper_list.vector[1] 
_pdbx_struct_oper_list.matrix[2][1] 
_pdbx_struct_oper_list.matrix[2][2] 
_pdbx_struct_oper_list.matrix[2][3] 
_pdbx_struct_oper_list.vector[2] 
_pdbx_struct_oper_list.matrix[3][1] 
_pdbx_struct_oper_list.matrix[3][2] 
_pdbx_struct_oper_list.matrix[3][3] 
_pdbx_struct_oper_list.vector[3] 
1 'identity operation'         1_555 x,y,z 1.0000000000  0.0000000000  0.0000000000  0.0000000000   0.0000000000  1.0000000000 0.0000000000  0.0000000000   0.0000000000  0.0000000000  1.0000000000  0.0000000000   
2 'crystal symmetry operation' 5_555 z,x,y -0.4969980384 -0.5417850554 -0.6778361923 -29.0531894098 0.4309008663  0.5239390873 -0.7347191819 3.5506455481   0.7532047486  -0.6572341946 -0.0269410489 7.5382042600   
3 'crystal symmetry operation' 9_555 y,z,x -0.4969980384 0.4309008663  0.7532047486  -21.6471656322 -0.5417850554 0.5239390873 -0.6572341946 -12.6465402153 -0.6778361923 -0.7347191819 -0.0269410489 -16.8814887623 
# 
_pdbx_struct_special_symmetry.id              1 
_pdbx_struct_special_symmetry.PDB_model_num   1 
_pdbx_struct_special_symmetry.auth_asym_id    A 
_pdbx_struct_special_symmetry.auth_comp_id    HOH 
_pdbx_struct_special_symmetry.auth_seq_id     516 
_pdbx_struct_special_symmetry.PDB_ins_code    ? 
_pdbx_struct_special_symmetry.label_asym_id   B 
_pdbx_struct_special_symmetry.label_comp_id   HOH 
_pdbx_struct_special_symmetry.label_seq_id    . 
# 
loop_
_pdbx_audit_revision_history.ordinal 
_pdbx_audit_revision_history.data_content_type 
_pdbx_audit_revision_history.major_revision 
_pdbx_audit_revision_history.minor_revision 
_pdbx_audit_revision_history.revision_date 
1 'Structure model' 1 0 2013-10-02 
2 'Structure model' 1 1 2013-10-09 
3 'Structure model' 1 2 2014-02-19 
4 'Structure model' 1 3 2014-11-12 
5 'Structure model' 1 4 2017-11-15 
6 'Structure model' 1 5 2018-01-24 
7 'Structure model' 1 6 2023-09-20 
# 
_pdbx_audit_revision_details.ordinal             1 
_pdbx_audit_revision_details.revision_ordinal    1 
_pdbx_audit_revision_details.data_content_type   'Structure model' 
_pdbx_audit_revision_details.provider            repository 
_pdbx_audit_revision_details.type                'Initial release' 
_pdbx_audit_revision_details.description         ? 
_pdbx_audit_revision_details.details             ? 
# 
loop_
_pdbx_audit_revision_group.ordinal 
_pdbx_audit_revision_group.revision_ordinal 
_pdbx_audit_revision_group.data_content_type 
_pdbx_audit_revision_group.group 
1 2 'Structure model' 'Database references'      
2 3 'Structure model' 'Database references'      
3 4 'Structure model' 'Structure summary'        
4 5 'Structure model' 'Refinement description'   
5 6 'Structure model' 'Experimental preparation' 
6 7 'Structure model' 'Data collection'          
7 7 'Structure model' 'Database references'      
8 7 'Structure model' 'Refinement description'   
# 
loop_
_pdbx_audit_revision_category.ordinal 
_pdbx_audit_revision_category.revision_ordinal 
_pdbx_audit_revision_category.data_content_type 
_pdbx_audit_revision_category.category 
1 5 'Structure model' software                      
2 6 'Structure model' exptl_crystal_grow            
3 7 'Structure model' chem_comp_atom                
4 7 'Structure model' chem_comp_bond                
5 7 'Structure model' database_2                    
6 7 'Structure model' pdbx_initial_refinement_model 
7 7 'Structure model' struct_ref_seq_dif            
# 
loop_
_pdbx_audit_revision_item.ordinal 
_pdbx_audit_revision_item.revision_ordinal 
_pdbx_audit_revision_item.data_content_type 
_pdbx_audit_revision_item.item 
1 6 'Structure model' '_exptl_crystal_grow.pdbx_details'    
2 7 'Structure model' '_database_2.pdbx_DOI'                
3 7 'Structure model' '_database_2.pdbx_database_accession' 
4 7 'Structure model' '_struct_ref_seq_dif.details'         
# 
loop_
_symmetry_equiv.id 
_symmetry_equiv.pos_as_xyz 
1  'X,  Y,  Z'           
2  '-X+1/2,  -Y,  Z+1/2' 
3  'X+1/2,  -Y+1/2,  -Z' 
4  '-X,  Y+1/2,  -Z+1/2' 
5  'Z,  X,  Y'           
6  '-Z+1/2,  -X,  Y+1/2' 
7  'Z+1/2,  -X+1/2,  -Y' 
8  '-Z,  X+1/2,  -Y+1/2' 
9  'Y,  Z,  X'           
10 'Y+1/2,  -Z+1/2,  -X' 
11 '-Y,  Z+1/2,  -X+1/2' 
12 '-Y+1/2,  -Z,  X+1/2' 
# 
_diffrn_reflns.diffrn_id         1 
_diffrn_reflns.pdbx_d_res_high   1.669 
_diffrn_reflns.pdbx_d_res_low    38.558 
_diffrn_reflns.limit_h_max       29 
_diffrn_reflns.limit_h_min       0 
_diffrn_reflns.limit_k_max       51 
_diffrn_reflns.limit_k_min       1 
_diffrn_reflns.limit_l_max       51 
_diffrn_reflns.limit_l_min       0 
_diffrn_reflns.number            25105 
_diffrn_reflns.pdbx_number_obs   25096 
# 
_pdbx_phasing_MR.entry_id                     4M98 
_pdbx_phasing_MR.method_rotation              ? 
_pdbx_phasing_MR.method_translation           ? 
_pdbx_phasing_MR.model_details                'Phaser MODE: MR_AUTO' 
_pdbx_phasing_MR.R_factor                     ? 
_pdbx_phasing_MR.R_rigid_body                 ? 
_pdbx_phasing_MR.correlation_coeff_Fo_to_Fc   ? 
_pdbx_phasing_MR.correlation_coeff_Io_to_Ic   ? 
_pdbx_phasing_MR.d_res_high_rotation          5.550 
_pdbx_phasing_MR.d_res_low_rotation           38.560 
_pdbx_phasing_MR.d_res_high_translation       5.550 
_pdbx_phasing_MR.d_res_low_translation        38.560 
_pdbx_phasing_MR.packing                      ? 
_pdbx_phasing_MR.reflns_percent_rotation      ? 
_pdbx_phasing_MR.reflns_percent_translation   ? 
_pdbx_phasing_MR.sigma_F_rotation             ? 
_pdbx_phasing_MR.sigma_F_translation          ? 
_pdbx_phasing_MR.sigma_I_rotation             ? 
_pdbx_phasing_MR.sigma_I_translation          ? 
# 
_phasing.method   MR 
# 
loop_
_software.pdbx_ordinal 
_software.name 
_software.version 
_software.date 
_software.type 
_software.contact_author 
_software.contact_author_email 
_software.classification 
_software.location 
_software.language 
_software.citation_id 
1 DENZO       .     ?                                 package 'Zbyszek Otwinowski' hkl@hkl-xray.com            'data reduction'  
http://www.hkl-xray.com/                    ?   ? 
2 SCALEPACK   .     ?                                 package 'Zbyszek Otwinowski' hkl@hkl-xray.com            'data scaling'    
http://www.hkl-xray.com/                    ?   ? 
3 PHASER      2.5.2 'Mon Oct 15 17:54:16 2012 (svn )' program 'Randy J. Read'      cimr-phaser@lists.cam.ac.uk phasing           
http://www-structmed.cimr.cam.ac.uk/phaser/ ?   ? 
4 PHENIX      .     ?                                 package 'Paul D. Adams'      PDAdams@lbl.gov             refinement        
http://www.phenix-online.org/               C++ ? 
5 PDB_EXTRACT 3.11  'April 22, 2011'                  package PDB                  deposit@deposit.rcsb.org    'data extraction' 
http://sw-tools.pdb.org/apps/PDB_EXTRACT/   C++ ? 
6 HKL-2000    .     ?                                 ?       ?                    ?                           'data collection' ? 
?   ? 
7 HKL-2000    .     ?                                 ?       ?                    ?                           'data reduction'  ? 
?   ? 
8 HKL-2000    .     ?                                 ?       ?                    ?                           'data scaling'    ? 
?   ? 
# 
_pdbx_validate_close_contact.id               1 
_pdbx_validate_close_contact.PDB_model_num    1 
_pdbx_validate_close_contact.auth_atom_id_1   O 
_pdbx_validate_close_contact.auth_asym_id_1   A 
_pdbx_validate_close_contact.auth_comp_id_1   HOH 
_pdbx_validate_close_contact.auth_seq_id_1    597 
_pdbx_validate_close_contact.PDB_ins_code_1   ? 
_pdbx_validate_close_contact.label_alt_id_1   ? 
_pdbx_validate_close_contact.auth_atom_id_2   O 
_pdbx_validate_close_contact.auth_asym_id_2   A 
_pdbx_validate_close_contact.auth_comp_id_2   HOH 
_pdbx_validate_close_contact.auth_seq_id_2    598 
_pdbx_validate_close_contact.PDB_ins_code_2   ? 
_pdbx_validate_close_contact.label_alt_id_2   ? 
_pdbx_validate_close_contact.dist             2.16 
# 
loop_
_pdbx_validate_symm_contact.id 
_pdbx_validate_symm_contact.PDB_model_num 
_pdbx_validate_symm_contact.auth_atom_id_1 
_pdbx_validate_symm_contact.auth_asym_id_1 
_pdbx_validate_symm_contact.auth_comp_id_1 
_pdbx_validate_symm_contact.auth_seq_id_1 
_pdbx_validate_symm_contact.PDB_ins_code_1 
_pdbx_validate_symm_contact.label_alt_id_1 
_pdbx_validate_symm_contact.site_symmetry_1 
_pdbx_validate_symm_contact.auth_atom_id_2 
_pdbx_validate_symm_contact.auth_asym_id_2 
_pdbx_validate_symm_contact.auth_comp_id_2 
_pdbx_validate_symm_contact.auth_seq_id_2 
_pdbx_validate_symm_contact.PDB_ins_code_2 
_pdbx_validate_symm_contact.label_alt_id_2 
_pdbx_validate_symm_contact.site_symmetry_2 
_pdbx_validate_symm_contact.dist 
1 1 O A HOH 596 ? ? 1_555 O A HOH 596 ? ? 5_555 2.00 
2 1 O A HOH 598 ? ? 1_555 O A HOH 599 ? ? 5_555 2.05 
3 1 O A HOH 597 ? ? 1_555 O A HOH 600 ? ? 5_555 2.12 
4 1 O A HOH 597 ? ? 1_555 O A HOH 599 ? ? 5_555 2.19 
# 
loop_
_pdbx_validate_torsion.id 
_pdbx_validate_torsion.PDB_model_num 
_pdbx_validate_torsion.auth_comp_id 
_pdbx_validate_torsion.auth_asym_id 
_pdbx_validate_torsion.auth_seq_id 
_pdbx_validate_torsion.PDB_ins_code 
_pdbx_validate_torsion.label_alt_id 
_pdbx_validate_torsion.phi 
_pdbx_validate_torsion.psi 
1 1 SER A 253 ? ? -130.41 -52.31 
2 1 LYS A 310 ? ? 70.39   -3.17  
# 
loop_
_pdbx_unobs_or_zero_occ_atoms.id 
_pdbx_unobs_or_zero_occ_atoms.PDB_model_num 
_pdbx_unobs_or_zero_occ_atoms.polymer_flag 
_pdbx_unobs_or_zero_occ_atoms.occupancy_flag 
_pdbx_unobs_or_zero_occ_atoms.auth_asym_id 
_pdbx_unobs_or_zero_occ_atoms.auth_comp_id 
_pdbx_unobs_or_zero_occ_atoms.auth_seq_id 
_pdbx_unobs_or_zero_occ_atoms.PDB_ins_code 
_pdbx_unobs_or_zero_occ_atoms.auth_atom_id 
_pdbx_unobs_or_zero_occ_atoms.label_alt_id 
_pdbx_unobs_or_zero_occ_atoms.label_asym_id 
_pdbx_unobs_or_zero_occ_atoms.label_comp_id 
_pdbx_unobs_or_zero_occ_atoms.label_seq_id 
_pdbx_unobs_or_zero_occ_atoms.label_atom_id 
1  1 Y 1 A ARG 200 ? CG  ? A ARG 5   CG  
2  1 Y 1 A ARG 200 ? CD  ? A ARG 5   CD  
3  1 Y 1 A ARG 200 ? NE  ? A ARG 5   NE  
4  1 Y 1 A ARG 200 ? CZ  ? A ARG 5   CZ  
5  1 Y 1 A ARG 200 ? NH1 ? A ARG 5   NH1 
6  1 Y 1 A ARG 200 ? NH2 ? A ARG 5   NH2 
7  1 Y 1 A ARG 233 ? CG  ? A ARG 38  CG  
8  1 Y 1 A ARG 233 ? CD  ? A ARG 38  CD  
9  1 Y 1 A ARG 233 ? NE  ? A ARG 38  NE  
10 1 Y 1 A ARG 233 ? CZ  ? A ARG 38  CZ  
11 1 Y 1 A ARG 233 ? NH1 ? A ARG 38  NH1 
12 1 Y 1 A ARG 233 ? NH2 ? A ARG 38  NH2 
13 1 Y 1 A GLU 257 ? CD  ? A GLU 62  CD  
14 1 Y 1 A GLU 257 ? OE1 ? A GLU 62  OE1 
15 1 Y 1 A GLU 257 ? OE2 ? A GLU 62  OE2 
16 1 Y 1 A GLN 258 ? CG  ? A GLN 63  CG  
17 1 Y 1 A GLN 258 ? CD  ? A GLN 63  CD  
18 1 Y 1 A GLN 258 ? OE1 ? A GLN 63  OE1 
19 1 Y 1 A GLN 258 ? NE2 ? A GLN 63  NE2 
20 1 Y 1 A LYS 284 ? CG  ? A LYS 89  CG  
21 1 Y 1 A LYS 284 ? CD  ? A LYS 89  CD  
22 1 Y 1 A LYS 284 ? CE  ? A LYS 89  CE  
23 1 Y 1 A LYS 284 ? NZ  ? A LYS 89  NZ  
24 1 Y 1 A ARG 368 ? NE  ? A ARG 173 NE  
25 1 Y 1 A ARG 368 ? CZ  ? A ARG 173 CZ  
26 1 Y 1 A ARG 368 ? NH1 ? A ARG 173 NH1 
27 1 Y 1 A ARG 368 ? NH2 ? A ARG 173 NH2 
28 1 Y 1 A LYS 401 ? CE  ? A LYS 206 CE  
29 1 Y 1 A LYS 401 ? NZ  ? A LYS 206 NZ  
# 
loop_
_pdbx_unobs_or_zero_occ_residues.id 
_pdbx_unobs_or_zero_occ_residues.PDB_model_num 
_pdbx_unobs_or_zero_occ_residues.polymer_flag 
_pdbx_unobs_or_zero_occ_residues.occupancy_flag 
_pdbx_unobs_or_zero_occ_residues.auth_asym_id 
_pdbx_unobs_or_zero_occ_residues.auth_comp_id 
_pdbx_unobs_or_zero_occ_residues.auth_seq_id 
_pdbx_unobs_or_zero_occ_residues.PDB_ins_code 
_pdbx_unobs_or_zero_occ_residues.label_asym_id 
_pdbx_unobs_or_zero_occ_residues.label_comp_id 
_pdbx_unobs_or_zero_occ_residues.label_seq_id 
1 1 Y 1 A MET 196 ? A MET 1 
2 1 Y 1 A ALA 197 ? A ALA 2 
3 1 Y 1 A GLY 198 ? A GLY 3 
# 
loop_
_chem_comp_atom.comp_id 
_chem_comp_atom.atom_id 
_chem_comp_atom.type_symbol 
_chem_comp_atom.pdbx_aromatic_flag 
_chem_comp_atom.pdbx_stereo_config 
_chem_comp_atom.pdbx_ordinal 
ALA N    N N N 1   
ALA CA   C N S 2   
ALA C    C N N 3   
ALA O    O N N 4   
ALA CB   C N N 5   
ALA OXT  O N N 6   
ALA H    H N N 7   
ALA H2   H N N 8   
ALA HA   H N N 9   
ALA HB1  H N N 10  
ALA HB2  H N N 11  
ALA HB3  H N N 12  
ALA HXT  H N N 13  
ARG N    N N N 14  
ARG CA   C N S 15  
ARG C    C N N 16  
ARG O    O N N 17  
ARG CB   C N N 18  
ARG CG   C N N 19  
ARG CD   C N N 20  
ARG NE   N N N 21  
ARG CZ   C N N 22  
ARG NH1  N N N 23  
ARG NH2  N N N 24  
ARG OXT  O N N 25  
ARG H    H N N 26  
ARG H2   H N N 27  
ARG HA   H N N 28  
ARG HB2  H N N 29  
ARG HB3  H N N 30  
ARG HG2  H N N 31  
ARG HG3  H N N 32  
ARG HD2  H N N 33  
ARG HD3  H N N 34  
ARG HE   H N N 35  
ARG HH11 H N N 36  
ARG HH12 H N N 37  
ARG HH21 H N N 38  
ARG HH22 H N N 39  
ARG HXT  H N N 40  
ASN N    N N N 41  
ASN CA   C N S 42  
ASN C    C N N 43  
ASN O    O N N 44  
ASN CB   C N N 45  
ASN CG   C N N 46  
ASN OD1  O N N 47  
ASN ND2  N N N 48  
ASN OXT  O N N 49  
ASN H    H N N 50  
ASN H2   H N N 51  
ASN HA   H N N 52  
ASN HB2  H N N 53  
ASN HB3  H N N 54  
ASN HD21 H N N 55  
ASN HD22 H N N 56  
ASN HXT  H N N 57  
ASP N    N N N 58  
ASP CA   C N S 59  
ASP C    C N N 60  
ASP O    O N N 61  
ASP CB   C N N 62  
ASP CG   C N N 63  
ASP OD1  O N N 64  
ASP OD2  O N N 65  
ASP OXT  O N N 66  
ASP H    H N N 67  
ASP H2   H N N 68  
ASP HA   H N N 69  
ASP HB2  H N N 70  
ASP HB3  H N N 71  
ASP HD2  H N N 72  
ASP HXT  H N N 73  
CYS N    N N N 74  
CYS CA   C N R 75  
CYS C    C N N 76  
CYS O    O N N 77  
CYS CB   C N N 78  
CYS SG   S N N 79  
CYS OXT  O N N 80  
CYS H    H N N 81  
CYS H2   H N N 82  
CYS HA   H N N 83  
CYS HB2  H N N 84  
CYS HB3  H N N 85  
CYS HG   H N N 86  
CYS HXT  H N N 87  
GLN N    N N N 88  
GLN CA   C N S 89  
GLN C    C N N 90  
GLN O    O N N 91  
GLN CB   C N N 92  
GLN CG   C N N 93  
GLN CD   C N N 94  
GLN OE1  O N N 95  
GLN NE2  N N N 96  
GLN OXT  O N N 97  
GLN H    H N N 98  
GLN H2   H N N 99  
GLN HA   H N N 100 
GLN HB2  H N N 101 
GLN HB3  H N N 102 
GLN HG2  H N N 103 
GLN HG3  H N N 104 
GLN HE21 H N N 105 
GLN HE22 H N N 106 
GLN HXT  H N N 107 
GLU N    N N N 108 
GLU CA   C N S 109 
GLU C    C N N 110 
GLU O    O N N 111 
GLU CB   C N N 112 
GLU CG   C N N 113 
GLU CD   C N N 114 
GLU OE1  O N N 115 
GLU OE2  O N N 116 
GLU OXT  O N N 117 
GLU H    H N N 118 
GLU H2   H N N 119 
GLU HA   H N N 120 
GLU HB2  H N N 121 
GLU HB3  H N N 122 
GLU HG2  H N N 123 
GLU HG3  H N N 124 
GLU HE2  H N N 125 
GLU HXT  H N N 126 
GLY N    N N N 127 
GLY CA   C N N 128 
GLY C    C N N 129 
GLY O    O N N 130 
GLY OXT  O N N 131 
GLY H    H N N 132 
GLY H2   H N N 133 
GLY HA2  H N N 134 
GLY HA3  H N N 135 
GLY HXT  H N N 136 
HIS N    N N N 137 
HIS CA   C N S 138 
HIS C    C N N 139 
HIS O    O N N 140 
HIS CB   C N N 141 
HIS CG   C Y N 142 
HIS ND1  N Y N 143 
HIS CD2  C Y N 144 
HIS CE1  C Y N 145 
HIS NE2  N Y N 146 
HIS OXT  O N N 147 
HIS H    H N N 148 
HIS H2   H N N 149 
HIS HA   H N N 150 
HIS HB2  H N N 151 
HIS HB3  H N N 152 
HIS HD1  H N N 153 
HIS HD2  H N N 154 
HIS HE1  H N N 155 
HIS HE2  H N N 156 
HIS HXT  H N N 157 
HOH O    O N N 158 
HOH H1   H N N 159 
HOH H2   H N N 160 
ILE N    N N N 161 
ILE CA   C N S 162 
ILE C    C N N 163 
ILE O    O N N 164 
ILE CB   C N S 165 
ILE CG1  C N N 166 
ILE CG2  C N N 167 
ILE CD1  C N N 168 
ILE OXT  O N N 169 
ILE H    H N N 170 
ILE H2   H N N 171 
ILE HA   H N N 172 
ILE HB   H N N 173 
ILE HG12 H N N 174 
ILE HG13 H N N 175 
ILE HG21 H N N 176 
ILE HG22 H N N 177 
ILE HG23 H N N 178 
ILE HD11 H N N 179 
ILE HD12 H N N 180 
ILE HD13 H N N 181 
ILE HXT  H N N 182 
LEU N    N N N 183 
LEU CA   C N S 184 
LEU C    C N N 185 
LEU O    O N N 186 
LEU CB   C N N 187 
LEU CG   C N N 188 
LEU CD1  C N N 189 
LEU CD2  C N N 190 
LEU OXT  O N N 191 
LEU H    H N N 192 
LEU H2   H N N 193 
LEU HA   H N N 194 
LEU HB2  H N N 195 
LEU HB3  H N N 196 
LEU HG   H N N 197 
LEU HD11 H N N 198 
LEU HD12 H N N 199 
LEU HD13 H N N 200 
LEU HD21 H N N 201 
LEU HD22 H N N 202 
LEU HD23 H N N 203 
LEU HXT  H N N 204 
LYS N    N N N 205 
LYS CA   C N S 206 
LYS C    C N N 207 
LYS O    O N N 208 
LYS CB   C N N 209 
LYS CG   C N N 210 
LYS CD   C N N 211 
LYS CE   C N N 212 
LYS NZ   N N N 213 
LYS OXT  O N N 214 
LYS H    H N N 215 
LYS H2   H N N 216 
LYS HA   H N N 217 
LYS HB2  H N N 218 
LYS HB3  H N N 219 
LYS HG2  H N N 220 
LYS HG3  H N N 221 
LYS HD2  H N N 222 
LYS HD3  H N N 223 
LYS HE2  H N N 224 
LYS HE3  H N N 225 
LYS HZ1  H N N 226 
LYS HZ2  H N N 227 
LYS HZ3  H N N 228 
LYS HXT  H N N 229 
MET N    N N N 230 
MET CA   C N S 231 
MET C    C N N 232 
MET O    O N N 233 
MET CB   C N N 234 
MET CG   C N N 235 
MET SD   S N N 236 
MET CE   C N N 237 
MET OXT  O N N 238 
MET H    H N N 239 
MET H2   H N N 240 
MET HA   H N N 241 
MET HB2  H N N 242 
MET HB3  H N N 243 
MET HG2  H N N 244 
MET HG3  H N N 245 
MET HE1  H N N 246 
MET HE2  H N N 247 
MET HE3  H N N 248 
MET HXT  H N N 249 
PHE N    N N N 250 
PHE CA   C N S 251 
PHE C    C N N 252 
PHE O    O N N 253 
PHE CB   C N N 254 
PHE CG   C Y N 255 
PHE CD1  C Y N 256 
PHE CD2  C Y N 257 
PHE CE1  C Y N 258 
PHE CE2  C Y N 259 
PHE CZ   C Y N 260 
PHE OXT  O N N 261 
PHE H    H N N 262 
PHE H2   H N N 263 
PHE HA   H N N 264 
PHE HB2  H N N 265 
PHE HB3  H N N 266 
PHE HD1  H N N 267 
PHE HD2  H N N 268 
PHE HE1  H N N 269 
PHE HE2  H N N 270 
PHE HZ   H N N 271 
PHE HXT  H N N 272 
PRO N    N N N 273 
PRO CA   C N S 274 
PRO C    C N N 275 
PRO O    O N N 276 
PRO CB   C N N 277 
PRO CG   C N N 278 
PRO CD   C N N 279 
PRO OXT  O N N 280 
PRO H    H N N 281 
PRO HA   H N N 282 
PRO HB2  H N N 283 
PRO HB3  H N N 284 
PRO HG2  H N N 285 
PRO HG3  H N N 286 
PRO HD2  H N N 287 
PRO HD3  H N N 288 
PRO HXT  H N N 289 
SER N    N N N 290 
SER CA   C N S 291 
SER C    C N N 292 
SER O    O N N 293 
SER CB   C N N 294 
SER OG   O N N 295 
SER OXT  O N N 296 
SER H    H N N 297 
SER H2   H N N 298 
SER HA   H N N 299 
SER HB2  H N N 300 
SER HB3  H N N 301 
SER HG   H N N 302 
SER HXT  H N N 303 
THR N    N N N 304 
THR CA   C N S 305 
THR C    C N N 306 
THR O    O N N 307 
THR CB   C N R 308 
THR OG1  O N N 309 
THR CG2  C N N 310 
THR OXT  O N N 311 
THR H    H N N 312 
THR H2   H N N 313 
THR HA   H N N 314 
THR HB   H N N 315 
THR HG1  H N N 316 
THR HG21 H N N 317 
THR HG22 H N N 318 
THR HG23 H N N 319 
THR HXT  H N N 320 
TYR N    N N N 321 
TYR CA   C N S 322 
TYR C    C N N 323 
TYR O    O N N 324 
TYR CB   C N N 325 
TYR CG   C Y N 326 
TYR CD1  C Y N 327 
TYR CD2  C Y N 328 
TYR CE1  C Y N 329 
TYR CE2  C Y N 330 
TYR CZ   C Y N 331 
TYR OH   O N N 332 
TYR OXT  O N N 333 
TYR H    H N N 334 
TYR H2   H N N 335 
TYR HA   H N N 336 
TYR HB2  H N N 337 
TYR HB3  H N N 338 
TYR HD1  H N N 339 
TYR HD2  H N N 340 
TYR HE1  H N N 341 
TYR HE2  H N N 342 
TYR HH   H N N 343 
TYR HXT  H N N 344 
VAL N    N N N 345 
VAL CA   C N S 346 
VAL C    C N N 347 
VAL O    O N N 348 
VAL CB   C N N 349 
VAL CG1  C N N 350 
VAL CG2  C N N 351 
VAL OXT  O N N 352 
VAL H    H N N 353 
VAL H2   H N N 354 
VAL HA   H N N 355 
VAL HB   H N N 356 
VAL HG11 H N N 357 
VAL HG12 H N N 358 
VAL HG13 H N N 359 
VAL HG21 H N N 360 
VAL HG22 H N N 361 
VAL HG23 H N N 362 
VAL HXT  H N N 363 
# 
loop_
_chem_comp_bond.comp_id 
_chem_comp_bond.atom_id_1 
_chem_comp_bond.atom_id_2 
_chem_comp_bond.value_order 
_chem_comp_bond.pdbx_aromatic_flag 
_chem_comp_bond.pdbx_stereo_config 
_chem_comp_bond.pdbx_ordinal 
ALA N   CA   sing N N 1   
ALA N   H    sing N N 2   
ALA N   H2   sing N N 3   
ALA CA  C    sing N N 4   
ALA CA  CB   sing N N 5   
ALA CA  HA   sing N N 6   
ALA C   O    doub N N 7   
ALA C   OXT  sing N N 8   
ALA CB  HB1  sing N N 9   
ALA CB  HB2  sing N N 10  
ALA CB  HB3  sing N N 11  
ALA OXT HXT  sing N N 12  
ARG N   CA   sing N N 13  
ARG N   H    sing N N 14  
ARG N   H2   sing N N 15  
ARG CA  C    sing N N 16  
ARG CA  CB   sing N N 17  
ARG CA  HA   sing N N 18  
ARG C   O    doub N N 19  
ARG C   OXT  sing N N 20  
ARG CB  CG   sing N N 21  
ARG CB  HB2  sing N N 22  
ARG CB  HB3  sing N N 23  
ARG CG  CD   sing N N 24  
ARG CG  HG2  sing N N 25  
ARG CG  HG3  sing N N 26  
ARG CD  NE   sing N N 27  
ARG CD  HD2  sing N N 28  
ARG CD  HD3  sing N N 29  
ARG NE  CZ   sing N N 30  
ARG NE  HE   sing N N 31  
ARG CZ  NH1  sing N N 32  
ARG CZ  NH2  doub N N 33  
ARG NH1 HH11 sing N N 34  
ARG NH1 HH12 sing N N 35  
ARG NH2 HH21 sing N N 36  
ARG NH2 HH22 sing N N 37  
ARG OXT HXT  sing N N 38  
ASN N   CA   sing N N 39  
ASN N   H    sing N N 40  
ASN N   H2   sing N N 41  
ASN CA  C    sing N N 42  
ASN CA  CB   sing N N 43  
ASN CA  HA   sing N N 44  
ASN C   O    doub N N 45  
ASN C   OXT  sing N N 46  
ASN CB  CG   sing N N 47  
ASN CB  HB2  sing N N 48  
ASN CB  HB3  sing N N 49  
ASN CG  OD1  doub N N 50  
ASN CG  ND2  sing N N 51  
ASN ND2 HD21 sing N N 52  
ASN ND2 HD22 sing N N 53  
ASN OXT HXT  sing N N 54  
ASP N   CA   sing N N 55  
ASP N   H    sing N N 56  
ASP N   H2   sing N N 57  
ASP CA  C    sing N N 58  
ASP CA  CB   sing N N 59  
ASP CA  HA   sing N N 60  
ASP C   O    doub N N 61  
ASP C   OXT  sing N N 62  
ASP CB  CG   sing N N 63  
ASP CB  HB2  sing N N 64  
ASP CB  HB3  sing N N 65  
ASP CG  OD1  doub N N 66  
ASP CG  OD2  sing N N 67  
ASP OD2 HD2  sing N N 68  
ASP OXT HXT  sing N N 69  
CYS N   CA   sing N N 70  
CYS N   H    sing N N 71  
CYS N   H2   sing N N 72  
CYS CA  C    sing N N 73  
CYS CA  CB   sing N N 74  
CYS CA  HA   sing N N 75  
CYS C   O    doub N N 76  
CYS C   OXT  sing N N 77  
CYS CB  SG   sing N N 78  
CYS CB  HB2  sing N N 79  
CYS CB  HB3  sing N N 80  
CYS SG  HG   sing N N 81  
CYS OXT HXT  sing N N 82  
GLN N   CA   sing N N 83  
GLN N   H    sing N N 84  
GLN N   H2   sing N N 85  
GLN CA  C    sing N N 86  
GLN CA  CB   sing N N 87  
GLN CA  HA   sing N N 88  
GLN C   O    doub N N 89  
GLN C   OXT  sing N N 90  
GLN CB  CG   sing N N 91  
GLN CB  HB2  sing N N 92  
GLN CB  HB3  sing N N 93  
GLN CG  CD   sing N N 94  
GLN CG  HG2  sing N N 95  
GLN CG  HG3  sing N N 96  
GLN CD  OE1  doub N N 97  
GLN CD  NE2  sing N N 98  
GLN NE2 HE21 sing N N 99  
GLN NE2 HE22 sing N N 100 
GLN OXT HXT  sing N N 101 
GLU N   CA   sing N N 102 
GLU N   H    sing N N 103 
GLU N   H2   sing N N 104 
GLU CA  C    sing N N 105 
GLU CA  CB   sing N N 106 
GLU CA  HA   sing N N 107 
GLU C   O    doub N N 108 
GLU C   OXT  sing N N 109 
GLU CB  CG   sing N N 110 
GLU CB  HB2  sing N N 111 
GLU CB  HB3  sing N N 112 
GLU CG  CD   sing N N 113 
GLU CG  HG2  sing N N 114 
GLU CG  HG3  sing N N 115 
GLU CD  OE1  doub N N 116 
GLU CD  OE2  sing N N 117 
GLU OE2 HE2  sing N N 118 
GLU OXT HXT  sing N N 119 
GLY N   CA   sing N N 120 
GLY N   H    sing N N 121 
GLY N   H2   sing N N 122 
GLY CA  C    sing N N 123 
GLY CA  HA2  sing N N 124 
GLY CA  HA3  sing N N 125 
GLY C   O    doub N N 126 
GLY C   OXT  sing N N 127 
GLY OXT HXT  sing N N 128 
HIS N   CA   sing N N 129 
HIS N   H    sing N N 130 
HIS N   H2   sing N N 131 
HIS CA  C    sing N N 132 
HIS CA  CB   sing N N 133 
HIS CA  HA   sing N N 134 
HIS C   O    doub N N 135 
HIS C   OXT  sing N N 136 
HIS CB  CG   sing N N 137 
HIS CB  HB2  sing N N 138 
HIS CB  HB3  sing N N 139 
HIS CG  ND1  sing Y N 140 
HIS CG  CD2  doub Y N 141 
HIS ND1 CE1  doub Y N 142 
HIS ND1 HD1  sing N N 143 
HIS CD2 NE2  sing Y N 144 
HIS CD2 HD2  sing N N 145 
HIS CE1 NE2  sing Y N 146 
HIS CE1 HE1  sing N N 147 
HIS NE2 HE2  sing N N 148 
HIS OXT HXT  sing N N 149 
HOH O   H1   sing N N 150 
HOH O   H2   sing N N 151 
ILE N   CA   sing N N 152 
ILE N   H    sing N N 153 
ILE N   H2   sing N N 154 
ILE CA  C    sing N N 155 
ILE CA  CB   sing N N 156 
ILE CA  HA   sing N N 157 
ILE C   O    doub N N 158 
ILE C   OXT  sing N N 159 
ILE CB  CG1  sing N N 160 
ILE CB  CG2  sing N N 161 
ILE CB  HB   sing N N 162 
ILE CG1 CD1  sing N N 163 
ILE CG1 HG12 sing N N 164 
ILE CG1 HG13 sing N N 165 
ILE CG2 HG21 sing N N 166 
ILE CG2 HG22 sing N N 167 
ILE CG2 HG23 sing N N 168 
ILE CD1 HD11 sing N N 169 
ILE CD1 HD12 sing N N 170 
ILE CD1 HD13 sing N N 171 
ILE OXT HXT  sing N N 172 
LEU N   CA   sing N N 173 
LEU N   H    sing N N 174 
LEU N   H2   sing N N 175 
LEU CA  C    sing N N 176 
LEU CA  CB   sing N N 177 
LEU CA  HA   sing N N 178 
LEU C   O    doub N N 179 
LEU C   OXT  sing N N 180 
LEU CB  CG   sing N N 181 
LEU CB  HB2  sing N N 182 
LEU CB  HB3  sing N N 183 
LEU CG  CD1  sing N N 184 
LEU CG  CD2  sing N N 185 
LEU CG  HG   sing N N 186 
LEU CD1 HD11 sing N N 187 
LEU CD1 HD12 sing N N 188 
LEU CD1 HD13 sing N N 189 
LEU CD2 HD21 sing N N 190 
LEU CD2 HD22 sing N N 191 
LEU CD2 HD23 sing N N 192 
LEU OXT HXT  sing N N 193 
LYS N   CA   sing N N 194 
LYS N   H    sing N N 195 
LYS N   H2   sing N N 196 
LYS CA  C    sing N N 197 
LYS CA  CB   sing N N 198 
LYS CA  HA   sing N N 199 
LYS C   O    doub N N 200 
LYS C   OXT  sing N N 201 
LYS CB  CG   sing N N 202 
LYS CB  HB2  sing N N 203 
LYS CB  HB3  sing N N 204 
LYS CG  CD   sing N N 205 
LYS CG  HG2  sing N N 206 
LYS CG  HG3  sing N N 207 
LYS CD  CE   sing N N 208 
LYS CD  HD2  sing N N 209 
LYS CD  HD3  sing N N 210 
LYS CE  NZ   sing N N 211 
LYS CE  HE2  sing N N 212 
LYS CE  HE3  sing N N 213 
LYS NZ  HZ1  sing N N 214 
LYS NZ  HZ2  sing N N 215 
LYS NZ  HZ3  sing N N 216 
LYS OXT HXT  sing N N 217 
MET N   CA   sing N N 218 
MET N   H    sing N N 219 
MET N   H2   sing N N 220 
MET CA  C    sing N N 221 
MET CA  CB   sing N N 222 
MET CA  HA   sing N N 223 
MET C   O    doub N N 224 
MET C   OXT  sing N N 225 
MET CB  CG   sing N N 226 
MET CB  HB2  sing N N 227 
MET CB  HB3  sing N N 228 
MET CG  SD   sing N N 229 
MET CG  HG2  sing N N 230 
MET CG  HG3  sing N N 231 
MET SD  CE   sing N N 232 
MET CE  HE1  sing N N 233 
MET CE  HE2  sing N N 234 
MET CE  HE3  sing N N 235 
MET OXT HXT  sing N N 236 
PHE N   CA   sing N N 237 
PHE N   H    sing N N 238 
PHE N   H2   sing N N 239 
PHE CA  C    sing N N 240 
PHE CA  CB   sing N N 241 
PHE CA  HA   sing N N 242 
PHE C   O    doub N N 243 
PHE C   OXT  sing N N 244 
PHE CB  CG   sing N N 245 
PHE CB  HB2  sing N N 246 
PHE CB  HB3  sing N N 247 
PHE CG  CD1  doub Y N 248 
PHE CG  CD2  sing Y N 249 
PHE CD1 CE1  sing Y N 250 
PHE CD1 HD1  sing N N 251 
PHE CD2 CE2  doub Y N 252 
PHE CD2 HD2  sing N N 253 
PHE CE1 CZ   doub Y N 254 
PHE CE1 HE1  sing N N 255 
PHE CE2 CZ   sing Y N 256 
PHE CE2 HE2  sing N N 257 
PHE CZ  HZ   sing N N 258 
PHE OXT HXT  sing N N 259 
PRO N   CA   sing N N 260 
PRO N   CD   sing N N 261 
PRO N   H    sing N N 262 
PRO CA  C    sing N N 263 
PRO CA  CB   sing N N 264 
PRO CA  HA   sing N N 265 
PRO C   O    doub N N 266 
PRO C   OXT  sing N N 267 
PRO CB  CG   sing N N 268 
PRO CB  HB2  sing N N 269 
PRO CB  HB3  sing N N 270 
PRO CG  CD   sing N N 271 
PRO CG  HG2  sing N N 272 
PRO CG  HG3  sing N N 273 
PRO CD  HD2  sing N N 274 
PRO CD  HD3  sing N N 275 
PRO OXT HXT  sing N N 276 
SER N   CA   sing N N 277 
SER N   H    sing N N 278 
SER N   H2   sing N N 279 
SER CA  C    sing N N 280 
SER CA  CB   sing N N 281 
SER CA  HA   sing N N 282 
SER C   O    doub N N 283 
SER C   OXT  sing N N 284 
SER CB  OG   sing N N 285 
SER CB  HB2  sing N N 286 
SER CB  HB3  sing N N 287 
SER OG  HG   sing N N 288 
SER OXT HXT  sing N N 289 
THR N   CA   sing N N 290 
THR N   H    sing N N 291 
THR N   H2   sing N N 292 
THR CA  C    sing N N 293 
THR CA  CB   sing N N 294 
THR CA  HA   sing N N 295 
THR C   O    doub N N 296 
THR C   OXT  sing N N 297 
THR CB  OG1  sing N N 298 
THR CB  CG2  sing N N 299 
THR CB  HB   sing N N 300 
THR OG1 HG1  sing N N 301 
THR CG2 HG21 sing N N 302 
THR CG2 HG22 sing N N 303 
THR CG2 HG23 sing N N 304 
THR OXT HXT  sing N N 305 
TYR N   CA   sing N N 306 
TYR N   H    sing N N 307 
TYR N   H2   sing N N 308 
TYR CA  C    sing N N 309 
TYR CA  CB   sing N N 310 
TYR CA  HA   sing N N 311 
TYR C   O    doub N N 312 
TYR C   OXT  sing N N 313 
TYR CB  CG   sing N N 314 
TYR CB  HB2  sing N N 315 
TYR CB  HB3  sing N N 316 
TYR CG  CD1  doub Y N 317 
TYR CG  CD2  sing Y N 318 
TYR CD1 CE1  sing Y N 319 
TYR CD1 HD1  sing N N 320 
TYR CD2 CE2  doub Y N 321 
TYR CD2 HD2  sing N N 322 
TYR CE1 CZ   doub Y N 323 
TYR CE1 HE1  sing N N 324 
TYR CE2 CZ   sing Y N 325 
TYR CE2 HE2  sing N N 326 
TYR CZ  OH   sing N N 327 
TYR OH  HH   sing N N 328 
TYR OXT HXT  sing N N 329 
VAL N   CA   sing N N 330 
VAL N   H    sing N N 331 
VAL N   H2   sing N N 332 
VAL CA  C    sing N N 333 
VAL CA  CB   sing N N 334 
VAL CA  HA   sing N N 335 
VAL C   O    doub N N 336 
VAL C   OXT  sing N N 337 
VAL CB  CG1  sing N N 338 
VAL CB  CG2  sing N N 339 
VAL CB  HB   sing N N 340 
VAL CG1 HG11 sing N N 341 
VAL CG1 HG12 sing N N 342 
VAL CG1 HG13 sing N N 343 
VAL CG2 HG21 sing N N 344 
VAL CG2 HG22 sing N N 345 
VAL CG2 HG23 sing N N 346 
VAL OXT HXT  sing N N 347 
# 
_pdbx_entity_nonpoly.entity_id   2 
_pdbx_entity_nonpoly.name        water 
_pdbx_entity_nonpoly.comp_id     HOH 
# 
_pdbx_initial_refinement_model.id               1 
_pdbx_initial_refinement_model.entity_id_list   ? 
_pdbx_initial_refinement_model.type             'experimental model' 
_pdbx_initial_refinement_model.source_name      PDB 
_pdbx_initial_refinement_model.accession_code   3BSW 
_pdbx_initial_refinement_model.details          'PDB ENTRY 3BSW' 
# 
_reflns_scale.group_code   1 
# 
